data_7V1Z
#
_entry.id   7V1Z
#
_cell.length_a   1.00
_cell.length_b   1.00
_cell.length_c   1.00
_cell.angle_alpha   90.00
_cell.angle_beta   90.00
_cell.angle_gamma   90.00
#
_symmetry.space_group_name_H-M   'P 1'
#
_entity_poly.entity_id   1
_entity_poly.type   'polypeptide(L)'
_entity_poly.pdbx_seq_one_letter_code
;GPAAPAQSPAAPDPEASPLAEPPQEQSLAPWSPQTPAPPCSRCFARAIESSRDLLHRIKDEVGAPGIVVGVSVDGKEVWS
EGLGYADVENRVPCKPETVMRIASISKSLTMVALAKLWEAGKLDLDIPVQHYVPEFPEKEYEGEKVSVTTRLLISHLSGI
RHYEKDIKKVKEEKAYKALKMMKENVAFEQEKEGKSNEKNDFTKFKTEQENEAKCRNSKPGKKKNDFEQGELYLREKFEN
SIESLRLFKNDPLFFKPGSQFLYSTFGYTLLAAIVERASGCKYLDYMQKIFHDLDMLTTVQEENEPVIYNRARFYVYNKK
KRLVNTPYVDNSYKWAGGGFLSTVGDLLKFGNAMLYGYQVGLFKNSNENLLPGYLKPETMVMMWTPVPNTEMSWDKEGKY
AMAWGVVERKQTYGSCRKQRHYASHTGGAVGASSVLLVLPEELDTETINNKVPPRGIIVSIICNMQSVGLNSTALKIALE
FDKDRSD
;
_entity_poly.pdbx_strand_id   A,B,C,D
#
# COMPACT_ATOMS: atom_id res chain seq x y z
N CYS A 43 22.36 3.75 26.05
CA CYS A 43 23.49 3.02 25.50
C CYS A 43 23.46 3.02 23.98
N PHE A 44 22.35 2.56 23.41
CA PHE A 44 22.14 2.49 21.97
C PHE A 44 20.93 3.31 21.56
N ALA A 45 20.74 4.47 22.17
CA ALA A 45 19.55 5.28 21.89
C ALA A 45 19.51 5.79 20.46
N ARG A 46 20.55 6.52 20.07
CA ARG A 46 20.55 7.12 18.74
C ARG A 46 20.48 6.07 17.65
N ALA A 47 21.24 4.98 17.81
CA ALA A 47 21.25 3.94 16.80
C ALA A 47 19.87 3.34 16.69
N ILE A 48 19.23 3.07 17.82
CA ILE A 48 17.90 2.48 17.80
C ILE A 48 16.92 3.42 17.10
N GLU A 49 17.00 4.71 17.39
CA GLU A 49 16.08 5.66 16.77
C GLU A 49 16.27 5.68 15.25
N SER A 50 17.52 5.68 14.82
CA SER A 50 17.79 5.70 13.39
C SER A 50 17.24 4.46 12.72
N SER A 51 17.44 3.32 13.38
CA SER A 51 16.96 2.06 12.82
C SER A 51 15.45 2.07 12.72
N ARG A 52 14.78 2.63 13.72
CA ARG A 52 13.32 2.68 13.71
C ARG A 52 12.82 3.49 12.53
N ASP A 53 13.48 4.60 12.24
CA ASP A 53 13.10 5.42 11.09
C ASP A 53 13.26 4.65 9.80
N LEU A 54 14.34 3.89 9.67
CA LEU A 54 14.57 3.10 8.47
C LEU A 54 13.48 2.06 8.29
N LEU A 55 13.06 1.44 9.39
CA LEU A 55 11.98 0.47 9.33
C LEU A 55 10.70 1.15 8.86
N HIS A 56 10.43 2.34 9.37
CA HIS A 56 9.25 3.07 8.94
C HIS A 56 9.30 3.37 7.46
N ARG A 57 10.47 3.77 6.97
CA ARG A 57 10.57 4.16 5.56
C ARG A 57 10.26 3.00 4.61
N ILE A 58 10.83 1.83 4.90
CA ILE A 58 10.55 0.68 4.05
C ILE A 58 9.08 0.29 4.15
N LYS A 59 8.53 0.32 5.36
CA LYS A 59 7.15 -0.08 5.55
C LYS A 59 6.22 0.85 4.81
N ASP A 60 6.46 2.16 4.90
CA ASP A 60 5.61 3.14 4.23
C ASP A 60 5.62 2.98 2.72
N GLU A 61 6.79 2.84 2.13
CA GLU A 61 6.89 2.73 0.69
C GLU A 61 6.24 1.46 0.17
N VAL A 62 6.51 0.34 0.81
CA VAL A 62 5.90 -0.92 0.42
C VAL A 62 4.40 -1.02 0.71
N GLY A 63 3.96 -0.47 1.83
CA GLY A 63 2.57 -0.62 2.22
C GLY A 63 2.35 -1.79 3.16
N ALA A 64 3.44 -2.39 3.64
CA ALA A 64 3.35 -3.52 4.57
C ALA A 64 2.45 -3.30 5.82
N PRO A 65 1.51 -4.23 6.14
CA PRO A 65 0.75 -4.01 7.37
C PRO A 65 1.56 -4.16 8.64
N GLY A 66 2.57 -5.03 8.67
CA GLY A 66 3.35 -5.23 9.88
C GLY A 66 4.77 -5.66 9.57
N ILE A 67 5.67 -5.37 10.52
CA ILE A 67 7.08 -5.69 10.37
C ILE A 67 7.68 -5.90 11.75
N VAL A 68 8.64 -6.82 11.84
CA VAL A 68 9.32 -7.16 13.09
C VAL A 68 10.82 -7.18 12.85
N VAL A 69 11.58 -6.64 13.81
CA VAL A 69 13.02 -6.52 13.72
C VAL A 69 13.66 -7.02 15.00
N GLY A 70 14.84 -7.64 14.85
CA GLY A 70 15.66 -8.05 15.97
C GLY A 70 17.14 -7.83 15.72
N VAL A 71 17.84 -7.26 16.70
CA VAL A 71 19.26 -6.92 16.57
C VAL A 71 20.01 -7.55 17.74
N SER A 72 21.13 -8.20 17.44
CA SER A 72 22.00 -8.79 18.44
C SER A 72 23.41 -8.27 18.26
N VAL A 73 24.02 -7.81 19.35
CA VAL A 73 25.35 -7.21 19.34
C VAL A 73 26.23 -7.98 20.32
N ASP A 74 27.29 -8.61 19.79
CA ASP A 74 28.27 -9.33 20.60
C ASP A 74 27.63 -10.45 21.41
N GLY A 75 26.65 -11.12 20.82
CA GLY A 75 26.03 -12.28 21.43
C GLY A 75 24.85 -12.00 22.33
N LYS A 76 24.56 -10.73 22.61
CA LYS A 76 23.40 -10.38 23.43
C LYS A 76 22.40 -9.58 22.61
N GLU A 77 21.13 -9.69 22.99
CA GLU A 77 20.05 -9.01 22.29
C GLU A 77 19.87 -7.62 22.86
N VAL A 78 19.98 -6.60 22.01
CA VAL A 78 19.91 -5.21 22.44
C VAL A 78 18.66 -4.49 21.96
N TRP A 79 17.92 -5.05 21.02
CA TRP A 79 16.72 -4.39 20.52
C TRP A 79 15.85 -5.39 19.78
N SER A 80 14.57 -5.41 20.12
CA SER A 80 13.55 -6.14 19.37
C SER A 80 12.33 -5.25 19.27
N GLU A 81 11.69 -5.25 18.10
CA GLU A 81 10.60 -4.31 17.89
C GLU A 81 9.62 -4.87 16.88
N GLY A 82 8.37 -4.41 16.98
CA GLY A 82 7.34 -4.72 16.03
C GLY A 82 6.47 -3.51 15.76
N LEU A 83 6.15 -3.27 14.49
CA LEU A 83 5.32 -2.13 14.09
C LEU A 83 4.21 -2.61 13.19
N GLY A 84 2.98 -2.21 13.49
CA GLY A 84 1.85 -2.56 12.66
C GLY A 84 0.96 -3.64 13.25
N TYR A 85 0.36 -4.46 12.40
CA TYR A 85 -0.57 -5.50 12.82
C TYR A 85 -0.19 -6.83 12.18
N ALA A 86 -0.08 -7.86 13.01
CA ALA A 86 0.15 -9.20 12.50
C ALA A 86 -1.11 -9.79 11.87
N ASP A 87 -2.27 -9.52 12.48
CA ASP A 87 -3.56 -9.94 11.95
C ASP A 87 -4.41 -8.70 11.76
N VAL A 88 -4.64 -8.29 10.52
CA VAL A 88 -5.41 -7.07 10.26
C VAL A 88 -6.88 -7.20 10.64
N GLU A 89 -7.49 -8.35 10.32
CA GLU A 89 -8.90 -8.53 10.59
C GLU A 89 -9.28 -8.47 12.06
N ASN A 90 -8.47 -9.09 12.93
CA ASN A 90 -8.78 -9.12 14.35
C ASN A 90 -8.02 -8.08 15.16
N ARG A 91 -7.34 -7.15 14.47
CA ARG A 91 -6.58 -6.08 15.13
C ARG A 91 -5.54 -6.61 16.12
N VAL A 92 -4.70 -7.54 15.67
CA VAL A 92 -3.65 -8.11 16.51
C VAL A 92 -2.35 -7.39 16.19
N PRO A 93 -1.75 -6.66 17.14
CA PRO A 93 -0.51 -5.95 16.85
C PRO A 93 0.67 -6.90 16.73
N CYS A 94 1.73 -6.39 16.10
CA CYS A 94 2.97 -7.15 15.98
C CYS A 94 3.80 -7.01 17.26
N LYS A 95 4.40 -8.12 17.66
CA LYS A 95 5.21 -8.20 18.87
C LYS A 95 6.49 -8.95 18.55
N PRO A 96 7.53 -8.79 19.36
CA PRO A 96 8.79 -9.52 19.10
C PRO A 96 8.64 -11.03 19.13
N GLU A 97 7.53 -11.56 19.66
CA GLU A 97 7.28 -12.99 19.68
C GLU A 97 6.27 -13.43 18.63
N THR A 98 6.20 -12.70 17.51
CA THR A 98 5.31 -13.08 16.43
C THR A 98 5.96 -14.13 15.55
N VAL A 99 5.18 -15.14 15.16
CA VAL A 99 5.68 -16.26 14.38
C VAL A 99 5.33 -16.03 12.91
N MET A 100 6.34 -15.93 12.06
CA MET A 100 6.10 -15.74 10.63
C MET A 100 6.86 -16.75 9.78
N ARG A 101 6.62 -16.70 8.47
CA ARG A 101 7.23 -17.61 7.51
C ARG A 101 8.65 -17.18 7.17
N ILE A 102 9.54 -18.15 7.04
CA ILE A 102 10.87 -17.96 6.48
C ILE A 102 10.95 -18.79 5.20
N ALA A 103 11.38 -18.17 4.10
CA ALA A 103 11.25 -18.80 2.80
C ALA A 103 12.51 -19.57 2.40
N SER A 104 13.63 -18.87 2.28
CA SER A 104 14.88 -19.50 1.85
C SER A 104 15.90 -19.63 2.96
N ILE A 105 15.62 -19.12 4.15
CA ILE A 105 16.53 -19.29 5.28
C ILE A 105 16.53 -20.74 5.78
N SER A 106 15.52 -21.52 5.40
CA SER A 106 15.51 -22.95 5.74
C SER A 106 16.67 -23.68 5.09
N LYS A 107 17.16 -23.17 3.95
CA LYS A 107 18.31 -23.79 3.30
C LYS A 107 19.56 -23.68 4.18
N SER A 108 19.68 -22.63 4.98
CA SER A 108 20.78 -22.55 5.92
C SER A 108 20.73 -23.66 6.96
N LEU A 109 19.52 -23.97 7.46
CA LEU A 109 19.39 -25.03 8.44
C LEU A 109 19.64 -26.40 7.82
N THR A 110 19.15 -26.62 6.60
CA THR A 110 19.47 -27.87 5.90
C THR A 110 20.96 -28.00 5.67
N MET A 111 21.64 -26.88 5.36
CA MET A 111 23.09 -26.90 5.19
C MET A 111 23.80 -27.22 6.50
N VAL A 112 23.28 -26.70 7.62
CA VAL A 112 23.87 -27.04 8.92
C VAL A 112 23.73 -28.53 9.19
N ALA A 113 22.57 -29.10 8.87
CA ALA A 113 22.39 -30.54 9.02
C ALA A 113 23.38 -31.32 8.15
N LEU A 114 23.56 -30.89 6.90
CA LEU A 114 24.49 -31.57 6.01
C LEU A 114 25.92 -31.45 6.51
N ALA A 115 26.29 -30.28 7.05
CA ALA A 115 27.63 -30.08 7.59
C ALA A 115 27.87 -30.98 8.79
N LYS A 116 26.88 -31.11 9.67
CA LYS A 116 27.01 -32.02 10.80
C LYS A 116 27.18 -33.46 10.35
N LEU A 117 26.39 -33.88 9.35
CA LEU A 117 26.53 -35.24 8.83
C LEU A 117 27.91 -35.45 8.21
N TRP A 118 28.41 -34.45 7.48
CA TRP A 118 29.74 -34.56 6.87
C TRP A 118 30.83 -34.64 7.93
N GLU A 119 30.71 -33.85 9.00
CA GLU A 119 31.66 -33.93 10.09
C GLU A 119 31.63 -35.31 10.74
N ALA A 120 30.43 -35.87 10.91
CA ALA A 120 30.31 -37.21 11.46
C ALA A 120 30.87 -38.28 10.53
N GLY A 121 31.16 -37.95 9.28
CA GLY A 121 31.75 -38.89 8.34
C GLY A 121 30.79 -39.81 7.65
N LYS A 122 29.48 -39.61 7.84
CA LYS A 122 28.48 -40.49 7.23
C LYS A 122 28.07 -40.06 5.83
N LEU A 123 28.54 -38.91 5.36
CA LEU A 123 28.14 -38.38 4.06
C LEU A 123 29.37 -37.94 3.29
N ASP A 124 29.37 -38.22 1.98
CA ASP A 124 30.45 -37.84 1.09
C ASP A 124 29.92 -36.93 -0.01
N LEU A 125 30.55 -35.77 -0.17
CA LEU A 125 30.06 -34.78 -1.13
C LEU A 125 30.36 -35.16 -2.57
N ASP A 126 31.48 -35.87 -2.81
CA ASP A 126 31.93 -36.09 -4.17
C ASP A 126 31.08 -37.13 -4.88
N ILE A 127 30.69 -38.19 -4.19
CA ILE A 127 30.04 -39.36 -4.80
C ILE A 127 28.69 -38.96 -5.40
N PRO A 128 28.25 -39.61 -6.47
CA PRO A 128 26.96 -39.26 -7.07
C PRO A 128 25.80 -39.56 -6.13
N VAL A 129 24.72 -38.80 -6.29
CA VAL A 129 23.56 -38.92 -5.41
C VAL A 129 22.83 -40.24 -5.54
N GLN A 130 23.09 -41.02 -6.60
CA GLN A 130 22.50 -42.35 -6.71
C GLN A 130 22.99 -43.30 -5.63
N HIS A 131 24.08 -42.97 -4.94
CA HIS A 131 24.55 -43.78 -3.82
C HIS A 131 23.49 -43.82 -2.71
N TYR A 132 22.88 -42.68 -2.41
CA TYR A 132 21.94 -42.58 -1.31
C TYR A 132 20.50 -42.81 -1.77
N VAL A 133 20.08 -42.15 -2.85
CA VAL A 133 18.73 -42.35 -3.37
C VAL A 133 18.80 -42.97 -4.77
N PRO A 134 18.67 -44.29 -4.88
CA PRO A 134 18.60 -44.91 -6.21
C PRO A 134 17.35 -44.53 -6.99
N GLU A 135 16.31 -44.03 -6.32
CA GLU A 135 15.06 -43.70 -6.99
C GLU A 135 15.22 -42.57 -8.00
N PHE A 136 16.23 -41.72 -7.83
CA PHE A 136 16.48 -40.67 -8.81
C PHE A 136 17.03 -41.28 -10.08
N PRO A 137 16.36 -41.13 -11.22
CA PRO A 137 16.83 -41.79 -12.45
C PRO A 137 18.16 -41.23 -12.92
N GLU A 138 18.93 -42.09 -13.58
CA GLU A 138 20.19 -41.67 -14.17
C GLU A 138 19.93 -40.67 -15.29
N LYS A 139 20.68 -39.57 -15.28
CA LYS A 139 20.49 -38.48 -16.22
C LYS A 139 21.54 -38.53 -17.32
N GLU A 140 21.16 -38.01 -18.49
CA GLU A 140 22.02 -38.07 -19.67
C GLU A 140 21.80 -36.79 -20.47
N TYR A 141 22.75 -35.86 -20.37
CA TYR A 141 22.66 -34.57 -21.04
C TYR A 141 23.34 -34.66 -22.40
N GLU A 142 22.58 -34.39 -23.46
CA GLU A 142 23.09 -34.44 -24.84
C GLU A 142 23.64 -35.83 -25.18
N GLY A 143 23.03 -36.86 -24.60
CA GLY A 143 23.43 -38.23 -24.91
C GLY A 143 24.74 -38.67 -24.30
N GLU A 144 25.31 -37.89 -23.40
CA GLU A 144 26.54 -38.25 -22.73
C GLU A 144 26.30 -38.40 -21.23
N LYS A 145 27.08 -39.26 -20.60
CA LYS A 145 26.89 -39.56 -19.19
C LYS A 145 27.36 -38.39 -18.33
N VAL A 146 26.54 -37.99 -17.37
CA VAL A 146 26.86 -36.92 -16.44
C VAL A 146 26.59 -37.41 -15.03
N SER A 147 27.27 -36.79 -14.06
CA SER A 147 27.16 -37.16 -12.66
C SER A 147 26.58 -36.01 -11.85
N VAL A 148 25.66 -36.34 -10.96
CA VAL A 148 24.99 -35.37 -10.10
C VAL A 148 25.46 -35.60 -8.67
N THR A 149 26.09 -34.59 -8.07
CA THR A 149 26.73 -34.73 -6.77
C THR A 149 26.14 -33.73 -5.79
N THR A 150 26.33 -34.04 -4.50
CA THR A 150 25.79 -33.19 -3.43
C THR A 150 26.40 -31.80 -3.47
N ARG A 151 27.70 -31.71 -3.75
CA ARG A 151 28.37 -30.40 -3.80
C ARG A 151 27.74 -29.52 -4.87
N LEU A 152 27.28 -30.12 -5.97
CA LEU A 152 26.61 -29.34 -7.02
C LEU A 152 25.24 -28.87 -6.58
N LEU A 153 24.46 -29.74 -5.94
CA LEU A 153 23.16 -29.34 -5.42
C LEU A 153 23.27 -28.24 -4.38
N ILE A 154 24.36 -28.23 -3.60
CA ILE A 154 24.50 -27.26 -2.53
C ILE A 154 24.53 -25.84 -3.09
N SER A 155 25.28 -25.62 -4.17
CA SER A 155 25.46 -24.29 -4.73
C SER A 155 24.64 -24.05 -5.98
N HIS A 156 23.58 -24.84 -6.19
CA HIS A 156 22.65 -24.66 -7.31
C HIS A 156 23.36 -24.78 -8.66
N LEU A 157 24.44 -25.55 -8.73
CA LEU A 157 25.20 -25.71 -9.95
C LEU A 157 24.81 -26.95 -10.75
N SER A 158 23.80 -27.69 -10.31
CA SER A 158 23.31 -28.84 -11.06
C SER A 158 22.39 -28.36 -12.19
N GLY A 159 21.68 -29.30 -12.82
CA GLY A 159 20.82 -28.96 -13.92
C GLY A 159 19.34 -29.02 -13.62
N ILE A 160 18.98 -28.86 -12.35
CA ILE A 160 17.58 -28.97 -11.93
C ILE A 160 16.85 -27.67 -12.22
N ARG A 161 15.58 -27.77 -12.56
CA ARG A 161 14.77 -26.62 -12.92
C ARG A 161 14.25 -25.91 -11.67
N HIS A 162 13.49 -24.84 -11.88
CA HIS A 162 12.93 -24.06 -10.77
C HIS A 162 11.60 -23.46 -11.23
N TYR A 163 10.51 -24.17 -10.94
CA TYR A 163 9.15 -23.67 -11.14
C TYR A 163 8.81 -23.42 -12.61
N GLU A 164 9.74 -23.67 -13.52
CA GLU A 164 9.54 -23.37 -14.93
C GLU A 164 9.73 -24.66 -15.74
N LYS A 165 8.77 -24.95 -16.61
CA LYS A 165 8.79 -26.18 -17.38
C LYS A 165 9.10 -25.98 -18.86
N ASP A 166 9.19 -24.73 -19.33
CA ASP A 166 9.58 -24.45 -20.71
C ASP A 166 11.08 -24.19 -20.75
N ILE A 167 11.83 -25.07 -21.42
CA ILE A 167 13.28 -24.97 -21.44
C ILE A 167 13.74 -23.74 -22.22
N LYS A 168 13.02 -23.39 -23.30
CA LYS A 168 13.48 -22.31 -24.16
C LYS A 168 13.50 -20.96 -23.43
N LYS A 169 12.52 -20.71 -22.57
CA LYS A 169 12.50 -19.44 -21.84
C LYS A 169 13.70 -19.32 -20.92
N VAL A 170 14.02 -20.38 -20.18
CA VAL A 170 15.19 -20.36 -19.30
C VAL A 170 16.46 -20.21 -20.11
N LYS A 171 16.55 -20.92 -21.24
CA LYS A 171 17.75 -20.84 -22.07
C LYS A 171 17.96 -19.43 -22.60
N GLU A 172 16.89 -18.79 -23.09
CA GLU A 172 17.04 -17.44 -23.63
C GLU A 172 17.33 -16.43 -22.53
N GLU A 173 16.71 -16.59 -21.35
CA GLU A 173 17.01 -15.69 -20.25
C GLU A 173 18.47 -15.81 -19.83
N LYS A 174 18.99 -17.04 -19.74
CA LYS A 174 20.39 -17.22 -19.36
C LYS A 174 21.33 -16.73 -20.45
N ALA A 175 20.97 -16.90 -21.72
CA ALA A 175 21.79 -16.36 -22.80
C ALA A 175 21.85 -14.84 -22.76
N TYR A 176 20.72 -14.19 -22.50
CA TYR A 176 20.72 -12.74 -22.32
C TYR A 176 21.54 -12.33 -21.12
N LYS A 177 21.44 -13.09 -20.01
CA LYS A 177 22.22 -12.79 -18.83
C LYS A 177 23.72 -12.93 -19.09
N ALA A 178 24.09 -13.83 -20.01
CA ALA A 178 25.49 -14.00 -20.36
C ALA A 178 26.06 -12.73 -20.98
N LEU A 179 25.30 -12.08 -21.85
CA LEU A 179 25.73 -10.83 -22.48
C LEU A 179 25.78 -9.69 -21.47
N ASP A 226 8.29 -15.01 -10.39
CA ASP A 226 8.04 -16.44 -10.34
C ASP A 226 6.80 -16.75 -9.51
N PHE A 227 6.04 -15.72 -9.17
CA PHE A 227 4.87 -15.86 -8.34
C PHE A 227 3.60 -16.16 -9.14
N GLU A 228 3.72 -16.32 -10.45
CA GLU A 228 2.60 -16.66 -11.31
C GLU A 228 2.51 -18.15 -11.62
N GLN A 229 3.49 -18.93 -11.18
CA GLN A 229 3.53 -20.35 -11.49
C GLN A 229 2.54 -21.14 -10.63
N GLY A 230 1.99 -22.19 -11.23
CA GLY A 230 1.02 -23.02 -10.52
C GLY A 230 1.60 -23.91 -9.45
N GLU A 231 2.83 -24.40 -9.65
CA GLU A 231 3.46 -25.27 -8.65
C GLU A 231 3.68 -24.55 -7.32
N LEU A 232 3.73 -23.21 -7.34
CA LEU A 232 3.86 -22.45 -6.11
C LEU A 232 2.57 -22.42 -5.29
N TYR A 233 1.44 -22.77 -5.90
CA TYR A 233 0.14 -22.73 -5.23
C TYR A 233 -0.47 -24.13 -5.11
N LEU A 234 0.35 -25.11 -4.76
CA LEU A 234 -0.13 -26.47 -4.59
C LEU A 234 -0.85 -26.63 -3.26
N ARG A 235 -1.78 -27.57 -3.22
CA ARG A 235 -2.54 -27.89 -2.01
C ARG A 235 -2.43 -29.33 -1.57
N GLU A 236 -1.89 -30.21 -2.41
CA GLU A 236 -1.77 -31.62 -2.05
C GLU A 236 -0.76 -31.81 -0.94
N LYS A 237 -1.07 -32.68 0.02
CA LYS A 237 -0.21 -32.95 1.16
C LYS A 237 0.67 -34.16 0.87
N PHE A 238 1.96 -34.03 1.15
CA PHE A 238 2.94 -35.09 0.91
C PHE A 238 3.43 -35.63 2.25
N GLU A 239 3.40 -36.96 2.38
CA GLU A 239 3.70 -37.59 3.67
C GLU A 239 5.19 -37.56 3.97
N ASN A 240 6.05 -37.85 2.98
CA ASN A 240 7.48 -37.94 3.21
C ASN A 240 8.22 -37.33 2.02
N SER A 241 9.55 -37.42 2.07
CA SER A 241 10.39 -36.77 1.07
C SER A 241 10.40 -37.53 -0.25
N ILE A 242 10.25 -38.85 -0.22
CA ILE A 242 10.29 -39.63 -1.45
C ILE A 242 9.08 -39.34 -2.32
N GLU A 243 7.92 -39.06 -1.71
CA GLU A 243 6.72 -38.73 -2.48
C GLU A 243 6.92 -37.45 -3.29
N SER A 244 7.55 -36.44 -2.69
CA SER A 244 7.69 -35.14 -3.34
C SER A 244 8.67 -35.15 -4.50
N LEU A 245 9.43 -36.23 -4.70
CA LEU A 245 10.39 -36.27 -5.79
C LEU A 245 9.73 -36.44 -7.15
N ARG A 246 8.49 -36.96 -7.20
CA ARG A 246 7.84 -37.22 -8.48
C ARG A 246 7.50 -35.94 -9.25
N LEU A 247 7.60 -34.77 -8.61
CA LEU A 247 7.30 -33.52 -9.30
C LEU A 247 8.32 -33.24 -10.39
N PHE A 248 9.60 -33.54 -10.15
CA PHE A 248 10.67 -33.11 -11.03
C PHE A 248 11.65 -34.19 -11.43
N LYS A 249 11.47 -35.43 -10.98
CA LYS A 249 12.47 -36.46 -11.24
C LYS A 249 12.48 -36.88 -12.71
N ASN A 250 11.30 -36.95 -13.34
CA ASN A 250 11.23 -37.40 -14.72
C ASN A 250 11.66 -36.34 -15.73
N ASP A 251 11.64 -35.07 -15.33
CA ASP A 251 12.00 -34.00 -16.26
C ASP A 251 13.50 -34.03 -16.56
N PRO A 252 13.89 -33.65 -17.77
CA PRO A 252 15.31 -33.62 -18.13
C PRO A 252 16.01 -32.40 -17.54
N LEU A 253 17.33 -32.44 -17.59
CA LEU A 253 18.15 -31.35 -17.08
C LEU A 253 18.10 -30.15 -18.04
N PHE A 254 18.45 -28.98 -17.51
CA PHE A 254 18.47 -27.76 -18.29
C PHE A 254 19.87 -27.36 -18.74
N PHE A 255 20.87 -27.51 -17.88
CA PHE A 255 22.24 -27.21 -18.21
C PHE A 255 23.14 -28.36 -17.77
N LYS A 256 24.33 -28.40 -18.34
CA LYS A 256 25.32 -29.38 -17.91
C LYS A 256 25.74 -29.08 -16.47
N PRO A 257 25.78 -30.07 -15.58
CA PRO A 257 26.11 -29.79 -14.18
C PRO A 257 27.48 -29.17 -14.03
N GLY A 258 27.57 -28.17 -13.16
CA GLY A 258 28.81 -27.48 -12.89
C GLY A 258 29.17 -26.37 -13.84
N SER A 259 28.25 -25.97 -14.73
CA SER A 259 28.55 -24.95 -15.73
C SER A 259 27.73 -23.68 -15.56
N GLN A 260 26.44 -23.80 -15.21
CA GLN A 260 25.55 -22.65 -15.12
C GLN A 260 24.89 -22.63 -13.75
N PHE A 261 24.77 -21.44 -13.18
CA PHE A 261 24.14 -21.25 -11.87
C PHE A 261 22.65 -20.98 -12.07
N LEU A 262 21.81 -21.90 -11.59
CA LEU A 262 20.36 -21.80 -11.69
C LEU A 262 19.76 -21.99 -10.31
N TYR A 263 19.34 -20.88 -9.69
CA TYR A 263 18.71 -20.94 -8.37
C TYR A 263 17.48 -21.82 -8.43
N SER A 264 17.49 -22.92 -7.67
CA SER A 264 16.41 -23.89 -7.69
C SER A 264 16.07 -24.32 -6.27
N THR A 265 14.84 -24.80 -6.10
CA THR A 265 14.36 -25.29 -4.82
C THR A 265 14.28 -26.80 -4.73
N PHE A 266 14.00 -27.48 -5.85
CA PHE A 266 13.93 -28.93 -5.84
C PHE A 266 15.26 -29.58 -5.50
N GLY A 267 16.37 -28.91 -5.77
CA GLY A 267 17.66 -29.43 -5.36
C GLY A 267 17.74 -29.66 -3.88
N TYR A 268 17.17 -28.76 -3.09
CA TYR A 268 17.15 -28.96 -1.65
C TYR A 268 16.13 -29.99 -1.19
N THR A 269 15.08 -30.23 -1.97
CA THR A 269 14.23 -31.40 -1.70
C THR A 269 15.02 -32.70 -1.88
N LEU A 270 15.81 -32.79 -2.95
CA LEU A 270 16.67 -33.96 -3.12
C LEU A 270 17.72 -34.04 -2.01
N LEU A 271 18.22 -32.88 -1.55
CA LEU A 271 19.13 -32.87 -0.42
C LEU A 271 18.47 -33.40 0.84
N ALA A 272 17.20 -33.05 1.05
CA ALA A 272 16.45 -33.59 2.18
C ALA A 272 16.30 -35.10 2.07
N ALA A 273 16.05 -35.60 0.85
CA ALA A 273 16.02 -37.05 0.65
C ALA A 273 17.37 -37.68 1.00
N ILE A 274 18.46 -37.04 0.56
CA ILE A 274 19.80 -37.55 0.88
C ILE A 274 20.01 -37.60 2.39
N VAL A 275 19.62 -36.53 3.10
CA VAL A 275 19.79 -36.47 4.54
C VAL A 275 18.99 -37.57 5.22
N GLU A 276 17.74 -37.76 4.79
CA GLU A 276 16.90 -38.79 5.38
C GLU A 276 17.49 -40.18 5.17
N ARG A 277 18.02 -40.44 3.97
CA ARG A 277 18.59 -41.76 3.70
C ARG A 277 19.89 -41.99 4.46
N ALA A 278 20.77 -40.98 4.51
CA ALA A 278 22.08 -41.18 5.12
C ALA A 278 21.99 -41.22 6.63
N SER A 279 21.22 -40.32 7.24
CA SER A 279 21.17 -40.24 8.70
C SER A 279 20.39 -41.39 9.32
N GLY A 280 19.56 -42.08 8.54
CA GLY A 280 18.73 -43.15 9.08
C GLY A 280 17.52 -42.68 9.85
N CYS A 281 17.28 -41.37 9.91
CA CYS A 281 16.15 -40.80 10.64
C CYS A 281 15.42 -39.83 9.73
N LYS A 282 14.14 -39.61 10.05
CA LYS A 282 13.33 -38.69 9.26
C LYS A 282 13.89 -37.28 9.35
N TYR A 283 13.74 -36.54 8.24
CA TYR A 283 14.32 -35.21 8.16
C TYR A 283 13.77 -34.28 9.23
N LEU A 284 12.45 -34.33 9.46
CA LEU A 284 11.84 -33.46 10.47
C LEU A 284 12.35 -33.79 11.86
N ASP A 285 12.51 -35.08 12.18
CA ASP A 285 13.00 -35.47 13.51
C ASP A 285 14.43 -34.99 13.73
N TYR A 286 15.29 -35.16 12.72
CA TYR A 286 16.68 -34.70 12.84
C TYR A 286 16.73 -33.18 12.99
N MET A 287 15.93 -32.47 12.20
CA MET A 287 15.91 -31.01 12.31
C MET A 287 15.37 -30.55 13.65
N GLN A 288 14.45 -31.31 14.25
CA GLN A 288 13.97 -30.97 15.58
C GLN A 288 15.09 -31.06 16.61
N LYS A 289 15.93 -32.10 16.52
CA LYS A 289 17.08 -32.21 17.41
C LYS A 289 18.05 -31.07 17.19
N ILE A 290 18.30 -30.71 15.93
CA ILE A 290 19.22 -29.62 15.63
C ILE A 290 18.69 -28.30 16.21
N PHE A 291 17.39 -28.05 16.06
CA PHE A 291 16.79 -26.85 16.64
C PHE A 291 16.90 -26.86 18.16
N HIS A 292 16.66 -28.03 18.77
CA HIS A 292 16.73 -28.13 20.23
C HIS A 292 18.13 -27.85 20.74
N ASP A 293 19.16 -28.31 20.02
CA ASP A 293 20.52 -28.06 20.44
C ASP A 293 20.84 -26.57 20.45
N LEU A 294 20.33 -25.83 19.47
CA LEU A 294 20.58 -24.39 19.34
C LEU A 294 19.62 -23.54 20.16
N ASP A 295 18.67 -24.17 20.87
CA ASP A 295 17.67 -23.47 21.69
C ASP A 295 16.70 -22.67 20.81
N MET A 296 16.35 -23.23 19.66
CA MET A 296 15.38 -22.62 18.75
C MET A 296 14.02 -23.27 18.96
N LEU A 297 13.36 -22.87 20.05
CA LEU A 297 12.16 -23.56 20.50
C LEU A 297 10.95 -23.22 19.64
N THR A 298 10.81 -21.95 19.25
CA THR A 298 9.61 -21.54 18.53
C THR A 298 9.64 -21.98 17.07
N THR A 299 10.81 -22.39 16.56
CA THR A 299 10.90 -22.82 15.18
C THR A 299 10.21 -24.17 14.99
N VAL A 300 9.38 -24.26 13.95
CA VAL A 300 8.60 -25.46 13.68
C VAL A 300 8.13 -25.40 12.24
N GLN A 301 7.90 -26.56 11.64
CA GLN A 301 7.37 -26.60 10.29
C GLN A 301 5.92 -26.13 10.28
N GLU A 302 5.49 -25.63 9.12
CA GLU A 302 4.18 -24.98 9.00
C GLU A 302 3.13 -26.02 8.61
N GLU A 303 2.15 -26.23 9.50
CA GLU A 303 1.04 -27.14 9.25
C GLU A 303 -0.24 -26.47 9.70
N ASN A 304 -1.37 -26.93 9.14
CA ASN A 304 -2.65 -26.30 9.43
C ASN A 304 -3.25 -26.82 10.73
N GLU A 305 -3.36 -28.15 10.86
CA GLU A 305 -4.10 -28.72 11.99
C GLU A 305 -3.52 -28.39 13.36
N PRO A 306 -2.20 -28.40 13.60
CA PRO A 306 -1.73 -28.08 14.96
C PRO A 306 -2.00 -26.63 15.31
N VAL A 307 -2.13 -26.38 16.61
CA VAL A 307 -2.33 -25.02 17.11
C VAL A 307 -0.97 -24.40 17.39
N ILE A 308 -0.67 -23.31 16.69
CA ILE A 308 0.61 -22.64 16.80
C ILE A 308 0.33 -21.23 17.33
N TYR A 309 0.81 -20.92 18.52
CA TYR A 309 0.49 -19.63 19.12
C TYR A 309 1.16 -18.45 18.45
N ASN A 310 0.51 -17.28 18.50
CA ASN A 310 1.05 -16.07 17.87
C ASN A 310 1.40 -16.20 16.40
N ARG A 311 0.55 -16.89 15.64
CA ARG A 311 0.80 -17.06 14.21
C ARG A 311 0.26 -15.85 13.45
N ALA A 312 1.07 -15.28 12.55
CA ALA A 312 0.64 -14.11 11.79
C ALA A 312 -0.08 -14.46 10.51
N ARG A 313 -0.74 -13.48 9.89
CA ARG A 313 -1.44 -13.71 8.64
C ARG A 313 -0.69 -13.04 7.50
N PHE A 314 -0.82 -13.57 6.29
CA PHE A 314 -0.06 -13.05 5.16
C PHE A 314 -0.96 -12.40 4.12
N TYR A 315 -0.54 -11.26 3.55
CA TYR A 315 -1.44 -10.50 2.69
C TYR A 315 -0.75 -10.15 1.37
N VAL A 316 -1.54 -9.61 0.45
CA VAL A 316 -1.03 -9.22 -0.87
C VAL A 316 -1.97 -8.16 -1.44
N TYR A 317 -1.47 -7.39 -2.39
CA TYR A 317 -2.28 -6.38 -3.09
C TYR A 317 -2.83 -6.95 -4.39
N ASN A 318 -4.08 -6.64 -4.68
CA ASN A 318 -4.74 -7.12 -5.88
C ASN A 318 -4.64 -6.08 -7.00
N LYS A 319 -5.37 -6.30 -8.09
CA LYS A 319 -5.31 -5.37 -9.23
C LYS A 319 -5.90 -4.01 -8.88
N LYS A 320 -6.75 -3.96 -7.86
CA LYS A 320 -7.39 -2.71 -7.46
C LYS A 320 -6.59 -2.03 -6.38
N LYS A 321 -5.42 -2.57 -6.04
CA LYS A 321 -4.59 -2.01 -4.98
C LYS A 321 -5.27 -1.97 -3.62
N ARG A 322 -6.01 -3.03 -3.31
CA ARG A 322 -6.65 -3.15 -2.00
C ARG A 322 -6.10 -4.39 -1.34
N LEU A 323 -5.74 -4.29 -0.06
CA LEU A 323 -5.12 -5.43 0.62
C LEU A 323 -6.04 -6.64 0.69
N VAL A 324 -5.52 -7.83 0.41
CA VAL A 324 -6.32 -9.05 0.48
C VAL A 324 -5.54 -10.24 1.03
N ASN A 325 -6.23 -11.32 1.40
CA ASN A 325 -5.57 -12.51 1.91
C ASN A 325 -5.00 -13.33 0.75
N THR A 326 -3.84 -13.94 0.99
CA THR A 326 -3.27 -14.85 0.01
C THR A 326 -4.01 -16.19 0.06
N PRO A 327 -4.02 -16.94 -1.05
CA PRO A 327 -4.71 -18.23 -1.06
C PRO A 327 -4.04 -19.24 -0.14
N TYR A 328 -4.83 -20.22 0.27
CA TYR A 328 -4.31 -21.30 1.10
C TYR A 328 -3.33 -22.15 0.31
N VAL A 329 -2.15 -22.39 0.89
CA VAL A 329 -1.09 -23.13 0.22
C VAL A 329 -0.53 -24.17 1.17
N ASP A 330 -0.09 -25.29 0.61
CA ASP A 330 0.50 -26.40 1.36
C ASP A 330 1.96 -26.55 0.95
N ASN A 331 2.86 -26.16 1.85
CA ASN A 331 4.29 -26.17 1.57
C ASN A 331 4.97 -27.45 2.05
N SER A 332 4.25 -28.56 2.10
CA SER A 332 4.83 -29.81 2.58
C SER A 332 5.79 -30.43 1.59
N TYR A 333 5.69 -30.09 0.30
CA TYR A 333 6.55 -30.68 -0.71
C TYR A 333 7.96 -30.09 -0.71
N LYS A 334 8.19 -29.01 0.03
CA LYS A 334 9.51 -28.36 0.07
C LYS A 334 9.89 -28.05 1.51
N TRP A 335 9.77 -29.05 2.40
CA TRP A 335 10.08 -28.84 3.81
C TRP A 335 11.48 -28.26 4.00
N ALA A 336 12.48 -28.87 3.36
CA ALA A 336 13.84 -28.38 3.49
C ALA A 336 14.06 -27.10 2.69
N GLY A 337 13.16 -26.80 1.75
CA GLY A 337 13.36 -25.66 0.88
C GLY A 337 12.65 -24.40 1.31
N GLY A 338 11.39 -24.53 1.73
CA GLY A 338 10.64 -23.39 2.23
C GLY A 338 9.37 -23.79 2.96
N GLY A 339 9.51 -24.33 4.16
CA GLY A 339 8.35 -24.72 4.94
C GLY A 339 8.57 -24.63 6.43
N PHE A 340 9.06 -23.50 6.92
CA PHE A 340 9.27 -23.32 8.36
C PHE A 340 8.72 -22.02 8.90
N LEU A 341 8.33 -22.03 10.17
CA LEU A 341 7.80 -20.84 10.82
C LEU A 341 8.71 -20.47 11.97
N SER A 342 9.08 -19.19 12.07
CA SER A 342 10.00 -18.79 13.12
C SER A 342 9.92 -17.32 13.54
N THR A 343 10.43 -17.02 14.73
CA THR A 343 10.49 -15.64 15.21
C THR A 343 11.87 -15.06 14.92
N VAL A 344 12.11 -13.86 15.44
CA VAL A 344 13.39 -13.21 15.19
C VAL A 344 14.46 -13.67 16.18
N GLY A 345 14.06 -14.05 17.40
CA GLY A 345 15.02 -14.51 18.38
C GLY A 345 15.72 -15.80 17.96
N ASP A 346 14.99 -16.71 17.32
CA ASP A 346 15.60 -17.94 16.85
C ASP A 346 16.66 -17.67 15.79
N LEU A 347 16.36 -16.76 14.86
CA LEU A 347 17.35 -16.40 13.86
C LEU A 347 18.54 -15.70 14.48
N LEU A 348 18.31 -14.87 15.50
CA LEU A 348 19.43 -14.26 16.22
C LEU A 348 20.32 -15.32 16.86
N LYS A 349 19.71 -16.33 17.49
CA LYS A 349 20.50 -17.40 18.11
C LYS A 349 21.29 -18.17 17.06
N PHE A 350 20.65 -18.49 15.93
CA PHE A 350 21.35 -19.22 14.87
C PHE A 350 22.53 -18.42 14.33
N GLY A 351 22.32 -17.12 14.11
CA GLY A 351 23.41 -16.27 13.63
C GLY A 351 24.54 -16.16 14.63
N ASN A 352 24.21 -16.02 15.91
CA ASN A 352 25.24 -15.95 16.93
C ASN A 352 26.04 -17.24 17.02
N ALA A 353 25.36 -18.39 16.91
CA ALA A 353 26.08 -19.66 16.90
C ALA A 353 27.01 -19.76 15.72
N MET A 354 26.55 -19.36 14.53
CA MET A 354 27.42 -19.39 13.35
C MET A 354 28.63 -18.48 13.53
N LEU A 355 28.40 -17.27 14.06
CA LEU A 355 29.51 -16.33 14.25
C LEU A 355 30.52 -16.87 15.25
N TYR A 356 30.05 -17.48 16.35
CA TYR A 356 30.97 -18.04 17.32
C TYR A 356 31.78 -19.18 16.71
N GLY A 357 31.11 -20.09 15.98
CA GLY A 357 31.82 -21.17 15.34
C GLY A 357 32.84 -20.68 14.33
N TYR A 358 32.56 -19.55 13.68
CA TYR A 358 33.51 -18.97 12.74
C TYR A 358 34.71 -18.36 13.45
N GLN A 359 34.46 -17.61 14.53
CA GLN A 359 35.48 -16.76 15.15
C GLN A 359 36.24 -17.43 16.30
N VAL A 360 35.84 -18.63 16.73
CA VAL A 360 36.47 -19.20 17.91
C VAL A 360 37.95 -19.54 17.68
N GLY A 361 38.32 -19.84 16.44
CA GLY A 361 39.68 -20.30 16.19
C GLY A 361 40.74 -19.26 16.53
N LEU A 362 40.48 -18.00 16.20
CA LEU A 362 41.46 -16.95 16.46
C LEU A 362 41.68 -16.75 17.96
N PHE A 363 40.60 -16.77 18.75
CA PHE A 363 40.71 -16.58 20.18
C PHE A 363 41.13 -17.84 20.94
N LYS A 364 41.11 -19.00 20.27
CA LYS A 364 41.48 -20.24 20.97
C LYS A 364 42.93 -20.20 21.45
N ASN A 365 43.83 -19.64 20.64
CA ASN A 365 45.25 -19.64 20.99
C ASN A 365 45.53 -18.83 22.25
N SER A 366 44.89 -17.68 22.40
CA SER A 366 45.19 -16.81 23.53
C SER A 366 44.58 -17.33 24.83
N ASN A 367 43.35 -17.85 24.77
CA ASN A 367 42.64 -18.31 25.95
C ASN A 367 42.18 -19.74 25.75
N GLU A 368 42.45 -20.60 26.74
CA GLU A 368 42.08 -22.00 26.69
C GLU A 368 40.83 -22.30 27.50
N ASN A 369 40.12 -21.27 27.96
CA ASN A 369 38.90 -21.45 28.75
C ASN A 369 37.63 -21.29 27.92
N LEU A 370 37.74 -21.34 26.59
CA LEU A 370 36.60 -21.15 25.72
C LEU A 370 36.01 -22.50 25.29
N LEU A 371 34.69 -22.55 25.22
CA LEU A 371 33.99 -23.76 24.81
C LEU A 371 34.14 -23.97 23.31
N PRO A 372 34.08 -25.22 22.84
CA PRO A 372 34.13 -25.47 21.40
C PRO A 372 32.88 -24.98 20.71
N GLY A 373 33.04 -24.60 19.43
CA GLY A 373 31.91 -24.19 18.64
C GLY A 373 31.05 -25.35 18.19
N TYR A 374 29.86 -25.03 17.69
CA TYR A 374 28.95 -26.06 17.24
C TYR A 374 29.53 -26.84 16.06
N LEU A 375 30.30 -26.18 15.21
CA LEU A 375 30.97 -26.81 14.09
C LEU A 375 32.45 -26.48 14.12
N LYS A 376 33.26 -27.38 13.55
CA LYS A 376 34.70 -27.17 13.52
C LYS A 376 35.03 -25.96 12.66
N PRO A 377 36.10 -25.22 13.01
CA PRO A 377 36.47 -24.04 12.21
C PRO A 377 36.78 -24.38 10.75
N GLU A 378 37.30 -25.58 10.48
CA GLU A 378 37.55 -25.97 9.09
C GLU A 378 36.26 -26.14 8.30
N THR A 379 35.17 -26.52 8.97
CA THR A 379 33.88 -26.53 8.30
C THR A 379 33.29 -25.12 8.18
N MET A 380 33.54 -24.27 9.16
CA MET A 380 32.98 -22.92 9.12
C MET A 380 33.64 -22.07 8.03
N VAL A 381 34.94 -22.25 7.80
CA VAL A 381 35.59 -21.48 6.75
C VAL A 381 35.12 -21.93 5.38
N MET A 382 34.92 -23.24 5.19
CA MET A 382 34.36 -23.74 3.95
C MET A 382 32.90 -23.31 3.79
N MET A 383 32.21 -23.09 4.90
CA MET A 383 30.81 -22.65 4.85
C MET A 383 30.67 -21.31 4.14
N TRP A 384 31.56 -20.36 4.46
CA TRP A 384 31.50 -19.01 3.92
C TRP A 384 32.60 -18.74 2.91
N THR A 385 32.94 -19.75 2.10
CA THR A 385 33.95 -19.59 1.06
C THR A 385 33.25 -19.44 -0.28
N PRO A 386 33.32 -18.29 -0.95
CA PRO A 386 32.55 -18.09 -2.18
C PRO A 386 32.98 -19.05 -3.28
N VAL A 387 32.01 -19.42 -4.11
CA VAL A 387 32.22 -20.38 -5.19
C VAL A 387 32.28 -19.62 -6.52
N PRO A 388 33.22 -19.93 -7.40
CA PRO A 388 33.27 -19.25 -8.70
C PRO A 388 32.06 -19.60 -9.57
N ASN A 389 31.76 -18.69 -10.49
CA ASN A 389 30.66 -18.85 -11.44
C ASN A 389 29.32 -18.97 -10.74
N THR A 390 29.10 -18.14 -9.73
CA THR A 390 27.83 -18.07 -9.01
C THR A 390 27.43 -16.61 -8.83
N GLU A 391 26.13 -16.38 -8.71
CA GLU A 391 25.58 -15.03 -8.61
C GLU A 391 24.72 -14.91 -7.36
N MET A 392 24.86 -13.78 -6.68
CA MET A 392 24.07 -13.45 -5.50
C MET A 392 23.05 -12.39 -5.91
N SER A 393 21.76 -12.78 -5.89
CA SER A 393 20.74 -11.94 -6.51
C SER A 393 20.51 -10.63 -5.74
N TRP A 394 20.57 -10.67 -4.42
CA TRP A 394 20.22 -9.50 -3.62
C TRP A 394 21.36 -8.49 -3.48
N ASP A 395 22.55 -8.81 -4.02
CA ASP A 395 23.63 -7.82 -4.09
C ASP A 395 24.59 -8.25 -5.17
N LYS A 396 24.84 -7.36 -6.13
CA LYS A 396 25.66 -7.69 -7.29
C LYS A 396 27.13 -7.90 -6.94
N GLU A 397 27.55 -7.54 -5.73
CA GLU A 397 28.96 -7.64 -5.38
C GLU A 397 29.30 -9.00 -4.77
N GLY A 398 28.33 -9.69 -4.18
CA GLY A 398 28.60 -10.94 -3.51
C GLY A 398 28.45 -12.15 -4.42
N LYS A 399 28.76 -13.32 -3.85
CA LYS A 399 28.65 -14.60 -4.53
C LYS A 399 27.95 -15.60 -3.60
N TYR A 400 27.68 -16.78 -4.13
CA TYR A 400 26.98 -17.83 -3.41
C TYR A 400 27.99 -18.78 -2.79
N ALA A 401 27.78 -19.13 -1.51
CA ALA A 401 28.73 -19.96 -0.79
C ALA A 401 27.97 -20.81 0.23
N MET A 402 27.65 -22.04 -0.16
CA MET A 402 27.07 -23.04 0.74
C MET A 402 25.80 -22.51 1.42
N ALA A 403 24.79 -22.25 0.58
CA ALA A 403 23.48 -21.75 1.01
C ALA A 403 23.59 -20.42 1.76
N TRP A 404 24.49 -19.54 1.33
CA TRP A 404 24.64 -18.22 1.92
C TRP A 404 25.07 -17.24 0.85
N GLY A 405 24.91 -15.95 1.14
CA GLY A 405 25.48 -14.92 0.30
C GLY A 405 26.61 -14.21 1.01
N VAL A 406 27.80 -14.20 0.41
CA VAL A 406 29.00 -13.70 1.07
C VAL A 406 29.56 -12.53 0.27
N VAL A 407 29.92 -11.43 0.94
CA VAL A 407 30.55 -10.31 0.23
C VAL A 407 31.94 -10.08 0.81
N GLU A 408 32.98 -10.51 0.10
CA GLU A 408 34.35 -10.35 0.60
C GLU A 408 34.82 -8.91 0.63
N ARG A 409 35.64 -8.56 1.61
CA ARG A 409 36.14 -7.19 1.73
C ARG A 409 37.34 -6.91 0.85
N LYS A 410 37.26 -5.85 0.03
CA LYS A 410 38.39 -5.47 -0.82
C LYS A 410 38.42 -3.98 -1.12
N GLN A 411 39.61 -3.41 -1.31
CA GLN A 411 39.69 -2.01 -1.74
C GLN A 411 40.62 -1.91 -2.93
N THR A 412 40.08 -1.66 -4.12
CA THR A 412 40.90 -1.53 -5.33
C THR A 412 41.80 -0.30 -5.38
N TYR A 413 41.29 0.86 -4.97
CA TYR A 413 42.07 2.10 -5.08
C TYR A 413 42.05 2.93 -3.81
N GLY A 414 43.04 3.78 -3.64
CA GLY A 414 43.07 4.66 -2.48
C GLY A 414 41.97 5.70 -2.56
N SER A 415 41.40 6.09 -1.41
CA SER A 415 40.32 7.06 -1.36
C SER A 415 39.12 6.62 -2.21
N CYS A 416 38.81 5.33 -2.18
CA CYS A 416 37.73 4.79 -2.98
C CYS A 416 36.95 3.77 -2.16
N ARG A 417 35.84 3.27 -2.67
CA ARG A 417 35.00 2.37 -1.89
C ARG A 417 35.71 1.13 -1.38
N LYS A 418 35.52 0.81 -0.11
CA LYS A 418 36.09 -0.40 0.44
C LYS A 418 34.95 -1.29 0.90
N GLN A 419 34.90 -2.52 0.40
CA GLN A 419 33.84 -3.44 0.79
C GLN A 419 34.02 -3.95 2.21
N ARG A 420 32.93 -4.34 2.87
CA ARG A 420 33.00 -4.87 4.22
C ARG A 420 32.47 -6.28 4.20
N HIS A 421 33.18 -7.22 4.81
CA HIS A 421 32.75 -8.62 4.76
C HIS A 421 31.48 -8.87 5.54
N TYR A 422 30.52 -9.53 4.91
CA TYR A 422 29.28 -9.89 5.62
C TYR A 422 28.61 -11.08 4.95
N ALA A 423 27.76 -11.79 5.69
CA ALA A 423 27.02 -12.90 5.11
C ALA A 423 25.52 -12.70 5.28
N SER A 424 24.76 -12.78 4.19
CA SER A 424 23.32 -12.59 4.26
C SER A 424 22.50 -13.51 3.36
N HIS A 425 21.33 -13.92 3.81
CA HIS A 425 20.44 -14.72 2.97
C HIS A 425 19.05 -14.13 3.00
N THR A 426 18.39 -14.05 1.86
CA THR A 426 17.06 -13.43 1.80
C THR A 426 16.03 -14.40 1.26
N GLY A 427 14.82 -14.35 1.81
CA GLY A 427 13.75 -15.23 1.35
C GLY A 427 12.45 -14.52 1.03
N GLY A 428 11.71 -15.02 0.06
CA GLY A 428 10.42 -14.44 -0.28
C GLY A 428 9.38 -15.52 -0.54
N ALA A 429 8.41 -15.67 0.36
CA ALA A 429 7.40 -16.71 0.20
C ALA A 429 6.09 -16.06 -0.23
N VAL A 430 5.03 -16.86 -0.29
CA VAL A 430 3.72 -16.34 -0.67
C VAL A 430 3.18 -15.52 0.48
N GLY A 431 3.33 -14.20 0.39
CA GLY A 431 2.80 -13.30 1.39
C GLY A 431 3.77 -12.85 2.46
N ALA A 432 5.01 -13.34 2.47
CA ALA A 432 5.96 -12.99 3.51
C ALA A 432 7.34 -12.75 2.91
N SER A 433 8.13 -11.92 3.60
CA SER A 433 9.50 -11.65 3.20
C SER A 433 10.36 -11.55 4.45
N SER A 434 11.62 -11.99 4.33
CA SER A 434 12.50 -12.03 5.49
C SER A 434 13.94 -11.85 5.06
N VAL A 435 14.77 -11.39 5.99
CA VAL A 435 16.20 -11.21 5.75
C VAL A 435 16.94 -11.51 7.04
N LEU A 436 18.10 -12.16 6.91
CA LEU A 436 19.02 -12.41 8.01
C LEU A 436 20.42 -12.01 7.57
N LEU A 437 21.10 -11.20 8.38
CA LEU A 437 22.39 -10.63 8.02
C LEU A 437 23.36 -10.73 9.19
N VAL A 438 24.58 -11.18 8.89
CA VAL A 438 25.65 -11.32 9.86
C VAL A 438 26.82 -10.45 9.40
N LEU A 439 27.22 -9.50 10.25
CA LEU A 439 28.32 -8.59 9.98
C LEU A 439 29.41 -8.87 11.01
N PRO A 440 30.45 -9.61 10.65
CA PRO A 440 31.55 -9.85 11.58
C PRO A 440 32.39 -8.59 11.78
N GLU A 441 33.07 -8.55 12.92
CA GLU A 441 33.93 -7.43 13.26
C GLU A 441 35.38 -7.81 12.99
N GLU A 442 36.10 -6.92 12.30
CA GLU A 442 37.53 -7.13 12.08
C GLU A 442 38.27 -7.11 13.41
N LEU A 443 39.29 -7.93 13.52
CA LEU A 443 39.98 -8.16 14.78
C LEU A 443 41.42 -7.64 14.72
N ASP A 444 41.84 -6.98 15.79
CA ASP A 444 43.19 -6.44 15.93
C ASP A 444 43.92 -7.21 17.04
N THR A 445 45.15 -6.78 17.30
CA THR A 445 45.97 -7.44 18.32
C THR A 445 45.36 -7.27 19.71
N GLU A 446 44.84 -6.08 20.01
CA GLU A 446 44.28 -5.84 21.34
C GLU A 446 42.98 -6.61 21.56
N THR A 447 42.14 -6.69 20.52
CA THR A 447 40.85 -7.37 20.66
C THR A 447 41.04 -8.87 20.92
N ILE A 448 41.99 -9.49 20.24
CA ILE A 448 42.17 -10.94 20.36
C ILE A 448 42.61 -11.31 21.77
N ASN A 449 43.55 -10.54 22.34
CA ASN A 449 44.14 -10.92 23.62
C ASN A 449 43.13 -10.88 24.76
N ASN A 450 42.28 -9.86 24.79
CA ASN A 450 41.41 -9.62 25.94
C ASN A 450 39.96 -10.04 25.72
N LYS A 451 39.37 -9.69 24.58
CA LYS A 451 37.95 -9.92 24.36
C LYS A 451 37.67 -11.37 24.03
N VAL A 452 36.39 -11.73 24.05
CA VAL A 452 35.96 -13.12 23.85
C VAL A 452 34.93 -13.18 22.72
N PRO A 453 34.81 -14.31 22.03
CA PRO A 453 33.83 -14.42 20.95
C PRO A 453 32.42 -14.52 21.51
N PRO A 454 31.40 -14.23 20.70
CA PRO A 454 31.50 -13.73 19.32
C PRO A 454 31.53 -12.21 19.25
N ARG A 455 32.20 -11.67 18.23
CA ARG A 455 32.28 -10.23 18.02
C ARG A 455 31.68 -9.92 16.65
N GLY A 456 30.52 -9.28 16.65
CA GLY A 456 29.85 -8.98 15.41
C GLY A 456 28.43 -8.51 15.68
N ILE A 457 27.66 -8.38 14.59
CA ILE A 457 26.28 -7.92 14.66
C ILE A 457 25.40 -8.85 13.84
N ILE A 458 24.24 -9.20 14.37
CA ILE A 458 23.27 -10.04 13.67
C ILE A 458 21.96 -9.27 13.61
N VAL A 459 21.40 -9.14 12.41
CA VAL A 459 20.16 -8.39 12.21
C VAL A 459 19.18 -9.28 11.46
N SER A 460 17.95 -9.37 11.98
CA SER A 460 16.89 -10.16 11.36
C SER A 460 15.66 -9.29 11.19
N ILE A 461 15.04 -9.33 10.02
CA ILE A 461 13.84 -8.55 9.73
C ILE A 461 12.83 -9.45 9.01
N ILE A 462 11.56 -9.35 9.41
CA ILE A 462 10.49 -10.11 8.76
C ILE A 462 9.29 -9.20 8.56
N CYS A 463 8.63 -9.32 7.41
CA CYS A 463 7.41 -8.59 7.14
C CYS A 463 6.40 -9.50 6.44
N ASN A 464 5.13 -9.27 6.72
CA ASN A 464 4.05 -10.06 6.12
C ASN A 464 3.50 -9.38 4.87
N MET A 465 4.40 -9.06 3.96
CA MET A 465 4.05 -8.47 2.67
C MET A 465 4.91 -9.11 1.59
N GLN A 466 4.29 -9.40 0.44
CA GLN A 466 4.95 -10.16 -0.59
C GLN A 466 5.87 -9.29 -1.44
N SER A 467 7.01 -9.87 -1.84
CA SER A 467 7.97 -9.25 -2.76
C SER A 467 8.50 -7.93 -2.20
N VAL A 468 9.23 -8.05 -1.09
CA VAL A 468 9.88 -6.91 -0.45
C VAL A 468 11.37 -7.19 -0.35
N GLY A 469 12.18 -6.26 -0.85
CA GLY A 469 13.61 -6.38 -0.73
C GLY A 469 14.10 -5.74 0.56
N LEU A 470 14.75 -6.52 1.43
CA LEU A 470 15.10 -6.06 2.76
C LEU A 470 16.59 -6.12 3.05
N ASN A 471 17.42 -6.58 2.12
CA ASN A 471 18.85 -6.74 2.40
C ASN A 471 19.52 -5.40 2.66
N SER A 472 19.20 -4.38 1.85
CA SER A 472 19.81 -3.07 2.03
C SER A 472 19.44 -2.45 3.37
N THR A 473 18.19 -2.60 3.80
CA THR A 473 17.78 -2.10 5.10
C THR A 473 18.55 -2.76 6.23
N ALA A 474 18.72 -4.09 6.15
CA ALA A 474 19.48 -4.80 7.17
C ALA A 474 20.92 -4.35 7.20
N LEU A 475 21.54 -4.18 6.02
CA LEU A 475 22.93 -3.72 5.99
C LEU A 475 23.07 -2.33 6.58
N LYS A 476 22.13 -1.43 6.25
CA LYS A 476 22.20 -0.09 6.80
C LYS A 476 22.02 -0.10 8.32
N ILE A 477 21.10 -0.92 8.83
CA ILE A 477 20.89 -1.00 10.27
C ILE A 477 22.14 -1.54 10.96
N ALA A 478 22.76 -2.59 10.39
CA ALA A 478 23.96 -3.15 10.98
C ALA A 478 25.09 -2.13 10.99
N LEU A 479 25.28 -1.40 9.90
CA LEU A 479 26.33 -0.39 9.87
C LEU A 479 26.05 0.74 10.86
N GLU A 480 24.77 1.11 11.02
CA GLU A 480 24.42 2.13 12.00
C GLU A 480 24.75 1.68 13.42
N PHE A 481 24.47 0.41 13.73
CA PHE A 481 24.77 -0.08 15.07
C PHE A 481 26.27 -0.27 15.28
N ASP A 482 27.01 -0.51 14.20
CA ASP A 482 28.45 -0.74 14.32
C ASP A 482 29.18 0.47 14.88
N LYS A 483 28.75 1.68 14.48
CA LYS A 483 29.52 2.88 14.80
C LYS A 483 29.61 3.11 16.30
N ASP A 484 28.50 2.96 17.02
CA ASP A 484 28.47 3.19 18.46
C ASP A 484 28.72 1.89 19.22
N ARG A 485 29.86 1.26 18.92
CA ARG A 485 30.21 0.01 19.58
C ARG A 485 30.62 0.23 21.02
N SER A 486 31.44 1.25 21.28
CA SER A 486 31.92 1.53 22.63
C SER A 486 31.36 2.83 23.16
N CYS B 43 41.39 19.91 18.31
CA CYS B 43 42.48 20.00 17.34
C CYS B 43 42.20 21.07 16.30
N PHE B 44 40.92 21.21 15.92
CA PHE B 44 40.49 22.20 14.94
C PHE B 44 39.43 23.12 15.52
N ALA B 45 39.46 23.32 16.84
CA ALA B 45 38.41 24.08 17.52
C ALA B 45 38.45 25.58 17.19
N ARG B 46 39.50 26.08 16.55
CA ARG B 46 39.59 27.49 16.24
C ARG B 46 39.10 27.84 14.84
N ALA B 47 39.45 27.02 13.85
CA ALA B 47 39.02 27.31 12.48
C ALA B 47 37.53 27.10 12.31
N ILE B 48 36.93 26.21 13.12
CA ILE B 48 35.50 25.92 12.97
C ILE B 48 34.66 27.16 13.26
N GLU B 49 35.02 27.90 14.31
CA GLU B 49 34.25 29.10 14.65
C GLU B 49 34.39 30.19 13.59
N SER B 50 35.60 30.38 13.06
CA SER B 50 35.79 31.35 11.99
C SER B 50 34.99 30.96 10.75
N SER B 51 35.00 29.67 10.42
CA SER B 51 34.23 29.21 9.27
C SER B 51 32.73 29.42 9.48
N ARG B 52 32.24 29.17 10.71
CA ARG B 52 30.84 29.40 11.00
C ARG B 52 30.50 30.88 10.89
N ASP B 53 31.40 31.75 11.34
CA ASP B 53 31.18 33.18 11.22
C ASP B 53 31.10 33.60 9.76
N LEU B 54 31.99 33.05 8.92
CA LEU B 54 31.94 33.36 7.49
C LEU B 54 30.65 32.86 6.85
N LEU B 55 30.20 31.68 7.25
CA LEU B 55 28.94 31.15 6.74
C LEU B 55 27.78 32.05 7.12
N HIS B 56 27.73 32.51 8.37
CA HIS B 56 26.69 33.44 8.78
C HIS B 56 26.78 34.74 7.99
N ARG B 57 28.00 35.20 7.71
CA ARG B 57 28.17 36.41 6.91
C ARG B 57 27.54 36.26 5.54
N ILE B 58 27.87 35.18 4.84
CA ILE B 58 27.36 35.03 3.48
C ILE B 58 25.86 34.78 3.49
N LYS B 59 25.37 34.01 4.47
CA LYS B 59 23.94 33.74 4.55
C LYS B 59 23.15 35.01 4.82
N ASP B 60 23.66 35.88 5.69
CA ASP B 60 22.96 37.13 5.98
C ASP B 60 23.04 38.09 4.80
N GLU B 61 24.20 38.17 4.14
CA GLU B 61 24.33 39.08 3.01
C GLU B 61 23.42 38.67 1.85
N VAL B 62 23.33 37.37 1.57
CA VAL B 62 22.52 36.92 0.44
C VAL B 62 21.06 36.81 0.85
N GLY B 63 20.78 36.15 1.95
CA GLY B 63 19.42 35.88 2.37
C GLY B 63 18.94 34.47 2.15
N ALA B 64 19.84 33.52 1.93
CA ALA B 64 19.43 32.15 1.67
C ALA B 64 18.77 31.55 2.91
N PRO B 65 17.70 30.78 2.74
CA PRO B 65 17.05 30.15 3.90
C PRO B 65 17.84 28.98 4.46
N GLY B 66 18.86 28.48 3.76
CA GLY B 66 19.62 27.35 4.25
C GLY B 66 20.92 27.19 3.51
N ILE B 67 21.90 26.59 4.19
CA ILE B 67 23.22 26.39 3.64
C ILE B 67 23.86 25.20 4.35
N VAL B 68 24.68 24.44 3.62
CA VAL B 68 25.34 23.25 4.14
C VAL B 68 26.79 23.27 3.67
N VAL B 69 27.70 22.96 4.59
CA VAL B 69 29.13 22.99 4.33
C VAL B 69 29.76 21.67 4.78
N GLY B 70 30.75 21.23 4.01
CA GLY B 70 31.54 20.07 4.35
C GLY B 70 33.03 20.30 4.10
N VAL B 71 33.84 20.11 5.12
CA VAL B 71 35.28 20.34 5.05
C VAL B 71 35.99 19.04 5.39
N SER B 72 36.87 18.59 4.49
CA SER B 72 37.63 17.37 4.64
C SER B 72 39.12 17.69 4.57
N VAL B 73 39.87 17.23 5.56
CA VAL B 73 41.30 17.52 5.69
C VAL B 73 42.06 16.20 5.69
N ASP B 74 43.05 16.10 4.81
CA ASP B 74 43.96 14.94 4.75
C ASP B 74 43.20 13.64 4.55
N GLY B 75 42.22 13.65 3.66
CA GLY B 75 41.52 12.45 3.28
C GLY B 75 40.42 12.00 4.22
N LYS B 76 40.18 12.72 5.31
CA LYS B 76 39.14 12.38 6.27
C LYS B 76 38.22 13.57 6.44
N GLU B 77 36.91 13.29 6.58
CA GLU B 77 35.94 14.35 6.81
C GLU B 77 36.04 14.85 8.23
N VAL B 78 36.33 16.14 8.39
CA VAL B 78 36.55 16.72 9.71
C VAL B 78 35.48 17.73 10.10
N TRP B 79 34.62 18.16 9.20
CA TRP B 79 33.54 19.06 9.60
C TRP B 79 32.38 18.95 8.64
N SER B 80 31.17 18.87 9.20
CA SER B 80 29.93 18.98 8.44
C SER B 80 28.97 19.86 9.22
N GLU B 81 28.35 20.81 8.54
CA GLU B 81 27.48 21.76 9.22
C GLU B 81 26.33 22.15 8.31
N GLY B 82 25.20 22.48 8.93
CA GLY B 82 24.04 22.97 8.21
C GLY B 82 23.28 24.01 8.99
N LEU B 83 23.02 25.17 8.36
CA LEU B 83 22.34 26.28 9.01
C LEU B 83 21.10 26.66 8.21
N GLY B 84 19.98 26.79 8.89
CA GLY B 84 18.75 27.21 8.26
C GLY B 84 17.75 26.09 8.09
N TYR B 85 16.86 26.27 7.11
CA TYR B 85 15.78 25.32 6.83
C TYR B 85 15.89 24.83 5.39
N ALA B 86 15.82 23.52 5.22
CA ALA B 86 15.77 22.94 3.88
C ALA B 86 14.39 23.06 3.26
N ASP B 87 13.35 23.23 4.10
CA ASP B 87 11.98 23.39 3.62
C ASP B 87 11.33 24.45 4.50
N VAL B 88 11.15 25.66 3.95
CA VAL B 88 10.61 26.77 4.73
C VAL B 88 9.16 26.51 5.11
N GLU B 89 8.40 25.89 4.20
CA GLU B 89 6.98 25.67 4.46
C GLU B 89 6.76 24.73 5.64
N ASN B 90 7.53 23.65 5.71
CA ASN B 90 7.33 22.64 6.75
C ASN B 90 8.35 22.72 7.88
N ARG B 91 9.21 23.74 7.87
CA ARG B 91 10.21 23.95 8.93
C ARG B 91 11.10 22.72 9.11
N VAL B 92 11.68 22.26 8.01
CA VAL B 92 12.61 21.14 8.02
C VAL B 92 14.03 21.70 8.09
N PRO B 93 14.77 21.46 9.18
CA PRO B 93 16.10 22.05 9.31
C PRO B 93 17.11 21.39 8.39
N CYS B 94 18.18 22.12 8.11
CA CYS B 94 19.26 21.61 7.27
C CYS B 94 20.14 20.66 8.07
N LYS B 95 20.45 19.52 7.48
CA LYS B 95 21.30 18.49 8.06
C LYS B 95 22.31 18.04 7.03
N PRO B 96 23.42 17.45 7.45
CA PRO B 96 24.47 17.08 6.48
C PRO B 96 24.01 16.10 5.43
N GLU B 97 22.92 15.37 5.66
CA GLU B 97 22.38 14.44 4.67
C GLU B 97 21.32 15.08 3.79
N THR B 98 21.19 16.41 3.81
CA THR B 98 20.28 17.10 2.90
C THR B 98 20.76 16.95 1.46
N VAL B 99 19.82 16.77 0.54
CA VAL B 99 20.11 16.56 -0.87
C VAL B 99 19.71 17.80 -1.64
N MET B 100 20.67 18.39 -2.36
CA MET B 100 20.41 19.61 -3.12
C MET B 100 20.86 19.44 -4.57
N ARG B 101 20.83 20.52 -5.33
CA ARG B 101 21.20 20.50 -6.75
C ARG B 101 22.64 20.95 -6.93
N ILE B 102 23.43 20.13 -7.61
CA ILE B 102 24.74 20.53 -8.11
C ILE B 102 24.61 20.81 -9.60
N ALA B 103 24.78 22.08 -9.99
CA ALA B 103 24.41 22.47 -11.35
C ALA B 103 25.56 22.26 -12.33
N SER B 104 26.67 22.96 -12.14
CA SER B 104 27.78 22.90 -13.07
C SER B 104 28.87 21.92 -12.65
N ILE B 105 28.89 21.51 -11.37
CA ILE B 105 29.85 20.51 -10.92
C ILE B 105 29.69 19.19 -11.64
N SER B 106 28.48 18.89 -12.13
CA SER B 106 28.24 17.66 -12.88
C SER B 106 29.18 17.50 -14.05
N LYS B 107 29.51 18.59 -14.75
CA LYS B 107 30.48 18.51 -15.84
C LYS B 107 31.77 17.85 -15.40
N SER B 108 32.28 18.22 -14.22
CA SER B 108 33.49 17.58 -13.70
C SER B 108 33.33 16.07 -13.67
N LEU B 109 32.21 15.59 -13.14
CA LEU B 109 31.98 14.15 -13.10
C LEU B 109 32.06 13.55 -14.49
N THR B 110 31.46 14.23 -15.47
CA THR B 110 31.51 13.75 -16.86
C THR B 110 32.95 13.52 -17.29
N MET B 111 33.84 14.46 -16.97
CA MET B 111 35.24 14.31 -17.35
C MET B 111 35.79 12.98 -16.87
N VAL B 112 35.49 12.61 -15.62
CA VAL B 112 36.00 11.35 -15.09
C VAL B 112 35.60 10.20 -16.00
N ALA B 113 34.32 10.13 -16.37
CA ALA B 113 33.89 9.08 -17.27
C ALA B 113 34.69 9.13 -18.56
N LEU B 114 34.82 10.32 -19.16
CA LEU B 114 35.60 10.44 -20.37
C LEU B 114 37.02 9.95 -20.15
N ALA B 115 37.62 10.33 -19.01
CA ALA B 115 38.98 9.88 -18.73
C ALA B 115 39.06 8.36 -18.76
N LYS B 116 38.09 7.70 -18.13
CA LYS B 116 38.08 6.24 -18.14
C LYS B 116 37.96 5.69 -19.57
N LEU B 117 37.11 6.30 -20.39
CA LEU B 117 36.98 5.87 -21.78
C LEU B 117 38.23 6.22 -22.57
N TRP B 118 38.99 7.23 -22.12
CA TRP B 118 40.24 7.54 -22.78
C TRP B 118 41.32 6.53 -22.42
N GLU B 119 41.32 6.08 -21.16
CA GLU B 119 42.41 5.22 -20.70
C GLU B 119 42.35 3.85 -21.37
N ALA B 120 41.14 3.34 -21.60
CA ALA B 120 41.00 2.09 -22.32
C ALA B 120 41.32 2.25 -23.80
N GLY B 121 41.46 3.48 -24.28
CA GLY B 121 41.77 3.73 -25.67
C GLY B 121 40.57 3.72 -26.60
N LYS B 122 39.36 3.60 -26.07
CA LYS B 122 38.16 3.55 -26.90
C LYS B 122 37.74 4.91 -27.44
N LEU B 123 38.27 5.99 -26.90
CA LEU B 123 37.91 7.34 -27.32
C LEU B 123 39.16 8.14 -27.64
N ASP B 124 39.17 8.79 -28.80
CA ASP B 124 40.28 9.61 -29.26
C ASP B 124 39.82 11.05 -29.37
N LEU B 125 40.58 11.97 -28.79
CA LEU B 125 40.17 13.37 -28.72
C LEU B 125 40.34 14.10 -30.06
N ASP B 126 41.29 13.65 -30.89
CA ASP B 126 41.64 14.42 -32.09
C ASP B 126 40.60 14.25 -33.20
N ILE B 127 40.03 13.05 -33.35
CA ILE B 127 39.12 12.77 -34.46
C ILE B 127 37.84 13.60 -34.33
N PRO B 128 37.22 13.98 -35.43
CA PRO B 128 35.99 14.77 -35.35
C PRO B 128 34.84 13.98 -34.72
N VAL B 129 33.93 14.72 -34.09
CA VAL B 129 32.86 14.09 -33.32
C VAL B 129 31.85 13.37 -34.20
N GLN B 130 31.82 13.66 -35.50
CA GLN B 130 30.87 12.99 -36.38
C GLN B 130 31.16 11.51 -36.56
N HIS B 131 32.35 11.05 -36.14
CA HIS B 131 32.65 9.62 -36.18
C HIS B 131 31.71 8.84 -35.26
N TYR B 132 31.54 9.32 -34.03
CA TYR B 132 30.70 8.61 -33.07
C TYR B 132 29.22 8.89 -33.30
N VAL B 133 28.86 10.16 -33.52
CA VAL B 133 27.46 10.54 -33.67
C VAL B 133 27.23 11.16 -35.05
N PRO B 134 26.83 10.37 -36.04
CA PRO B 134 26.49 10.94 -37.36
C PRO B 134 25.30 11.87 -37.33
N GLU B 135 24.46 11.79 -36.30
CA GLU B 135 23.26 12.63 -36.24
C GLU B 135 23.60 14.10 -36.19
N PHE B 136 24.77 14.46 -35.64
CA PHE B 136 25.18 15.84 -35.62
C PHE B 136 25.56 16.29 -37.02
N PRO B 137 24.92 17.31 -37.58
CA PRO B 137 25.21 17.70 -38.96
C PRO B 137 26.60 18.27 -39.12
N GLU B 138 27.18 18.05 -40.30
CA GLU B 138 28.45 18.66 -40.64
C GLU B 138 28.30 20.18 -40.73
N LYS B 139 29.18 20.90 -40.05
CA LYS B 139 29.06 22.34 -39.93
C LYS B 139 30.13 23.04 -40.77
N GLU B 140 29.78 24.24 -41.24
CA GLU B 140 30.69 25.06 -42.03
C GLU B 140 30.62 26.48 -41.51
N TYR B 141 31.77 27.16 -41.49
CA TYR B 141 31.87 28.54 -41.02
C TYR B 141 32.48 29.39 -42.14
N GLU B 142 31.72 30.38 -42.59
CA GLU B 142 32.16 31.29 -43.65
C GLU B 142 32.58 30.53 -44.90
N GLY B 143 31.81 29.51 -45.25
CA GLY B 143 32.06 28.75 -46.47
C GLY B 143 33.34 27.96 -46.49
N GLU B 144 33.73 27.36 -45.36
CA GLU B 144 34.91 26.51 -45.31
C GLU B 144 34.66 25.40 -44.31
N LYS B 145 35.36 24.28 -44.49
CA LYS B 145 35.19 23.12 -43.63
C LYS B 145 35.98 23.32 -42.34
N VAL B 146 35.28 23.18 -41.21
CA VAL B 146 35.88 23.30 -39.89
C VAL B 146 35.55 22.04 -39.09
N SER B 147 36.56 21.49 -38.43
CA SER B 147 36.42 20.24 -37.69
C SER B 147 36.05 20.53 -36.24
N VAL B 148 35.15 19.71 -35.71
CA VAL B 148 34.69 19.83 -34.32
C VAL B 148 35.14 18.56 -33.61
N THR B 149 35.99 18.72 -32.58
CA THR B 149 36.64 17.61 -31.90
C THR B 149 36.22 17.57 -30.44
N THR B 150 36.44 16.40 -29.83
CA THR B 150 36.08 16.21 -28.42
C THR B 150 36.90 17.13 -27.52
N ARG B 151 38.19 17.29 -27.82
CA ARG B 151 39.03 18.16 -27.00
C ARG B 151 38.54 19.60 -27.03
N LEU B 152 38.07 20.06 -28.19
CA LEU B 152 37.51 21.41 -28.27
C LEU B 152 36.24 21.54 -27.43
N LEU B 153 35.39 20.51 -27.45
CA LEU B 153 34.16 20.54 -26.66
C LEU B 153 34.46 20.55 -25.17
N ILE B 154 35.47 19.80 -24.74
CA ILE B 154 35.76 19.69 -23.30
C ILE B 154 36.10 21.04 -22.71
N SER B 155 36.88 21.85 -23.42
CA SER B 155 37.36 23.13 -22.92
C SER B 155 36.51 24.31 -23.41
N HIS B 156 35.33 24.03 -23.98
CA HIS B 156 34.44 25.07 -24.50
C HIS B 156 35.13 25.94 -25.54
N LEU B 157 35.82 25.31 -26.48
CA LEU B 157 36.50 26.02 -27.55
C LEU B 157 35.79 25.90 -28.90
N SER B 158 34.65 25.22 -28.95
CA SER B 158 33.86 25.12 -30.17
C SER B 158 33.01 26.38 -30.30
N GLY B 159 32.04 26.35 -31.22
CA GLY B 159 31.21 27.51 -31.45
C GLY B 159 29.76 27.30 -31.11
N ILE B 160 29.47 26.39 -30.19
CA ILE B 160 28.10 26.12 -29.79
C ILE B 160 27.57 27.28 -28.94
N ARG B 161 26.27 27.55 -29.06
CA ARG B 161 25.63 28.64 -28.34
C ARG B 161 25.26 28.19 -26.93
N HIS B 162 24.92 29.17 -26.09
CA HIS B 162 24.55 28.94 -24.69
C HIS B 162 23.31 29.75 -24.35
N TYR B 163 22.14 29.14 -24.56
CA TYR B 163 20.83 29.69 -24.18
C TYR B 163 20.52 31.01 -24.87
N GLU B 164 21.32 31.44 -25.82
CA GLU B 164 21.13 32.72 -26.50
C GLU B 164 21.07 32.49 -28.01
N LYS B 165 20.18 33.20 -28.69
CA LYS B 165 20.00 33.05 -30.13
C LYS B 165 20.42 34.27 -30.93
N ASP B 166 20.28 35.47 -30.37
CA ASP B 166 20.64 36.69 -31.09
C ASP B 166 22.15 36.77 -31.18
N ILE B 167 22.70 36.43 -32.34
CA ILE B 167 24.15 36.37 -32.52
C ILE B 167 24.77 37.75 -32.39
N LYS B 168 24.02 38.81 -32.72
CA LYS B 168 24.57 40.16 -32.63
C LYS B 168 24.91 40.53 -31.20
N LYS B 169 24.03 40.18 -30.24
CA LYS B 169 24.31 40.48 -28.84
C LYS B 169 25.55 39.74 -28.36
N VAL B 170 25.69 38.48 -28.73
CA VAL B 170 26.87 37.71 -28.31
C VAL B 170 28.13 38.29 -28.92
N LYS B 171 28.08 38.67 -30.20
CA LYS B 171 29.26 39.25 -30.84
C LYS B 171 29.63 40.58 -30.21
N GLU B 172 28.63 41.41 -29.88
CA GLU B 172 28.90 42.67 -29.20
C GLU B 172 29.52 42.43 -27.83
N GLU B 173 28.99 41.47 -27.08
CA GLU B 173 29.54 41.15 -25.77
C GLU B 173 30.99 40.69 -25.88
N LYS B 174 31.28 39.82 -26.85
CA LYS B 174 32.65 39.31 -27.01
C LYS B 174 33.59 40.43 -27.46
N ALA B 175 33.13 41.31 -28.34
CA ALA B 175 33.96 42.44 -28.75
C ALA B 175 34.26 43.37 -27.58
N TYR B 176 33.24 43.64 -26.75
CA TYR B 176 33.47 44.48 -25.57
C TYR B 176 34.44 43.82 -24.59
N LYS B 177 34.32 42.49 -24.42
CA LYS B 177 35.26 41.78 -23.57
C LYS B 177 36.68 41.84 -24.12
N ALA B 178 36.82 41.73 -25.44
CA ALA B 178 38.14 41.80 -26.05
C ALA B 178 38.78 43.17 -25.85
N LEU B 179 37.98 44.23 -25.95
CA LEU B 179 38.48 45.59 -25.76
C LEU B 179 38.78 45.85 -24.30
N ASP B 226 21.42 36.23 -17.03
CA ASP B 226 21.28 35.12 -17.97
C ASP B 226 20.11 34.23 -17.58
N PHE B 227 19.38 34.62 -16.56
CA PHE B 227 18.25 33.86 -16.06
C PHE B 227 16.92 34.27 -16.69
N GLU B 228 16.95 35.16 -17.67
CA GLU B 228 15.75 35.59 -18.38
C GLU B 228 15.43 34.70 -19.58
N GLN B 229 16.25 33.70 -19.87
CA GLN B 229 16.07 32.89 -21.05
C GLN B 229 14.92 31.91 -20.88
N GLY B 230 14.32 31.52 -22.00
CA GLY B 230 13.17 30.63 -21.95
C GLY B 230 13.53 29.15 -21.98
N GLU B 231 14.68 28.81 -22.57
CA GLU B 231 15.10 27.41 -22.59
C GLU B 231 15.45 26.89 -21.20
N LEU B 232 15.72 27.78 -20.26
CA LEU B 232 16.07 27.35 -18.91
C LEU B 232 14.88 26.71 -18.19
N TYR B 233 13.66 27.09 -18.55
CA TYR B 233 12.46 26.63 -17.87
C TYR B 233 11.67 25.63 -18.71
N LEU B 234 12.38 24.78 -19.44
CA LEU B 234 11.73 23.74 -20.23
C LEU B 234 11.08 22.70 -19.32
N ARG B 235 10.02 22.06 -19.83
CA ARG B 235 9.28 21.06 -19.08
C ARG B 235 9.21 19.70 -19.78
N GLU B 236 9.65 19.60 -21.03
CA GLU B 236 9.52 18.35 -21.77
C GLU B 236 10.47 17.29 -21.23
N LYS B 237 10.02 16.05 -21.22
CA LYS B 237 10.84 14.91 -20.81
C LYS B 237 11.46 14.28 -22.06
N PHE B 238 12.79 14.23 -22.10
CA PHE B 238 13.53 13.66 -23.21
C PHE B 238 13.98 12.25 -22.83
N GLU B 239 13.76 11.30 -23.74
CA GLU B 239 14.10 9.91 -23.45
C GLU B 239 15.60 9.72 -23.33
N ASN B 240 16.37 10.20 -24.32
CA ASN B 240 17.80 10.00 -24.36
C ASN B 240 18.48 11.25 -24.90
N SER B 241 19.80 11.16 -25.09
CA SER B 241 20.57 12.32 -25.55
C SER B 241 20.29 12.63 -27.02
N ILE B 242 19.99 11.60 -27.83
CA ILE B 242 19.69 11.83 -29.23
C ILE B 242 18.46 12.71 -29.37
N GLU B 243 17.42 12.43 -28.59
CA GLU B 243 16.22 13.26 -28.64
C GLU B 243 16.48 14.68 -28.16
N SER B 244 17.44 14.86 -27.26
CA SER B 244 17.77 16.19 -26.77
C SER B 244 18.73 16.93 -27.70
N LEU B 245 19.35 16.24 -28.65
CA LEU B 245 20.24 16.89 -29.60
C LEU B 245 19.52 17.87 -30.52
N ARG B 246 18.21 17.73 -30.67
CA ARG B 246 17.46 18.55 -31.61
C ARG B 246 17.33 20.01 -31.18
N LEU B 247 17.69 20.33 -29.94
CA LEU B 247 17.53 21.70 -29.44
C LEU B 247 18.55 22.67 -30.02
N PHE B 248 19.71 22.18 -30.45
CA PHE B 248 20.79 23.06 -30.90
C PHE B 248 21.51 22.61 -32.16
N LYS B 249 21.15 21.46 -32.74
CA LYS B 249 21.89 20.95 -33.89
C LYS B 249 21.68 21.80 -35.13
N ASN B 250 20.49 22.33 -35.32
CA ASN B 250 20.17 23.08 -36.54
C ASN B 250 20.66 24.51 -36.51
N ASP B 251 21.07 25.02 -35.35
CA ASP B 251 21.58 26.39 -35.29
C ASP B 251 22.98 26.46 -35.86
N PRO B 252 23.35 27.60 -36.45
CA PRO B 252 24.71 27.76 -36.96
C PRO B 252 25.70 28.09 -35.85
N LEU B 253 26.98 27.92 -36.17
CA LEU B 253 28.03 28.20 -35.21
C LEU B 253 28.15 29.70 -34.96
N PHE B 254 28.73 30.03 -33.81
CA PHE B 254 28.93 31.43 -33.42
C PHE B 254 30.35 31.92 -33.65
N PHE B 255 31.35 31.03 -33.53
CA PHE B 255 32.73 31.39 -33.77
C PHE B 255 33.44 30.22 -34.42
N LYS B 256 34.59 30.51 -35.02
CA LYS B 256 35.43 29.46 -35.59
C LYS B 256 35.95 28.57 -34.46
N PRO B 257 35.80 27.25 -34.57
CA PRO B 257 36.25 26.37 -33.48
C PRO B 257 37.74 26.52 -33.20
N GLY B 258 38.10 26.50 -31.92
CA GLY B 258 39.46 26.63 -31.50
C GLY B 258 39.97 28.06 -31.40
N SER B 259 39.14 29.05 -31.68
CA SER B 259 39.56 30.44 -31.70
C SER B 259 38.99 31.28 -30.56
N GLN B 260 37.69 31.16 -30.28
CA GLN B 260 37.03 31.95 -29.26
C GLN B 260 36.43 31.05 -28.20
N PHE B 261 36.60 31.42 -26.93
CA PHE B 261 36.08 30.66 -25.81
C PHE B 261 34.67 31.14 -25.48
N LEU B 262 33.71 30.21 -25.53
CA LEU B 262 32.32 30.52 -25.21
C LEU B 262 31.80 29.42 -24.30
N TYR B 263 31.51 29.77 -23.04
CA TYR B 263 30.96 28.81 -22.10
C TYR B 263 29.58 28.38 -22.56
N SER B 264 29.35 27.07 -22.59
CA SER B 264 28.06 26.54 -23.04
C SER B 264 27.83 25.17 -22.42
N THR B 265 26.55 24.79 -22.37
CA THR B 265 26.14 23.51 -21.80
C THR B 265 25.81 22.47 -22.85
N PHE B 266 25.31 22.88 -24.02
CA PHE B 266 24.93 21.93 -25.05
C PHE B 266 26.12 21.13 -25.55
N GLY B 267 27.33 21.71 -25.49
CA GLY B 267 28.51 20.95 -25.81
C GLY B 267 28.67 19.74 -24.93
N TYR B 268 28.32 19.86 -23.66
CA TYR B 268 28.39 18.70 -22.78
C TYR B 268 27.25 17.71 -23.02
N THR B 269 26.11 18.16 -23.56
CA THR B 269 25.12 17.22 -24.04
C THR B 269 25.67 16.40 -25.21
N LEU B 270 26.38 17.07 -26.12
CA LEU B 270 27.05 16.34 -27.20
C LEU B 270 28.10 15.38 -26.65
N LEU B 271 28.82 15.82 -25.61
CA LEU B 271 29.80 14.94 -24.96
C LEU B 271 29.14 13.71 -24.36
N ALA B 272 27.98 13.89 -23.74
CA ALA B 272 27.24 12.75 -23.20
C ALA B 272 26.80 11.80 -24.31
N ALA B 273 26.38 12.36 -25.44
CA ALA B 273 26.03 11.52 -26.59
C ALA B 273 27.24 10.72 -27.07
N ILE B 274 28.40 11.37 -27.14
CA ILE B 274 29.63 10.67 -27.54
C ILE B 274 29.97 9.57 -26.54
N VAL B 275 29.79 9.85 -25.25
CA VAL B 275 30.04 8.83 -24.22
C VAL B 275 29.12 7.64 -24.42
N GLU B 276 27.83 7.91 -24.68
CA GLU B 276 26.89 6.82 -24.91
C GLU B 276 27.29 6.00 -26.13
N ARG B 277 27.74 6.66 -27.20
CA ARG B 277 28.07 5.93 -28.42
C ARG B 277 29.34 5.11 -28.25
N ALA B 278 30.39 5.70 -27.64
CA ALA B 278 31.67 5.01 -27.55
C ALA B 278 31.63 3.92 -26.50
N SER B 279 30.98 4.17 -25.35
CA SER B 279 30.96 3.18 -24.29
C SER B 279 30.14 1.95 -24.67
N GLY B 280 29.12 2.13 -25.50
CA GLY B 280 28.24 1.04 -25.87
C GLY B 280 27.05 0.84 -24.96
N CYS B 281 26.98 1.57 -23.86
CA CYS B 281 25.86 1.49 -22.92
C CYS B 281 25.36 2.90 -22.63
N LYS B 282 24.23 2.96 -21.93
CA LYS B 282 23.60 4.26 -21.66
C LYS B 282 24.41 5.07 -20.66
N TYR B 283 24.29 6.39 -20.78
CA TYR B 283 25.08 7.31 -19.98
C TYR B 283 24.76 7.18 -18.49
N LEU B 284 23.48 7.05 -18.16
CA LEU B 284 23.08 7.04 -16.75
C LEU B 284 23.66 5.85 -16.00
N ASP B 285 23.63 4.66 -16.62
CA ASP B 285 24.19 3.48 -15.96
C ASP B 285 25.70 3.56 -15.83
N TYR B 286 26.37 4.14 -16.83
CA TYR B 286 27.81 4.35 -16.71
C TYR B 286 28.13 5.28 -15.54
N MET B 287 27.38 6.36 -15.41
CA MET B 287 27.59 7.28 -14.29
C MET B 287 27.27 6.61 -12.96
N GLN B 288 26.26 5.74 -12.94
CA GLN B 288 25.94 5.00 -11.73
C GLN B 288 27.07 4.05 -11.35
N LYS B 289 27.69 3.39 -12.33
CA LYS B 289 28.83 2.54 -12.04
C LYS B 289 30.00 3.35 -11.50
N ILE B 290 30.24 4.54 -12.07
CA ILE B 290 31.29 5.40 -11.55
C ILE B 290 30.99 5.82 -10.12
N PHE B 291 29.74 6.15 -9.83
CA PHE B 291 29.34 6.53 -8.48
C PHE B 291 29.55 5.38 -7.50
N HIS B 292 29.20 4.17 -7.93
CA HIS B 292 29.42 2.99 -7.09
C HIS B 292 30.90 2.76 -6.82
N ASP B 293 31.73 2.95 -7.84
CA ASP B 293 33.18 2.80 -7.66
C ASP B 293 33.73 3.83 -6.68
N LEU B 294 33.28 5.08 -6.78
CA LEU B 294 33.76 6.15 -5.92
C LEU B 294 33.08 6.18 -4.56
N ASP B 295 32.09 5.33 -4.34
CA ASP B 295 31.35 5.27 -3.07
C ASP B 295 30.46 6.48 -2.80
N MET B 296 29.89 7.07 -3.84
CA MET B 296 28.96 8.19 -3.65
C MET B 296 27.53 7.68 -3.86
N LEU B 297 26.96 7.15 -2.78
CA LEU B 297 25.69 6.44 -2.87
C LEU B 297 24.53 7.40 -3.07
N THR B 298 24.61 8.60 -2.49
CA THR B 298 23.48 9.52 -2.53
C THR B 298 23.31 10.15 -3.91
N THR B 299 24.39 10.29 -4.67
CA THR B 299 24.33 10.95 -5.96
C THR B 299 23.34 10.26 -6.89
N VAL B 300 22.49 11.06 -7.54
CA VAL B 300 21.44 10.54 -8.39
C VAL B 300 20.95 11.68 -9.29
N GLN B 301 20.33 11.32 -10.41
CA GLN B 301 19.76 12.31 -11.30
C GLN B 301 18.40 12.77 -10.80
N GLU B 302 18.09 14.05 -11.03
CA GLU B 302 16.87 14.64 -10.50
C GLU B 302 15.67 14.18 -11.30
N GLU B 303 14.68 13.61 -10.61
CA GLU B 303 13.43 13.19 -11.24
C GLU B 303 12.31 13.35 -10.23
N ASN B 304 11.12 13.74 -10.68
CA ASN B 304 10.00 14.00 -9.77
C ASN B 304 9.36 12.75 -9.18
N GLU B 305 9.06 11.76 -10.02
CA GLU B 305 8.34 10.57 -9.54
C GLU B 305 9.05 9.72 -8.47
N PRO B 306 10.36 9.40 -8.65
CA PRO B 306 10.94 8.59 -7.56
C PRO B 306 10.96 9.31 -6.23
N VAL B 307 10.87 8.56 -5.14
CA VAL B 307 10.90 9.17 -3.82
C VAL B 307 12.35 9.27 -3.40
N ILE B 308 12.84 10.49 -3.21
CA ILE B 308 14.21 10.69 -2.79
C ILE B 308 14.19 11.30 -1.41
N TYR B 309 14.77 10.63 -0.44
CA TYR B 309 14.71 11.12 0.94
C TYR B 309 15.55 12.36 1.19
N ASN B 310 15.08 13.22 2.09
CA ASN B 310 15.80 14.44 2.45
C ASN B 310 16.07 15.36 1.26
N ARG B 311 15.11 15.48 0.36
CA ARG B 311 15.27 16.37 -0.79
C ARG B 311 14.90 17.81 -0.40
N ALA B 312 15.81 18.75 -0.64
CA ALA B 312 15.57 20.14 -0.28
C ALA B 312 14.70 20.92 -1.25
N ARG B 313 14.17 22.05 -0.80
CA ARG B 313 13.36 22.90 -1.67
C ARG B 313 14.20 24.06 -2.18
N PHE B 314 13.77 24.72 -3.24
CA PHE B 314 14.54 25.79 -3.86
C PHE B 314 13.69 27.04 -3.99
N TYR B 315 14.28 28.18 -3.65
CA TYR B 315 13.55 29.43 -3.47
C TYR B 315 14.23 30.57 -4.23
N VAL B 316 13.50 31.68 -4.37
CA VAL B 316 14.01 32.85 -5.06
C VAL B 316 13.22 34.06 -4.58
N TYR B 317 13.82 35.25 -4.67
CA TYR B 317 13.14 36.49 -4.33
C TYR B 317 12.45 37.06 -5.56
N ASN B 318 11.23 37.56 -5.37
CA ASN B 318 10.44 38.09 -6.45
C ASN B 318 10.61 39.61 -6.53
N LYS B 319 9.80 40.26 -7.36
CA LYS B 319 9.96 41.70 -7.60
C LYS B 319 9.65 42.51 -6.35
N LYS B 320 8.72 42.04 -5.51
CA LYS B 320 8.34 42.76 -4.30
C LYS B 320 9.27 42.48 -3.13
N LYS B 321 10.43 41.87 -3.37
CA LYS B 321 11.39 41.52 -2.33
C LYS B 321 10.80 40.56 -1.31
N ARG B 322 10.10 39.54 -1.80
CA ARG B 322 9.52 38.50 -0.97
C ARG B 322 9.99 37.13 -1.47
N LEU B 323 10.12 36.19 -0.54
CA LEU B 323 10.56 34.85 -0.88
C LEU B 323 9.42 34.07 -1.51
N VAL B 324 9.72 33.35 -2.60
CA VAL B 324 8.75 32.52 -3.30
C VAL B 324 9.46 31.28 -3.81
N ASN B 325 8.66 30.34 -4.31
CA ASN B 325 9.17 29.10 -4.86
C ASN B 325 9.50 29.26 -6.34
N THR B 326 10.58 28.62 -6.77
CA THR B 326 10.95 28.64 -8.17
C THR B 326 9.98 27.81 -8.99
N PRO B 327 9.80 28.13 -10.27
CA PRO B 327 8.89 27.33 -11.11
C PRO B 327 9.39 25.91 -11.30
N TYR B 328 8.44 25.02 -11.54
CA TYR B 328 8.77 23.62 -11.78
C TYR B 328 9.50 23.48 -13.11
N VAL B 329 10.64 22.79 -13.09
CA VAL B 329 11.48 22.64 -14.27
C VAL B 329 11.83 21.16 -14.46
N ASP B 330 12.21 20.83 -15.69
CA ASP B 330 12.65 19.48 -16.05
C ASP B 330 14.03 19.60 -16.69
N ASN B 331 15.00 18.86 -16.14
CA ASN B 331 16.39 18.94 -16.58
C ASN B 331 16.83 17.69 -17.33
N SER B 332 15.90 16.97 -17.95
CA SER B 332 16.24 15.74 -18.66
C SER B 332 17.08 15.98 -19.90
N TYR B 333 17.15 17.22 -20.38
CA TYR B 333 17.91 17.52 -21.59
C TYR B 333 19.36 17.90 -21.32
N LYS B 334 19.74 18.10 -20.06
CA LYS B 334 21.11 18.49 -19.72
C LYS B 334 21.61 17.67 -18.53
N TRP B 335 21.44 16.34 -18.60
CA TRP B 335 21.95 15.47 -17.55
C TRP B 335 23.43 15.72 -17.28
N ALA B 336 24.25 15.72 -18.33
CA ALA B 336 25.68 15.86 -18.16
C ALA B 336 26.08 17.28 -17.77
N GLY B 337 25.20 18.26 -18.00
CA GLY B 337 25.58 19.63 -17.79
C GLY B 337 24.94 20.31 -16.60
N GLY B 338 23.71 19.95 -16.25
CA GLY B 338 23.03 20.66 -15.18
C GLY B 338 22.15 19.86 -14.24
N GLY B 339 22.03 18.55 -14.43
CA GLY B 339 21.10 17.81 -13.59
C GLY B 339 21.70 16.67 -12.80
N PHE B 340 21.77 16.83 -11.48
CA PHE B 340 22.26 15.83 -10.54
C PHE B 340 21.98 16.31 -9.13
N LEU B 341 21.61 15.37 -8.25
CA LEU B 341 21.37 15.66 -6.85
C LEU B 341 22.40 14.94 -5.99
N SER B 342 22.96 15.64 -5.01
CA SER B 342 24.00 15.06 -4.17
C SER B 342 24.10 15.87 -2.89
N THR B 343 24.79 15.30 -1.91
CA THR B 343 25.10 15.96 -0.65
C THR B 343 26.54 16.45 -0.67
N VAL B 344 27.02 16.93 0.49
CA VAL B 344 28.40 17.40 0.56
C VAL B 344 29.38 16.24 0.76
N GLY B 345 28.93 15.14 1.37
CA GLY B 345 29.82 14.01 1.59
C GLY B 345 30.32 13.39 0.29
N ASP B 346 29.42 13.27 -0.69
CA ASP B 346 29.83 12.72 -1.99
C ASP B 346 30.83 13.63 -2.67
N LEU B 347 30.64 14.94 -2.60
CA LEU B 347 31.59 15.87 -3.20
C LEU B 347 32.94 15.80 -2.49
N LEU B 348 32.93 15.65 -1.17
CA LEU B 348 34.18 15.48 -0.43
C LEU B 348 34.90 14.21 -0.87
N LYS B 349 34.17 13.11 -1.04
CA LYS B 349 34.79 11.86 -1.49
C LYS B 349 35.36 12.01 -2.89
N PHE B 350 34.62 12.67 -3.78
CA PHE B 350 35.11 12.89 -5.14
C PHE B 350 36.39 13.72 -5.14
N GLY B 351 36.41 14.79 -4.36
CA GLY B 351 37.62 15.60 -4.27
C GLY B 351 38.80 14.84 -3.69
N ASN B 352 38.55 14.02 -2.68
CA ASN B 352 39.62 13.23 -2.09
C ASN B 352 40.17 12.21 -3.10
N ALA B 353 39.31 11.58 -3.87
CA ALA B 353 39.78 10.65 -4.89
C ALA B 353 40.62 11.36 -5.94
N MET B 354 40.17 12.54 -6.39
CA MET B 354 40.95 13.31 -7.35
C MET B 354 42.31 13.69 -6.79
N LEU B 355 42.34 14.15 -5.53
CA LEU B 355 43.60 14.56 -4.92
C LEU B 355 44.56 13.39 -4.77
N TYR B 356 44.06 12.23 -4.34
CA TYR B 356 44.91 11.06 -4.21
C TYR B 356 45.47 10.64 -5.56
N GLY B 357 44.62 10.62 -6.59
CA GLY B 357 45.11 10.29 -7.92
C GLY B 357 46.16 11.26 -8.42
N TYR B 358 46.01 12.54 -8.07
CA TYR B 358 46.98 13.54 -8.47
C TYR B 358 48.32 13.35 -7.76
N GLN B 359 48.27 13.08 -6.45
CA GLN B 359 49.49 13.12 -5.64
C GLN B 359 50.19 11.78 -5.47
N VAL B 360 49.57 10.66 -5.83
CA VAL B 360 50.19 9.37 -5.59
C VAL B 360 51.46 9.18 -6.42
N GLY B 361 51.60 9.87 -7.55
CA GLY B 361 52.76 9.68 -8.38
C GLY B 361 54.06 10.04 -7.69
N LEU B 362 54.06 11.15 -6.95
CA LEU B 362 55.26 11.56 -6.23
C LEU B 362 55.62 10.56 -5.14
N PHE B 363 54.63 10.07 -4.39
CA PHE B 363 54.90 9.15 -3.29
C PHE B 363 55.20 7.73 -3.75
N LYS B 364 54.89 7.41 -5.02
CA LYS B 364 55.10 6.04 -5.49
C LYS B 364 56.55 5.61 -5.39
N ASN B 365 57.49 6.53 -5.61
CA ASN B 365 58.91 6.17 -5.57
C ASN B 365 59.33 5.74 -4.16
N SER B 366 58.87 6.44 -3.14
CA SER B 366 59.32 6.15 -1.77
C SER B 366 58.84 4.79 -1.30
N ASN B 367 57.54 4.50 -1.43
CA ASN B 367 56.96 3.28 -0.92
C ASN B 367 56.18 2.58 -2.02
N GLU B 368 56.15 1.25 -1.95
CA GLU B 368 55.41 0.43 -2.90
C GLU B 368 54.15 -0.17 -2.29
N ASN B 369 53.80 0.19 -1.06
CA ASN B 369 52.61 -0.31 -0.39
C ASN B 369 51.39 0.57 -0.60
N LEU B 370 51.51 1.60 -1.44
CA LEU B 370 50.39 2.50 -1.71
C LEU B 370 49.56 1.97 -2.87
N LEU B 371 48.24 2.04 -2.71
CA LEU B 371 47.33 1.58 -3.75
C LEU B 371 47.33 2.55 -4.93
N PRO B 372 47.07 2.06 -6.13
CA PRO B 372 47.00 2.95 -7.29
C PRO B 372 45.79 3.87 -7.21
N GLY B 373 45.91 5.04 -7.84
CA GLY B 373 44.82 5.97 -7.90
C GLY B 373 43.73 5.52 -8.85
N TYR B 374 42.60 6.22 -8.82
CA TYR B 374 41.50 5.87 -9.70
C TYR B 374 41.86 6.10 -11.17
N LEU B 375 42.59 7.17 -11.46
CA LEU B 375 43.05 7.48 -12.79
C LEU B 375 44.57 7.56 -12.82
N LYS B 376 45.14 7.31 -13.99
CA LYS B 376 46.59 7.33 -14.13
C LYS B 376 47.14 8.73 -13.88
N PRO B 377 48.36 8.84 -13.34
CA PRO B 377 48.91 10.17 -13.04
C PRO B 377 49.02 11.09 -14.25
N GLU B 378 49.31 10.55 -15.43
CA GLU B 378 49.37 11.39 -16.62
C GLU B 378 48.01 12.01 -16.94
N THR B 379 46.93 11.24 -16.80
CA THR B 379 45.60 11.80 -17.00
C THR B 379 45.30 12.88 -15.98
N MET B 380 45.69 12.66 -14.73
CA MET B 380 45.40 13.63 -13.67
C MET B 380 46.17 14.93 -13.90
N VAL B 381 47.44 14.84 -14.33
CA VAL B 381 48.17 16.07 -14.62
C VAL B 381 47.72 16.70 -15.93
N MET B 382 47.05 15.94 -16.80
CA MET B 382 46.44 16.54 -17.98
C MET B 382 45.18 17.31 -17.63
N MET B 383 44.39 16.83 -16.66
CA MET B 383 43.16 17.52 -16.29
C MET B 383 43.44 18.92 -15.78
N TRP B 384 44.41 19.06 -14.87
CA TRP B 384 44.63 20.32 -14.17
C TRP B 384 45.75 21.15 -14.81
N THR B 385 45.94 21.00 -16.12
CA THR B 385 46.87 21.83 -16.86
C THR B 385 46.09 22.90 -17.61
N PRO B 386 46.25 24.18 -17.28
CA PRO B 386 45.39 25.20 -17.88
C PRO B 386 45.56 25.29 -19.40
N VAL B 387 44.46 25.57 -20.08
CA VAL B 387 44.44 25.69 -21.53
C VAL B 387 44.45 27.17 -21.89
N PRO B 388 45.34 27.61 -22.79
CA PRO B 388 45.45 29.04 -23.09
C PRO B 388 44.22 29.57 -23.79
N ASN B 389 44.11 30.91 -23.80
CA ASN B 389 43.01 31.62 -24.45
C ASN B 389 41.66 31.21 -23.85
N THR B 390 41.62 31.06 -22.53
CA THR B 390 40.39 30.73 -21.82
C THR B 390 40.25 31.64 -20.61
N GLU B 391 39.01 31.83 -20.18
CA GLU B 391 38.69 32.66 -19.03
C GLU B 391 37.91 31.84 -18.00
N MET B 392 38.13 32.17 -16.73
CA MET B 392 37.47 31.50 -15.61
C MET B 392 36.67 32.57 -14.88
N SER B 393 35.35 32.39 -14.83
CA SER B 393 34.46 33.50 -14.45
C SER B 393 34.62 33.88 -12.98
N TRP B 394 34.77 32.90 -12.09
CA TRP B 394 34.68 33.15 -10.65
C TRP B 394 35.99 33.62 -10.03
N ASP B 395 37.06 33.75 -10.81
CA ASP B 395 38.28 34.43 -10.36
C ASP B 395 39.11 34.75 -11.59
N LYS B 396 39.60 35.98 -11.67
CA LYS B 396 40.26 36.46 -12.89
C LYS B 396 41.56 35.73 -13.16
N GLU B 397 42.26 35.28 -12.12
CA GLU B 397 43.58 34.69 -12.32
C GLU B 397 43.53 33.28 -12.90
N GLY B 398 42.39 32.61 -12.81
CA GLY B 398 42.30 31.23 -13.24
C GLY B 398 42.11 31.07 -14.74
N LYS B 399 42.30 29.84 -15.19
CA LYS B 399 42.04 29.44 -16.56
C LYS B 399 41.31 28.11 -16.54
N TYR B 400 40.54 27.85 -17.59
CA TYR B 400 39.67 26.69 -17.66
C TYR B 400 40.42 25.49 -18.25
N ALA B 401 40.32 24.34 -17.59
CA ALA B 401 41.10 23.17 -17.98
C ALA B 401 40.31 21.92 -17.62
N MET B 402 39.64 21.32 -18.61
CA MET B 402 38.98 20.02 -18.49
C MET B 402 37.95 20.04 -17.35
N ALA B 403 36.93 20.89 -17.54
CA ALA B 403 35.83 21.06 -16.60
C ALA B 403 36.31 21.41 -15.19
N TRP B 404 37.39 22.19 -15.09
CA TRP B 404 37.90 22.63 -13.82
C TRP B 404 38.44 24.04 -13.96
N GLY B 405 38.41 24.79 -12.87
CA GLY B 405 39.03 26.09 -12.84
C GLY B 405 40.30 26.08 -12.01
N VAL B 406 41.45 26.22 -12.66
CA VAL B 406 42.74 25.99 -12.02
C VAL B 406 43.46 27.33 -11.87
N VAL B 407 43.92 27.62 -10.66
CA VAL B 407 44.76 28.78 -10.40
C VAL B 407 46.15 28.28 -10.03
N GLU B 408 47.14 28.66 -10.82
CA GLU B 408 48.51 28.18 -10.67
C GLU B 408 49.26 29.00 -9.63
N ARG B 409 50.47 28.54 -9.31
CA ARG B 409 51.31 29.17 -8.31
C ARG B 409 52.38 29.99 -9.00
N LYS B 410 52.52 31.26 -8.59
CA LYS B 410 53.56 32.12 -9.12
C LYS B 410 53.74 33.31 -8.20
N GLN B 411 54.95 33.87 -8.21
CA GLN B 411 55.30 35.07 -7.46
C GLN B 411 56.25 35.88 -8.34
N THR B 412 55.69 36.79 -9.14
CA THR B 412 56.48 37.49 -10.14
C THR B 412 57.43 38.50 -9.51
N TYR B 413 57.00 39.17 -8.44
CA TYR B 413 57.80 40.18 -7.77
C TYR B 413 58.13 39.74 -6.35
N GLY B 414 59.24 40.25 -5.83
CA GLY B 414 59.61 39.95 -4.47
C GLY B 414 58.80 40.74 -3.46
N SER B 415 58.54 40.11 -2.31
CA SER B 415 57.74 40.69 -1.23
C SER B 415 56.37 41.15 -1.75
N CYS B 416 55.78 40.36 -2.63
CA CYS B 416 54.48 40.67 -3.19
C CYS B 416 53.53 39.50 -3.04
N ARG B 417 52.37 39.56 -3.67
CA ARG B 417 51.38 38.51 -3.55
C ARG B 417 51.92 37.19 -4.09
N LYS B 418 51.73 36.12 -3.32
CA LYS B 418 52.15 34.77 -3.70
C LYS B 418 50.89 33.95 -3.96
N GLN B 419 50.63 33.66 -5.24
CA GLN B 419 49.45 32.90 -5.60
C GLN B 419 49.55 31.47 -5.09
N ARG B 420 48.43 30.91 -4.67
CA ARG B 420 48.33 29.54 -4.20
C ARG B 420 47.64 28.69 -5.25
N HIS B 421 48.26 27.57 -5.63
CA HIS B 421 47.68 26.68 -6.61
C HIS B 421 46.47 25.96 -6.03
N TYR B 422 45.37 25.97 -6.78
CA TYR B 422 44.17 25.27 -6.34
C TYR B 422 43.26 25.04 -7.53
N ALA B 423 42.22 24.22 -7.34
CA ALA B 423 41.27 23.93 -8.43
C ALA B 423 39.83 23.96 -7.95
N SER B 424 39.00 24.84 -8.53
CA SER B 424 37.62 24.97 -8.09
C SER B 424 36.60 25.07 -9.21
N HIS B 425 35.41 24.52 -9.00
CA HIS B 425 34.33 24.68 -9.99
C HIS B 425 33.06 25.17 -9.29
N THR B 426 32.38 26.13 -9.88
CA THR B 426 31.17 26.69 -9.26
C THR B 426 29.91 26.45 -10.08
N GLY B 427 28.84 26.01 -9.42
CA GLY B 427 27.60 25.71 -10.11
C GLY B 427 26.39 26.51 -9.68
N GLY B 428 25.61 27.01 -10.65
CA GLY B 428 24.41 27.77 -10.34
C GLY B 428 23.19 27.38 -11.16
N ALA B 429 22.06 27.11 -10.51
CA ALA B 429 20.85 26.72 -11.21
C ALA B 429 19.67 27.52 -10.67
N VAL B 430 18.46 27.12 -11.02
CA VAL B 430 17.26 27.78 -10.52
C VAL B 430 17.13 27.47 -9.02
N GLY B 431 17.36 28.48 -8.19
CA GLY B 431 17.28 28.32 -6.75
C GLY B 431 18.30 27.38 -6.15
N ALA B 432 19.55 27.43 -6.60
CA ALA B 432 20.57 26.55 -6.07
C ALA B 432 21.94 27.08 -6.46
N SER B 433 22.84 27.16 -5.48
CA SER B 433 24.22 27.56 -5.70
C SER B 433 25.14 26.57 -4.99
N SER B 434 26.28 26.27 -5.60
CA SER B 434 27.20 25.32 -5.01
C SER B 434 28.62 25.63 -5.44
N VAL B 435 29.58 25.20 -4.62
CA VAL B 435 31.00 25.33 -4.94
C VAL B 435 31.72 24.10 -4.42
N LEU B 436 32.66 23.60 -5.23
CA LEU B 436 33.57 22.53 -4.83
C LEU B 436 34.99 23.01 -5.06
N LEU B 437 35.81 22.99 -4.02
CA LEU B 437 37.17 23.52 -4.07
C LEU B 437 38.16 22.52 -3.51
N VAL B 438 39.29 22.37 -4.19
CA VAL B 438 40.37 21.48 -3.78
C VAL B 438 41.64 22.31 -3.67
N LEU B 439 42.22 22.35 -2.48
CA LEU B 439 43.47 23.06 -2.22
C LEU B 439 44.56 22.05 -1.89
N PRO B 440 45.44 21.73 -2.83
CA PRO B 440 46.52 20.79 -2.53
C PRO B 440 47.57 21.41 -1.62
N GLU B 441 48.18 20.57 -0.80
CA GLU B 441 49.26 21.03 0.07
C GLU B 441 50.60 20.91 -0.63
N GLU B 442 51.43 21.94 -0.50
CA GLU B 442 52.77 21.88 -1.04
C GLU B 442 53.61 20.87 -0.28
N LEU B 443 54.45 20.15 -1.00
CA LEU B 443 55.19 19.01 -0.45
C LEU B 443 56.65 19.39 -0.23
N ASP B 444 57.22 18.88 0.86
CA ASP B 444 58.60 19.14 1.22
C ASP B 444 59.39 17.84 1.22
N THR B 445 60.64 17.92 1.65
CA THR B 445 61.53 16.77 1.65
C THR B 445 61.05 15.66 2.58
N GLU B 446 60.72 16.01 3.82
CA GLU B 446 60.32 15.00 4.79
C GLU B 446 58.88 14.54 4.55
N THR B 447 58.06 15.39 3.95
CA THR B 447 56.65 15.06 3.77
C THR B 447 56.48 13.86 2.85
N ILE B 448 57.24 13.83 1.75
CA ILE B 448 57.10 12.72 0.80
C ILE B 448 57.57 11.41 1.41
N ASN B 449 58.61 11.47 2.26
CA ASN B 449 59.15 10.25 2.85
C ASN B 449 58.24 9.72 3.96
N ASN B 450 57.74 10.60 4.81
CA ASN B 450 57.02 10.18 6.01
C ASN B 450 55.50 10.13 5.82
N LYS B 451 54.91 11.18 5.27
CA LYS B 451 53.47 11.27 5.18
C LYS B 451 52.93 10.30 4.12
N VAL B 452 51.61 10.29 4.00
CA VAL B 452 50.91 9.39 3.08
C VAL B 452 49.82 10.18 2.36
N PRO B 453 49.55 9.91 1.09
CA PRO B 453 48.47 10.64 0.39
C PRO B 453 47.12 10.27 0.95
N PRO B 454 46.11 11.14 0.82
CA PRO B 454 46.18 12.48 0.23
C PRO B 454 46.66 13.55 1.20
N ARG B 455 47.16 14.66 0.67
CA ARG B 455 47.62 15.78 1.48
C ARG B 455 47.02 17.07 0.90
N GLY B 456 45.92 17.53 1.49
CA GLY B 456 45.26 18.73 1.00
C GLY B 456 43.95 18.93 1.74
N ILE B 457 43.17 19.87 1.23
CA ILE B 457 41.87 20.21 1.81
C ILE B 457 40.82 20.25 0.73
N ILE B 458 39.63 19.74 1.04
CA ILE B 458 38.47 19.81 0.14
C ILE B 458 37.34 20.51 0.86
N VAL B 459 36.77 21.52 0.22
CA VAL B 459 35.67 22.30 0.78
C VAL B 459 34.49 22.26 -0.19
N SER B 460 33.32 21.89 0.32
CA SER B 460 32.10 21.87 -0.48
C SER B 460 31.03 22.68 0.22
N ILE B 461 30.36 23.56 -0.54
CA ILE B 461 29.29 24.38 0.00
C ILE B 461 28.09 24.32 -0.94
N ILE B 462 26.90 24.13 -0.38
CA ILE B 462 25.67 24.14 -1.18
C ILE B 462 24.60 24.94 -0.44
N CYS B 463 23.88 25.78 -1.18
CA CYS B 463 22.76 26.53 -0.62
C CYS B 463 21.60 26.55 -1.62
N ASN B 464 20.39 26.64 -1.08
CA ASN B 464 19.18 26.66 -1.91
C ASN B 464 18.75 28.10 -2.15
N MET B 465 19.58 28.80 -2.92
CA MET B 465 19.32 30.19 -3.26
C MET B 465 19.90 30.43 -4.66
N GLN B 466 19.38 31.43 -5.35
CA GLN B 466 19.76 31.63 -6.74
C GLN B 466 20.72 32.82 -6.88
N SER B 467 21.71 32.64 -7.74
CA SER B 467 22.72 33.65 -8.05
C SER B 467 23.50 34.07 -6.81
N VAL B 468 24.23 33.09 -6.27
CA VAL B 468 25.10 33.29 -5.11
C VAL B 468 26.51 32.87 -5.49
N GLY B 469 27.48 33.76 -5.27
CA GLY B 469 28.87 33.43 -5.51
C GLY B 469 29.57 32.92 -4.27
N LEU B 470 29.93 31.64 -4.27
CA LEU B 470 30.45 30.97 -3.08
C LEU B 470 31.93 30.63 -3.17
N ASN B 471 32.64 31.11 -4.19
CA ASN B 471 34.03 30.74 -4.36
C ASN B 471 34.92 31.36 -3.29
N SER B 472 34.75 32.67 -3.04
CA SER B 472 35.62 33.38 -2.11
C SER B 472 35.47 32.84 -0.69
N THR B 473 34.24 32.56 -0.27
CA THR B 473 34.02 32.02 1.07
C THR B 473 34.68 30.64 1.21
N ALA B 474 34.56 29.81 0.19
CA ALA B 474 35.21 28.50 0.23
C ALA B 474 36.72 28.64 0.31
N LEU B 475 37.29 29.57 -0.46
CA LEU B 475 38.74 29.79 -0.40
C LEU B 475 39.17 30.25 0.99
N LYS B 476 38.41 31.17 1.59
CA LYS B 476 38.77 31.65 2.92
C LYS B 476 38.67 30.54 3.95
N ILE B 477 37.63 29.70 3.87
CA ILE B 477 37.51 28.58 4.80
C ILE B 477 38.67 27.62 4.62
N ALA B 478 39.04 27.32 3.38
CA ALA B 478 40.15 26.41 3.12
C ALA B 478 41.45 26.95 3.69
N LEU B 479 41.72 28.26 3.49
CA LEU B 479 42.94 28.85 4.03
C LEU B 479 42.93 28.84 5.56
N GLU B 480 41.77 29.13 6.16
CA GLU B 480 41.67 29.11 7.63
C GLU B 480 41.95 27.71 8.17
N PHE B 481 41.44 26.68 7.51
CA PHE B 481 41.72 25.32 7.97
C PHE B 481 43.16 24.92 7.68
N ASP B 482 43.76 25.46 6.63
CA ASP B 482 45.14 25.13 6.29
C ASP B 482 46.14 25.81 7.21
N LYS B 483 45.75 26.94 7.82
CA LYS B 483 46.69 27.67 8.67
C LYS B 483 47.17 26.82 9.85
N ASP B 484 46.24 26.20 10.58
CA ASP B 484 46.59 25.35 11.71
C ASP B 484 46.52 23.88 11.28
N ARG B 485 47.56 23.46 10.55
CA ARG B 485 47.62 22.08 10.08
C ARG B 485 47.80 21.10 11.24
N SER B 486 48.76 21.38 12.12
CA SER B 486 49.05 20.49 13.24
C SER B 486 48.94 21.22 14.57
N CYS C 43 -33.36 -4.10 34.74
CA CYS C 43 -34.75 -4.44 34.47
C CYS C 43 -34.92 -5.93 34.25
N PHE C 44 -33.83 -6.59 33.82
CA PHE C 44 -33.83 -8.02 33.56
C PHE C 44 -32.69 -8.72 34.32
N ALA C 45 -32.42 -8.28 35.55
CA ALA C 45 -31.23 -8.74 36.26
C ALA C 45 -31.27 -10.24 36.55
N ARG C 46 -32.42 -10.78 36.95
CA ARG C 46 -32.49 -12.18 37.32
C ARG C 46 -32.24 -13.09 36.12
N ALA C 47 -32.93 -12.81 35.01
CA ALA C 47 -32.82 -13.66 33.82
C ALA C 47 -31.42 -13.62 33.24
N ILE C 48 -30.72 -12.49 33.35
CA ILE C 48 -29.37 -12.40 32.80
C ILE C 48 -28.44 -13.39 33.48
N GLU C 49 -28.44 -13.41 34.81
CA GLU C 49 -27.60 -14.35 35.55
C GLU C 49 -28.07 -15.78 35.35
N SER C 50 -29.37 -16.01 35.38
CA SER C 50 -29.89 -17.37 35.25
C SER C 50 -29.60 -17.94 33.87
N SER C 51 -29.44 -17.08 32.86
CA SER C 51 -29.10 -17.55 31.52
C SER C 51 -27.59 -17.66 31.33
N ARG C 52 -26.81 -16.79 31.98
CA ARG C 52 -25.37 -16.94 31.98
C ARG C 52 -24.96 -18.27 32.61
N ASP C 53 -25.71 -18.73 33.61
CA ASP C 53 -25.44 -20.03 34.20
C ASP C 53 -25.57 -21.13 33.16
N LEU C 54 -26.65 -21.10 32.37
CA LEU C 54 -26.84 -22.11 31.34
C LEU C 54 -25.79 -22.00 30.24
N LEU C 55 -25.38 -20.77 29.91
CA LEU C 55 -24.31 -20.58 28.94
C LEU C 55 -23.03 -21.26 29.41
N HIS C 56 -22.66 -21.05 30.68
CA HIS C 56 -21.47 -21.71 31.21
C HIS C 56 -21.65 -23.23 31.24
N ARG C 57 -22.85 -23.70 31.54
CA ARG C 57 -23.10 -25.13 31.55
C ARG C 57 -22.86 -25.74 30.19
N ILE C 58 -23.44 -25.16 29.15
CA ILE C 58 -23.31 -25.73 27.81
C ILE C 58 -21.89 -25.55 27.28
N LYS C 59 -21.20 -24.48 27.70
CA LYS C 59 -19.81 -24.30 27.28
C LYS C 59 -18.90 -25.33 27.93
N ASP C 60 -19.13 -25.63 29.21
CA ASP C 60 -18.29 -26.59 29.92
C ASP C 60 -18.56 -28.02 29.46
N GLU C 61 -19.81 -28.31 29.11
CA GLU C 61 -20.17 -29.69 28.75
C GLU C 61 -19.44 -30.16 27.49
N VAL C 62 -19.22 -29.28 26.52
CA VAL C 62 -18.56 -29.67 25.28
C VAL C 62 -17.17 -29.07 25.13
N GLY C 63 -16.77 -28.16 26.01
CA GLY C 63 -15.45 -27.57 25.92
C GLY C 63 -15.27 -26.57 24.80
N ALA C 64 -16.34 -25.94 24.33
CA ALA C 64 -16.23 -25.00 23.24
C ALA C 64 -15.39 -23.80 23.65
N PRO C 65 -14.38 -23.41 22.88
CA PRO C 65 -13.55 -22.26 23.27
C PRO C 65 -14.32 -20.95 23.40
N GLY C 66 -15.38 -20.76 22.62
CA GLY C 66 -16.12 -19.51 22.67
C GLY C 66 -17.58 -19.70 22.32
N ILE C 67 -18.39 -18.76 22.79
CA ILE C 67 -19.83 -18.78 22.53
C ILE C 67 -20.34 -17.35 22.59
N VAL C 68 -21.36 -17.07 21.76
CA VAL C 68 -21.98 -15.75 21.70
C VAL C 68 -23.50 -15.94 21.71
N VAL C 69 -24.18 -15.08 22.48
CA VAL C 69 -25.63 -15.16 22.63
C VAL C 69 -26.23 -13.77 22.46
N GLY C 70 -27.42 -13.74 21.85
CA GLY C 70 -28.20 -12.54 21.71
C GLY C 70 -29.67 -12.78 21.99
N VAL C 71 -30.24 -12.04 22.93
CA VAL C 71 -31.63 -12.20 23.34
C VAL C 71 -32.33 -10.86 23.20
N SER C 72 -33.45 -10.85 22.47
CA SER C 72 -34.26 -9.67 22.26
C SER C 72 -35.71 -9.97 22.64
N VAL C 73 -36.31 -9.08 23.42
CA VAL C 73 -37.69 -9.22 23.85
C VAL C 73 -38.45 -7.95 23.45
N ASP C 74 -39.64 -8.13 22.87
CA ASP C 74 -40.50 -7.02 22.44
C ASP C 74 -39.78 -6.11 21.43
N GLY C 75 -39.05 -6.72 20.50
CA GLY C 75 -38.44 -5.98 19.42
C GLY C 75 -37.23 -5.15 19.79
N LYS C 76 -36.72 -5.29 21.01
CA LYS C 76 -35.54 -4.55 21.45
C LYS C 76 -34.49 -5.52 21.96
N GLU C 77 -33.25 -5.32 21.52
CA GLU C 77 -32.15 -6.16 21.95
C GLU C 77 -31.80 -5.86 23.40
N VAL C 78 -32.09 -6.81 24.29
CA VAL C 78 -31.87 -6.61 25.72
C VAL C 78 -30.62 -7.29 26.24
N TRP C 79 -30.07 -8.27 25.52
CA TRP C 79 -28.84 -8.90 26.03
C TRP C 79 -28.00 -9.37 24.85
N SER C 80 -26.70 -9.07 24.92
CA SER C 80 -25.72 -9.58 23.97
C SER C 80 -24.44 -9.89 24.73
N GLU C 81 -24.04 -11.17 24.71
CA GLU C 81 -22.92 -11.61 25.53
C GLU C 81 -21.99 -12.50 24.70
N GLY C 82 -20.72 -12.50 25.09
CA GLY C 82 -19.74 -13.40 24.51
C GLY C 82 -18.79 -13.92 25.57
N LEU C 83 -18.62 -15.23 25.63
CA LEU C 83 -17.77 -15.87 26.62
C LEU C 83 -16.75 -16.75 25.93
N GLY C 84 -15.48 -16.55 26.26
CA GLY C 84 -14.42 -17.38 25.71
C GLY C 84 -13.47 -16.67 24.79
N TYR C 85 -12.92 -17.40 23.82
CA TYR C 85 -11.96 -16.84 22.87
C TYR C 85 -12.40 -17.17 21.46
N ALA C 86 -12.49 -16.15 20.61
CA ALA C 86 -12.77 -16.37 19.20
C ALA C 86 -11.55 -16.87 18.45
N ASP C 87 -10.36 -16.42 18.84
CA ASP C 87 -9.10 -16.87 18.25
C ASP C 87 -8.21 -17.37 19.37
N VAL C 88 -8.03 -18.68 19.45
CA VAL C 88 -7.23 -19.27 20.53
C VAL C 88 -5.76 -18.95 20.34
N GLU C 89 -5.28 -18.98 19.09
CA GLU C 89 -3.85 -18.80 18.84
C GLU C 89 -3.38 -17.40 19.19
N ASN C 90 -4.19 -16.38 18.87
CA ASN C 90 -3.79 -14.98 19.13
C ASN C 90 -4.50 -14.37 20.33
N ARG C 91 -5.25 -15.16 21.08
CA ARG C 91 -5.91 -14.73 22.31
C ARG C 91 -6.83 -13.53 22.05
N VAL C 92 -7.82 -13.75 21.19
CA VAL C 92 -8.80 -12.73 20.83
C VAL C 92 -10.10 -13.06 21.56
N PRO C 93 -10.55 -12.25 22.51
CA PRO C 93 -11.78 -12.57 23.24
C PRO C 93 -13.00 -12.46 22.35
N CYS C 94 -14.03 -13.23 22.72
CA CYS C 94 -15.30 -13.14 22.02
C CYS C 94 -16.04 -11.86 22.40
N LYS C 95 -16.68 -11.26 21.42
CA LYS C 95 -17.47 -10.05 21.59
C LYS C 95 -18.72 -10.17 20.74
N PRO C 96 -19.76 -9.38 21.02
CA PRO C 96 -21.01 -9.52 20.26
C PRO C 96 -20.86 -9.30 18.76
N GLU C 97 -19.85 -8.55 18.32
CA GLU C 97 -19.63 -8.29 16.91
C GLU C 97 -18.74 -9.34 16.24
N THR C 98 -18.56 -10.49 16.88
CA THR C 98 -17.82 -11.59 16.26
C THR C 98 -18.64 -12.17 15.11
N VAL C 99 -17.94 -12.58 14.05
CA VAL C 99 -18.56 -13.11 12.84
C VAL C 99 -18.26 -14.60 12.78
N MET C 100 -19.31 -15.42 12.75
CA MET C 100 -19.18 -16.87 12.71
C MET C 100 -20.09 -17.45 11.64
N ARG C 101 -19.85 -18.72 11.31
CA ARG C 101 -20.59 -19.43 10.28
C ARG C 101 -21.99 -19.78 10.76
N ILE C 102 -22.97 -19.59 9.88
CA ILE C 102 -24.31 -20.15 10.07
C ILE C 102 -24.55 -21.15 8.94
N ALA C 103 -24.98 -22.35 9.30
CA ALA C 103 -25.03 -23.44 8.34
C ALA C 103 -26.39 -23.59 7.67
N SER C 104 -27.43 -23.83 8.45
CA SER C 104 -28.75 -24.11 7.90
C SER C 104 -29.70 -22.93 7.98
N ILE C 105 -29.35 -21.86 8.70
CA ILE C 105 -30.13 -20.64 8.67
C ILE C 105 -30.13 -20.00 7.29
N SER C 106 -29.13 -20.33 6.46
CA SER C 106 -29.14 -19.87 5.08
C SER C 106 -30.38 -20.34 4.33
N LYS C 107 -30.91 -21.51 4.69
CA LYS C 107 -32.18 -21.94 4.11
C LYS C 107 -33.32 -21.02 4.51
N SER C 108 -33.35 -20.59 5.78
CA SER C 108 -34.37 -19.64 6.22
C SER C 108 -34.20 -18.30 5.53
N LEU C 109 -32.97 -17.93 5.16
CA LEU C 109 -32.77 -16.69 4.42
C LEU C 109 -33.22 -16.82 2.96
N THR C 110 -32.90 -17.95 2.32
CA THR C 110 -33.35 -18.18 0.94
C THR C 110 -34.85 -18.27 0.85
N MET C 111 -35.51 -18.75 1.91
CA MET C 111 -36.96 -18.86 1.89
C MET C 111 -37.62 -17.49 1.80
N VAL C 112 -37.03 -16.46 2.40
CA VAL C 112 -37.57 -15.10 2.27
C VAL C 112 -37.53 -14.65 0.82
N ALA C 113 -36.42 -14.93 0.13
CA ALA C 113 -36.32 -14.57 -1.28
C ALA C 113 -37.35 -15.31 -2.11
N LEU C 114 -37.53 -16.61 -1.85
CA LEU C 114 -38.51 -17.38 -2.59
C LEU C 114 -39.92 -16.85 -2.34
N ALA C 115 -40.25 -16.52 -1.10
CA ALA C 115 -41.58 -16.01 -0.79
C ALA C 115 -41.80 -14.64 -1.41
N LYS C 116 -40.77 -13.79 -1.43
CA LYS C 116 -40.92 -12.49 -2.09
C LYS C 116 -41.14 -12.64 -3.59
N LEU C 117 -40.41 -13.55 -4.22
CA LEU C 117 -40.63 -13.81 -5.65
C LEU C 117 -42.03 -14.35 -5.90
N TRP C 118 -42.51 -15.23 -5.00
CA TRP C 118 -43.86 -15.76 -5.14
C TRP C 118 -44.90 -14.66 -4.99
N GLU C 119 -44.69 -13.73 -4.06
CA GLU C 119 -45.61 -12.61 -3.89
C GLU C 119 -45.59 -11.70 -5.09
N ALA C 120 -44.43 -11.52 -5.71
CA ALA C 120 -44.33 -10.68 -6.91
C ALA C 120 -45.02 -11.31 -8.12
N GLY C 121 -45.41 -12.58 -8.04
CA GLY C 121 -46.06 -13.24 -9.14
C GLY C 121 -45.13 -13.81 -10.19
N LYS C 122 -43.82 -13.74 -9.97
CA LYS C 122 -42.86 -14.24 -10.94
C LYS C 122 -42.53 -15.73 -10.77
N LEU C 123 -43.01 -16.35 -9.69
CA LEU C 123 -42.69 -17.74 -9.39
C LEU C 123 -43.96 -18.54 -9.16
N ASP C 124 -44.01 -19.76 -9.67
CA ASP C 124 -45.11 -20.68 -9.48
C ASP C 124 -44.60 -21.91 -8.76
N LEU C 125 -45.24 -22.27 -7.65
CA LEU C 125 -44.75 -23.37 -6.82
C LEU C 125 -45.09 -24.74 -7.41
N ASP C 126 -46.20 -24.87 -8.11
CA ASP C 126 -46.66 -26.18 -8.56
C ASP C 126 -46.16 -26.56 -9.95
N ILE C 127 -45.66 -25.60 -10.72
CA ILE C 127 -45.10 -25.95 -12.03
C ILE C 127 -43.83 -26.77 -11.83
N PRO C 128 -43.55 -27.77 -12.66
CA PRO C 128 -42.28 -28.49 -12.53
C PRO C 128 -41.10 -27.55 -12.71
N VAL C 129 -40.03 -27.81 -11.95
CA VAL C 129 -38.86 -26.94 -11.96
C VAL C 129 -38.14 -26.96 -13.29
N GLN C 130 -38.43 -27.92 -14.16
CA GLN C 130 -37.80 -27.98 -15.47
C GLN C 130 -38.19 -26.78 -16.33
N HIS C 131 -39.29 -26.11 -16.01
CA HIS C 131 -39.64 -24.88 -16.71
C HIS C 131 -38.58 -23.80 -16.48
N TYR C 132 -38.05 -23.72 -15.27
CA TYR C 132 -37.03 -22.72 -14.95
C TYR C 132 -35.63 -23.19 -15.31
N VAL C 133 -35.26 -24.40 -14.91
CA VAL C 133 -33.92 -24.91 -15.14
C VAL C 133 -34.01 -26.16 -16.01
N PRO C 134 -33.95 -26.03 -17.34
CA PRO C 134 -33.96 -27.21 -18.21
C PRO C 134 -32.71 -28.06 -18.10
N GLU C 135 -31.64 -27.55 -17.50
CA GLU C 135 -30.41 -28.33 -17.35
C GLU C 135 -30.65 -29.57 -16.50
N PHE C 136 -31.59 -29.52 -15.59
CA PHE C 136 -31.94 -30.70 -14.81
C PHE C 136 -32.67 -31.70 -15.71
N PRO C 137 -32.22 -32.95 -15.78
CA PRO C 137 -32.85 -33.92 -16.68
C PRO C 137 -34.22 -34.34 -16.19
N GLU C 138 -34.95 -35.02 -17.09
CA GLU C 138 -36.25 -35.59 -16.73
C GLU C 138 -36.04 -36.90 -15.97
N LYS C 139 -36.34 -36.88 -14.69
CA LYS C 139 -36.05 -37.99 -13.79
C LYS C 139 -37.20 -38.98 -13.77
N GLU C 140 -36.86 -40.26 -13.68
CA GLU C 140 -37.83 -41.35 -13.71
C GLU C 140 -37.60 -42.26 -12.52
N TYR C 141 -38.68 -42.66 -11.86
CA TYR C 141 -38.62 -43.55 -10.71
C TYR C 141 -39.26 -44.89 -11.06
N GLU C 142 -38.43 -45.94 -11.10
CA GLU C 142 -38.89 -47.30 -11.38
C GLU C 142 -39.70 -47.37 -12.68
N GLY C 143 -39.23 -46.65 -13.69
CA GLY C 143 -39.89 -46.69 -14.98
C GLY C 143 -41.22 -45.97 -15.04
N GLU C 144 -41.46 -45.03 -14.14
CA GLU C 144 -42.70 -44.26 -14.13
C GLU C 144 -42.37 -42.77 -14.07
N LYS C 145 -43.15 -41.99 -14.81
CA LYS C 145 -42.94 -40.55 -14.84
C LYS C 145 -43.26 -39.92 -13.49
N VAL C 146 -42.36 -39.06 -13.02
CA VAL C 146 -42.54 -38.34 -11.76
C VAL C 146 -42.24 -36.87 -12.01
N SER C 147 -42.78 -36.02 -11.13
CA SER C 147 -42.66 -34.58 -11.26
C SER C 147 -41.92 -34.01 -10.06
N VAL C 148 -41.04 -33.06 -10.33
CA VAL C 148 -40.26 -32.37 -9.29
C VAL C 148 -40.69 -30.91 -9.33
N THR C 149 -41.25 -30.42 -8.23
CA THR C 149 -41.76 -29.06 -8.14
C THR C 149 -41.02 -28.30 -7.03
N THR C 150 -41.23 -26.99 -7.01
CA THR C 150 -40.64 -26.17 -5.96
C THR C 150 -41.19 -26.53 -4.60
N ARG C 151 -42.51 -26.77 -4.52
CA ARG C 151 -43.14 -27.05 -3.23
C ARG C 151 -42.58 -28.31 -2.60
N LEU C 152 -42.36 -29.35 -3.41
CA LEU C 152 -41.74 -30.57 -2.89
C LEU C 152 -40.32 -30.32 -2.42
N LEU C 153 -39.59 -29.43 -3.09
CA LEU C 153 -38.21 -29.13 -2.73
C LEU C 153 -38.10 -28.27 -1.48
N ILE C 154 -39.14 -27.49 -1.15
CA ILE C 154 -39.06 -26.64 0.03
C ILE C 154 -38.91 -27.47 1.30
N SER C 155 -39.67 -28.56 1.42
CA SER C 155 -39.70 -29.36 2.63
C SER C 155 -38.98 -30.70 2.47
N HIS C 156 -38.02 -30.79 1.56
CA HIS C 156 -37.17 -31.97 1.40
C HIS C 156 -38.00 -33.23 1.15
N LEU C 157 -39.04 -33.11 0.34
CA LEU C 157 -39.90 -34.23 0.01
C LEU C 157 -39.58 -34.88 -1.33
N SER C 158 -38.58 -34.38 -2.04
CA SER C 158 -38.17 -34.93 -3.33
C SER C 158 -37.25 -36.12 -3.10
N GLY C 159 -36.62 -36.59 -4.18
CA GLY C 159 -35.72 -37.72 -4.09
C GLY C 159 -34.25 -37.35 -4.22
N ILE C 160 -33.92 -36.10 -3.92
CA ILE C 160 -32.53 -35.65 -4.00
C ILE C 160 -31.75 -36.24 -2.84
N ARG C 161 -30.56 -36.78 -3.14
CA ARG C 161 -29.72 -37.39 -2.12
C ARG C 161 -29.06 -36.31 -1.27
N HIS C 162 -28.34 -36.76 -0.24
CA HIS C 162 -27.68 -35.85 0.71
C HIS C 162 -26.40 -36.52 1.22
N TYR C 163 -25.28 -36.18 0.60
CA TYR C 163 -23.94 -36.60 1.01
C TYR C 163 -23.77 -38.11 1.05
N GLU C 164 -24.71 -38.87 0.52
CA GLU C 164 -24.62 -40.33 0.48
C GLU C 164 -24.90 -40.80 -0.94
N LYS C 165 -23.99 -41.60 -1.49
CA LYS C 165 -24.10 -42.07 -2.86
C LYS C 165 -24.60 -43.50 -2.97
N ASP C 166 -24.67 -44.23 -1.87
CA ASP C 166 -25.16 -45.60 -1.90
C ASP C 166 -26.68 -45.60 -1.93
N ILE C 167 -27.25 -46.22 -2.97
CA ILE C 167 -28.70 -46.33 -3.06
C ILE C 167 -29.25 -47.20 -1.94
N LYS C 168 -28.48 -48.20 -1.51
CA LYS C 168 -28.99 -49.14 -0.51
C LYS C 168 -28.83 -48.59 0.90
N LYS C 169 -27.66 -48.03 1.22
CA LYS C 169 -27.29 -47.76 2.60
C LYS C 169 -28.34 -46.91 3.32
N VAL C 170 -28.92 -45.93 2.63
CA VAL C 170 -29.93 -45.09 3.26
C VAL C 170 -31.27 -45.79 3.40
N LYS C 171 -31.51 -46.83 2.61
CA LYS C 171 -32.83 -47.46 2.57
C LYS C 171 -33.14 -48.20 3.86
N GLU C 172 -32.20 -48.99 4.38
CA GLU C 172 -32.46 -49.69 5.63
C GLU C 172 -32.53 -48.71 6.80
N GLU C 173 -31.77 -47.63 6.76
CA GLU C 173 -31.88 -46.61 7.80
C GLU C 173 -33.27 -45.99 7.80
N LYS C 174 -33.79 -45.65 6.61
CA LYS C 174 -35.13 -45.08 6.53
C LYS C 174 -36.19 -46.08 6.97
N ALA C 175 -36.01 -47.35 6.60
CA ALA C 175 -36.96 -48.38 7.01
C ALA C 175 -36.95 -48.56 8.53
N TYR C 176 -35.76 -48.55 9.14
CA TYR C 176 -35.66 -48.66 10.59
C TYR C 176 -36.29 -47.46 11.28
N LYS C 177 -36.09 -46.27 10.71
CA LYS C 177 -36.76 -45.09 11.26
C LYS C 177 -38.28 -45.20 11.16
N ALA C 178 -38.77 -45.72 10.04
CA ALA C 178 -40.21 -45.92 9.88
C ALA C 178 -40.73 -46.96 10.86
N LEU C 179 -39.98 -48.04 11.06
CA LEU C 179 -40.39 -49.10 11.98
C LEU C 179 -40.29 -48.62 13.44
N ASP C 226 -22.93 -37.40 9.32
CA ASP C 226 -22.47 -37.33 7.93
C ASP C 226 -21.19 -36.52 7.81
N PHE C 227 -20.56 -36.25 8.96
CA PHE C 227 -19.31 -35.49 8.96
C PHE C 227 -18.14 -36.29 8.42
N GLU C 228 -18.29 -37.60 8.22
CA GLU C 228 -17.22 -38.43 7.67
C GLU C 228 -17.21 -38.45 6.14
N GLN C 229 -18.22 -37.86 5.50
CA GLN C 229 -18.28 -37.86 4.05
C GLN C 229 -17.25 -36.89 3.48
N GLY C 230 -16.59 -37.30 2.39
CA GLY C 230 -15.63 -36.43 1.73
C GLY C 230 -16.26 -35.27 0.99
N GLU C 231 -17.53 -35.40 0.60
CA GLU C 231 -18.21 -34.30 -0.10
C GLU C 231 -18.27 -33.05 0.75
N LEU C 232 -18.27 -33.20 2.08
CA LEU C 232 -18.29 -32.05 2.97
C LEU C 232 -16.96 -31.31 2.99
N TYR C 233 -15.88 -31.94 2.49
CA TYR C 233 -14.54 -31.36 2.51
C TYR C 233 -14.03 -31.10 1.10
N LEU C 234 -14.88 -30.54 0.24
CA LEU C 234 -14.48 -30.25 -1.12
C LEU C 234 -13.84 -28.87 -1.20
N ARG C 235 -12.84 -28.76 -2.08
CA ARG C 235 -12.03 -27.55 -2.19
C ARG C 235 -12.23 -26.78 -3.49
N GLU C 236 -13.02 -27.29 -4.43
CA GLU C 236 -13.19 -26.62 -5.71
C GLU C 236 -14.00 -25.33 -5.55
N LYS C 237 -13.68 -24.35 -6.38
CA LYS C 237 -14.36 -23.06 -6.39
C LYS C 237 -15.31 -23.01 -7.58
N PHE C 238 -16.58 -22.72 -7.31
CA PHE C 238 -17.62 -22.68 -8.33
C PHE C 238 -18.01 -21.23 -8.61
N GLU C 239 -18.14 -20.88 -9.90
CA GLU C 239 -18.43 -19.51 -10.26
C GLU C 239 -19.93 -19.22 -10.31
N ASN C 240 -20.71 -20.13 -10.89
CA ASN C 240 -22.15 -19.95 -11.02
C ASN C 240 -22.88 -21.21 -10.58
N SER C 241 -24.18 -21.06 -10.34
CA SER C 241 -24.97 -22.17 -9.81
C SER C 241 -25.08 -23.32 -10.80
N ILE C 242 -25.20 -23.02 -12.09
CA ILE C 242 -25.38 -24.07 -13.09
C ILE C 242 -24.18 -25.02 -13.09
N GLU C 243 -22.98 -24.48 -12.90
CA GLU C 243 -21.82 -25.34 -12.72
C GLU C 243 -21.95 -26.18 -11.46
N SER C 244 -22.40 -25.57 -10.37
CA SER C 244 -22.51 -26.29 -9.10
C SER C 244 -23.57 -27.38 -9.11
N LEU C 245 -24.50 -27.36 -10.08
CA LEU C 245 -25.49 -28.43 -10.17
C LEU C 245 -24.91 -29.75 -10.66
N ARG C 246 -23.65 -29.76 -11.12
CA ARG C 246 -23.08 -30.97 -11.70
C ARG C 246 -22.80 -32.05 -10.67
N LEU C 247 -22.83 -31.72 -9.38
CA LEU C 247 -22.47 -32.68 -8.34
C LEU C 247 -23.55 -33.73 -8.11
N PHE C 248 -24.81 -33.45 -8.47
CA PHE C 248 -25.90 -34.36 -8.16
C PHE C 248 -26.93 -34.50 -9.28
N LYS C 249 -26.70 -33.87 -10.43
CA LYS C 249 -27.75 -33.84 -11.46
C LYS C 249 -27.93 -35.21 -12.12
N ASN C 250 -26.87 -36.00 -12.24
CA ASN C 250 -26.97 -37.29 -12.91
C ASN C 250 -27.41 -38.41 -11.97
N ASP C 251 -27.41 -38.19 -10.67
CA ASP C 251 -27.78 -39.25 -9.74
C ASP C 251 -29.29 -39.48 -9.78
N PRO C 252 -29.73 -40.74 -9.59
CA PRO C 252 -31.16 -41.02 -9.61
C PRO C 252 -31.83 -40.66 -8.29
N LEU C 253 -33.15 -40.53 -8.35
CA LEU C 253 -33.93 -40.27 -7.14
C LEU C 253 -33.92 -41.49 -6.23
N PHE C 254 -33.87 -41.22 -4.92
CA PHE C 254 -33.80 -42.28 -3.92
C PHE C 254 -35.18 -42.82 -3.58
N PHE C 255 -36.19 -41.96 -3.55
CA PHE C 255 -37.56 -42.37 -3.25
C PHE C 255 -38.50 -41.67 -4.20
N LYS C 256 -39.75 -42.11 -4.20
CA LYS C 256 -40.78 -41.44 -5.00
C LYS C 256 -40.99 -40.04 -4.44
N PRO C 257 -40.92 -38.99 -5.27
CA PRO C 257 -41.02 -37.63 -4.74
C PRO C 257 -42.37 -37.38 -4.07
N GLY C 258 -42.33 -36.61 -2.99
CA GLY C 258 -43.52 -36.26 -2.26
C GLY C 258 -44.03 -37.29 -1.28
N SER C 259 -43.25 -38.34 -1.02
CA SER C 259 -43.67 -39.40 -0.12
C SER C 259 -42.75 -39.63 1.07
N GLN C 260 -41.47 -39.31 0.95
CA GLN C 260 -40.49 -39.55 2.01
C GLN C 260 -39.74 -38.26 2.32
N PHE C 261 -39.51 -38.01 3.61
CA PHE C 261 -38.77 -36.85 4.06
C PHE C 261 -37.29 -37.21 4.15
N LEU C 262 -36.45 -36.51 3.39
CA LEU C 262 -35.01 -36.74 3.40
C LEU C 262 -34.31 -35.38 3.36
N TYR C 263 -33.76 -34.98 4.50
CA TYR C 263 -33.10 -33.69 4.61
C TYR C 263 -31.88 -33.65 3.68
N SER C 264 -31.89 -32.72 2.73
CA SER C 264 -30.82 -32.59 1.76
C SER C 264 -30.47 -31.13 1.56
N THR C 265 -29.23 -30.88 1.13
CA THR C 265 -28.76 -29.53 0.86
C THR C 265 -28.74 -29.22 -0.64
N PHE C 266 -28.66 -30.23 -1.50
CA PHE C 266 -28.64 -29.99 -2.93
C PHE C 266 -29.97 -29.46 -3.45
N GLY C 267 -31.06 -29.80 -2.77
CA GLY C 267 -32.35 -29.23 -3.15
C GLY C 267 -32.35 -27.72 -3.07
N TYR C 268 -31.66 -27.16 -2.07
CA TYR C 268 -31.56 -25.71 -1.98
C TYR C 268 -30.59 -25.13 -2.99
N THR C 269 -29.62 -25.90 -3.48
CA THR C 269 -28.85 -25.46 -4.65
C THR C 269 -29.76 -25.36 -5.88
N LEU C 270 -30.64 -26.33 -6.07
CA LEU C 270 -31.61 -26.25 -7.15
C LEU C 270 -32.54 -25.05 -6.95
N LEU C 271 -32.95 -24.79 -5.72
CA LEU C 271 -33.77 -23.62 -5.43
C LEU C 271 -33.04 -22.32 -5.73
N ALA C 272 -31.73 -22.25 -5.44
CA ALA C 272 -30.94 -21.08 -5.80
C ALA C 272 -30.88 -20.90 -7.31
N ALA C 273 -30.74 -22.01 -8.05
CA ALA C 273 -30.81 -21.91 -9.51
C ALA C 273 -32.16 -21.40 -9.99
N ILE C 274 -33.24 -21.86 -9.36
CA ILE C 274 -34.58 -21.39 -9.71
C ILE C 274 -34.73 -19.89 -9.43
N VAL C 275 -34.19 -19.44 -8.30
CA VAL C 275 -34.20 -18.00 -7.99
C VAL C 275 -33.41 -17.23 -9.05
N GLU C 276 -32.24 -17.76 -9.42
CA GLU C 276 -31.45 -17.15 -10.49
C GLU C 276 -32.27 -16.98 -11.76
N ARG C 277 -32.97 -18.03 -12.17
CA ARG C 277 -33.74 -17.98 -13.40
C ARG C 277 -34.90 -16.99 -13.28
N ALA C 278 -35.70 -17.11 -12.23
CA ALA C 278 -36.93 -16.31 -12.13
C ALA C 278 -36.62 -14.83 -11.92
N SER C 279 -35.68 -14.51 -11.04
CA SER C 279 -35.38 -13.12 -10.75
C SER C 279 -34.70 -12.43 -11.93
N GLY C 280 -34.00 -13.18 -12.76
CA GLY C 280 -33.26 -12.62 -13.88
C GLY C 280 -31.93 -12.02 -13.52
N CYS C 281 -31.51 -12.09 -12.27
CA CYS C 281 -30.22 -11.55 -11.81
C CYS C 281 -29.49 -12.63 -11.02
N LYS C 282 -28.34 -12.25 -10.48
CA LYS C 282 -27.55 -13.19 -9.69
C LYS C 282 -28.24 -13.49 -8.37
N TYR C 283 -27.83 -14.60 -7.76
CA TYR C 283 -28.36 -14.96 -6.44
C TYR C 283 -27.75 -14.07 -5.35
N LEU C 284 -26.43 -13.86 -5.41
CA LEU C 284 -25.74 -13.17 -4.32
C LEU C 284 -26.13 -11.71 -4.24
N ASP C 285 -26.24 -11.02 -5.37
CA ASP C 285 -26.63 -9.62 -5.32
C ASP C 285 -28.11 -9.44 -5.00
N TYR C 286 -28.94 -10.46 -5.24
CA TYR C 286 -30.33 -10.42 -4.78
C TYR C 286 -30.40 -10.56 -3.27
N MET C 287 -29.67 -11.53 -2.71
CA MET C 287 -29.62 -11.65 -1.26
C MET C 287 -28.98 -10.43 -0.61
N GLN C 288 -28.06 -9.77 -1.31
CA GLN C 288 -27.49 -8.53 -0.78
C GLN C 288 -28.56 -7.44 -0.65
N LYS C 289 -29.41 -7.30 -1.67
CA LYS C 289 -30.50 -6.33 -1.58
C LYS C 289 -31.46 -6.69 -0.45
N ILE C 290 -31.77 -7.99 -0.31
CA ILE C 290 -32.67 -8.40 0.77
C ILE C 290 -32.07 -8.09 2.13
N PHE C 291 -30.77 -8.38 2.31
CA PHE C 291 -30.11 -8.08 3.58
C PHE C 291 -30.09 -6.58 3.85
N HIS C 292 -29.86 -5.78 2.81
CA HIS C 292 -29.89 -4.33 2.98
C HIS C 292 -31.28 -3.85 3.40
N ASP C 293 -32.33 -4.49 2.87
CA ASP C 293 -33.68 -4.13 3.27
C ASP C 293 -33.91 -4.41 4.74
N LEU C 294 -33.43 -5.56 5.23
CA LEU C 294 -33.67 -6.00 6.61
C LEU C 294 -32.71 -5.39 7.61
N ASP C 295 -31.80 -4.53 7.17
CA ASP C 295 -30.80 -3.89 8.04
C ASP C 295 -29.72 -4.83 8.58
N MET C 296 -29.58 -6.00 7.98
CA MET C 296 -28.54 -6.95 8.38
C MET C 296 -27.27 -6.59 7.61
N LEU C 297 -26.47 -5.70 8.18
CA LEU C 297 -25.36 -5.08 7.47
C LEU C 297 -24.07 -5.87 7.53
N THR C 298 -24.03 -6.99 8.26
CA THR C 298 -22.82 -7.79 8.38
C THR C 298 -23.00 -9.22 7.93
N THR C 299 -24.04 -9.52 7.17
CA THR C 299 -24.27 -10.87 6.67
C THR C 299 -23.71 -10.96 5.25
N VAL C 300 -22.53 -11.57 5.12
CA VAL C 300 -21.86 -11.70 3.84
C VAL C 300 -21.52 -13.16 3.61
N GLN C 301 -21.30 -13.50 2.34
CA GLN C 301 -20.86 -14.83 1.98
C GLN C 301 -19.41 -15.04 2.39
N GLU C 302 -19.04 -16.30 2.61
CA GLU C 302 -17.73 -16.66 3.13
C GLU C 302 -16.76 -16.90 1.98
N GLU C 303 -15.74 -16.05 1.88
CA GLU C 303 -14.67 -16.22 0.91
C GLU C 303 -13.34 -15.87 1.57
N ASN C 304 -12.28 -16.54 1.14
CA ASN C 304 -10.98 -16.35 1.76
C ASN C 304 -10.34 -15.02 1.36
N GLU C 305 -10.45 -14.66 0.09
CA GLU C 305 -9.73 -13.50 -0.43
C GLU C 305 -10.13 -12.19 0.22
N PRO C 306 -11.41 -11.82 0.32
CA PRO C 306 -11.74 -10.50 0.89
C PRO C 306 -11.39 -10.42 2.37
N VAL C 307 -11.12 -9.21 2.83
CA VAL C 307 -10.83 -8.95 4.23
C VAL C 307 -12.16 -8.77 4.96
N ILE C 308 -12.44 -9.64 5.92
CA ILE C 308 -13.65 -9.58 6.72
C ILE C 308 -13.25 -9.35 8.17
N TYR C 309 -13.71 -8.24 8.73
CA TYR C 309 -13.27 -7.85 10.07
C TYR C 309 -13.97 -8.68 11.14
N ASN C 310 -13.26 -8.91 12.24
CA ASN C 310 -13.82 -9.69 13.36
C ASN C 310 -14.23 -11.12 13.01
N ARG C 311 -13.55 -11.71 12.03
CA ARG C 311 -13.84 -13.10 11.66
C ARG C 311 -13.29 -14.04 12.72
N ALA C 312 -13.94 -15.18 12.92
CA ALA C 312 -13.54 -16.09 14.00
C ALA C 312 -13.04 -17.43 13.49
N ARG C 313 -12.23 -18.11 14.30
CA ARG C 313 -11.71 -19.42 13.91
C ARG C 313 -12.59 -20.56 14.38
N PHE C 314 -12.43 -21.74 13.77
CA PHE C 314 -13.27 -22.89 14.08
C PHE C 314 -12.40 -24.10 14.40
N TYR C 315 -12.69 -24.77 15.51
CA TYR C 315 -11.85 -25.83 16.04
C TYR C 315 -12.66 -27.12 16.18
N VAL C 316 -11.93 -28.21 16.44
CA VAL C 316 -12.52 -29.54 16.63
C VAL C 316 -11.59 -30.31 17.56
N TYR C 317 -12.04 -31.48 18.01
CA TYR C 317 -11.24 -32.38 18.84
C TYR C 317 -10.86 -33.62 18.04
N ASN C 318 -9.60 -34.03 18.14
CA ASN C 318 -9.09 -35.16 17.38
C ASN C 318 -9.23 -36.44 18.19
N LYS C 319 -8.66 -37.53 17.67
CA LYS C 319 -8.74 -38.83 18.34
C LYS C 319 -7.96 -38.85 19.65
N LYS C 320 -6.97 -37.97 19.81
CA LYS C 320 -6.18 -37.88 21.02
C LYS C 320 -6.81 -36.94 22.04
N LYS C 321 -7.99 -36.38 21.74
CA LYS C 321 -8.71 -35.47 22.61
C LYS C 321 -7.91 -34.17 22.83
N ARG C 322 -7.51 -33.55 21.73
CA ARG C 322 -6.81 -32.28 21.75
C ARG C 322 -7.48 -31.32 20.78
N LEU C 323 -7.38 -30.04 21.08
CA LEU C 323 -7.98 -29.00 20.24
C LEU C 323 -7.13 -28.78 19.00
N VAL C 324 -7.74 -28.94 17.81
CA VAL C 324 -7.05 -28.76 16.54
C VAL C 324 -7.93 -27.94 15.62
N ASN C 325 -7.31 -27.40 14.58
CA ASN C 325 -8.04 -26.60 13.61
C ASN C 325 -8.72 -27.48 12.58
N THR C 326 -9.89 -27.04 12.13
CA THR C 326 -10.59 -27.76 11.09
C THR C 326 -9.93 -27.48 9.73
N PRO C 327 -9.98 -28.45 8.82
CA PRO C 327 -9.33 -28.26 7.51
C PRO C 327 -9.98 -27.15 6.70
N TYR C 328 -9.18 -26.55 5.82
CA TYR C 328 -9.67 -25.47 4.99
C TYR C 328 -10.67 -26.01 3.97
N VAL C 329 -11.86 -25.41 3.93
CA VAL C 329 -12.93 -25.84 3.04
C VAL C 329 -13.49 -24.64 2.30
N ASP C 330 -14.20 -24.92 1.22
CA ASP C 330 -14.88 -23.91 0.42
C ASP C 330 -16.36 -24.26 0.31
N ASN C 331 -17.22 -23.28 0.61
CA ASN C 331 -18.66 -23.48 0.58
C ASN C 331 -19.30 -22.79 -0.62
N SER C 332 -18.58 -22.73 -1.75
CA SER C 332 -19.09 -22.03 -2.91
C SER C 332 -20.18 -22.81 -3.64
N TYR C 333 -20.26 -24.12 -3.43
CA TYR C 333 -21.24 -24.93 -4.14
C TYR C 333 -22.59 -25.02 -3.42
N LYS C 334 -22.70 -24.46 -2.21
CA LYS C 334 -23.94 -24.49 -1.45
C LYS C 334 -24.20 -23.14 -0.77
N TRP C 335 -24.05 -22.06 -1.55
CA TRP C 335 -24.30 -20.72 -1.00
C TRP C 335 -25.68 -20.63 -0.36
N ALA C 336 -26.69 -21.20 -1.02
CA ALA C 336 -28.05 -21.13 -0.49
C ALA C 336 -28.29 -22.15 0.61
N GLY C 337 -27.41 -23.14 0.75
CA GLY C 337 -27.67 -24.22 1.67
C GLY C 337 -26.78 -24.24 2.90
N GLY C 338 -25.51 -23.88 2.76
CA GLY C 338 -24.61 -24.02 3.88
C GLY C 338 -23.52 -22.98 4.04
N GLY C 339 -23.53 -21.92 3.24
CA GLY C 339 -22.48 -20.93 3.38
C GLY C 339 -22.92 -19.49 3.50
N PHE C 340 -22.70 -18.90 4.68
CA PHE C 340 -22.88 -17.48 4.96
C PHE C 340 -22.16 -17.18 6.26
N LEU C 341 -21.88 -15.89 6.47
CA LEU C 341 -21.35 -15.40 7.73
C LEU C 341 -22.28 -14.34 8.29
N SER C 342 -22.37 -14.26 9.60
CA SER C 342 -23.29 -13.34 10.25
C SER C 342 -22.90 -13.20 11.71
N THR C 343 -23.47 -12.18 12.35
CA THR C 343 -23.39 -11.98 13.79
C THR C 343 -24.74 -12.34 14.42
N VAL C 344 -24.86 -12.07 15.73
CA VAL C 344 -26.12 -12.35 16.41
C VAL C 344 -27.13 -11.22 16.24
N GLY C 345 -26.67 -9.99 16.06
CA GLY C 345 -27.60 -8.89 15.82
C GLY C 345 -28.37 -9.03 14.53
N ASP C 346 -27.71 -9.54 13.48
CA ASP C 346 -28.39 -9.76 12.22
C ASP C 346 -29.50 -10.79 12.36
N LEU C 347 -29.23 -11.88 13.06
CA LEU C 347 -30.28 -12.88 13.31
C LEU C 347 -31.39 -12.33 14.17
N LEU C 348 -31.05 -11.49 15.16
CA LEU C 348 -32.10 -10.85 15.97
C LEU C 348 -33.00 -9.98 15.10
N LYS C 349 -32.41 -9.19 14.21
CA LYS C 349 -33.22 -8.33 13.34
C LYS C 349 -34.09 -9.16 12.39
N PHE C 350 -33.52 -10.23 11.83
CA PHE C 350 -34.30 -11.10 10.95
C PHE C 350 -35.48 -11.73 11.68
N GLY C 351 -35.24 -12.22 12.90
CA GLY C 351 -36.34 -12.78 13.67
C GLY C 351 -37.39 -11.76 14.04
N ASN C 352 -36.96 -10.54 14.37
CA ASN C 352 -37.91 -9.47 14.66
C ASN C 352 -38.79 -9.17 13.46
N ALA C 353 -38.19 -9.10 12.27
CA ALA C 353 -38.96 -8.87 11.06
C ALA C 353 -39.96 -10.00 10.81
N MET C 354 -39.53 -11.24 10.99
CA MET C 354 -40.45 -12.37 10.79
C MET C 354 -41.60 -12.32 11.78
N LEU C 355 -41.31 -12.02 13.05
CA LEU C 355 -42.35 -11.94 14.06
C LEU C 355 -43.35 -10.82 13.76
N TYR C 356 -42.84 -9.65 13.37
CA TYR C 356 -43.73 -8.53 13.05
C TYR C 356 -44.62 -8.87 11.86
N GLY C 357 -44.06 -9.48 10.83
CA GLY C 357 -44.86 -9.91 9.70
C GLY C 357 -45.89 -10.96 10.06
N TYR C 358 -45.57 -11.83 11.02
CA TYR C 358 -46.53 -12.84 11.46
C TYR C 358 -47.65 -12.24 12.30
N GLN C 359 -47.36 -11.20 13.08
CA GLN C 359 -48.30 -10.72 14.09
C GLN C 359 -49.08 -9.47 13.69
N VAL C 360 -48.63 -8.70 12.69
CA VAL C 360 -49.29 -7.43 12.41
C VAL C 360 -50.73 -7.59 11.95
N GLY C 361 -51.10 -8.77 11.43
CA GLY C 361 -52.45 -8.95 10.93
C GLY C 361 -53.50 -8.78 12.00
N LEU C 362 -53.25 -9.34 13.19
CA LEU C 362 -54.21 -9.20 14.29
C LEU C 362 -54.31 -7.76 14.77
N PHE C 363 -53.16 -7.10 14.94
CA PHE C 363 -53.15 -5.73 15.42
C PHE C 363 -53.64 -4.72 14.37
N LYS C 364 -53.81 -5.15 13.12
CA LYS C 364 -54.17 -4.21 12.06
C LYS C 364 -55.52 -3.53 12.35
N ASN C 365 -56.49 -4.29 12.84
CA ASN C 365 -57.80 -3.71 13.11
C ASN C 365 -57.76 -2.74 14.29
N SER C 366 -56.90 -3.00 15.27
CA SER C 366 -56.82 -2.15 16.45
C SER C 366 -56.30 -0.76 16.10
N ASN C 367 -55.24 -0.70 15.28
CA ASN C 367 -54.64 0.57 14.89
C ASN C 367 -54.28 0.52 13.41
N GLU C 368 -54.59 1.61 12.71
CA GLU C 368 -54.30 1.72 11.28
C GLU C 368 -52.99 2.44 10.99
N ASN C 369 -52.26 2.85 12.02
CA ASN C 369 -50.98 3.51 11.84
C ASN C 369 -49.80 2.53 11.81
N LEU C 370 -50.08 1.23 11.84
CA LEU C 370 -49.03 0.23 11.83
C LEU C 370 -48.57 -0.01 10.40
N LEU C 371 -47.26 0.05 10.17
CA LEU C 371 -46.71 -0.18 8.85
C LEU C 371 -46.84 -1.66 8.49
N PRO C 372 -46.96 -1.97 7.19
CA PRO C 372 -47.04 -3.37 6.79
C PRO C 372 -45.73 -4.10 7.02
N GLY C 373 -45.85 -5.41 7.18
CA GLY C 373 -44.66 -6.24 7.34
C GLY C 373 -43.96 -6.47 6.03
N TYR C 374 -42.70 -6.94 6.13
CA TYR C 374 -41.92 -7.23 4.94
C TYR C 374 -42.57 -8.29 4.06
N LEU C 375 -43.43 -9.13 4.64
CA LEU C 375 -44.21 -10.10 3.88
C LEU C 375 -45.67 -10.00 4.29
N LYS C 376 -46.56 -10.34 3.36
CA LYS C 376 -47.97 -10.30 3.65
C LYS C 376 -48.33 -11.35 4.71
N PRO C 377 -49.31 -11.07 5.55
CA PRO C 377 -49.71 -12.07 6.56
C PRO C 377 -50.15 -13.39 5.98
N GLU C 378 -50.75 -13.38 4.78
CA GLU C 378 -51.15 -14.61 4.14
C GLU C 378 -49.94 -15.48 3.81
N THR C 379 -48.84 -14.88 3.38
CA THR C 379 -47.62 -15.65 3.14
C THR C 379 -46.99 -16.11 4.46
N MET C 380 -47.05 -15.25 5.49
CA MET C 380 -46.44 -15.60 6.77
C MET C 380 -47.13 -16.80 7.42
N VAL C 381 -48.46 -16.84 7.36
CA VAL C 381 -49.16 -17.97 7.99
C VAL C 381 -48.90 -19.26 7.23
N MET C 382 -48.71 -19.20 5.91
CA MET C 382 -48.32 -20.38 5.17
C MET C 382 -46.88 -20.77 5.45
N MET C 383 -46.05 -19.79 5.80
CA MET C 383 -44.65 -20.05 6.09
C MET C 383 -44.48 -20.98 7.29
N TRP C 384 -45.28 -20.77 8.34
CA TRP C 384 -45.16 -21.52 9.58
C TRP C 384 -46.27 -22.53 9.75
N THR C 385 -46.70 -23.17 8.65
CA THR C 385 -47.73 -24.19 8.70
C THR C 385 -47.09 -25.56 8.52
N PRO C 386 -47.16 -26.44 9.53
CA PRO C 386 -46.48 -27.74 9.42
C PRO C 386 -47.04 -28.58 8.28
N VAL C 387 -46.17 -29.40 7.72
CA VAL C 387 -46.47 -30.23 6.55
C VAL C 387 -46.54 -31.68 7.01
N PRO C 388 -47.54 -32.45 6.60
CA PRO C 388 -47.61 -33.86 7.01
C PRO C 388 -46.44 -34.67 6.49
N ASN C 389 -46.05 -35.68 7.26
CA ASN C 389 -44.93 -36.57 6.94
C ASN C 389 -43.61 -35.80 6.83
N THR C 390 -43.39 -34.88 7.77
CA THR C 390 -42.11 -34.18 7.89
C THR C 390 -41.66 -34.26 9.34
N GLU C 391 -40.37 -34.54 9.54
CA GLU C 391 -39.79 -34.74 10.86
C GLU C 391 -38.88 -33.57 11.22
N MET C 392 -39.04 -33.06 12.43
CA MET C 392 -38.17 -32.02 12.99
C MET C 392 -37.12 -32.72 13.85
N SER C 393 -35.88 -32.71 13.39
CA SER C 393 -34.84 -33.54 13.99
C SER C 393 -34.50 -33.10 15.41
N TRP C 394 -34.40 -31.79 15.64
CA TRP C 394 -33.93 -31.29 16.92
C TRP C 394 -35.02 -31.18 17.97
N ASP C 395 -36.26 -31.54 17.63
CA ASP C 395 -37.34 -31.63 18.62
C ASP C 395 -38.39 -32.56 18.07
N LYS C 396 -38.62 -33.68 18.76
CA LYS C 396 -39.50 -34.71 18.22
C LYS C 396 -40.97 -34.31 18.26
N GLU C 397 -41.32 -33.25 18.97
CA GLU C 397 -42.71 -32.83 19.05
C GLU C 397 -43.15 -32.10 17.78
N GLY C 398 -42.26 -31.33 17.17
CA GLY C 398 -42.62 -30.48 16.05
C GLY C 398 -42.45 -31.15 14.70
N LYS C 399 -42.74 -30.37 13.66
CA LYS C 399 -42.62 -30.82 12.28
C LYS C 399 -41.94 -29.72 11.48
N TYR C 400 -41.61 -30.03 10.23
CA TYR C 400 -40.90 -29.11 9.34
C TYR C 400 -41.90 -28.33 8.51
N ALA C 401 -41.73 -27.00 8.48
CA ALA C 401 -42.69 -26.11 7.85
C ALA C 401 -41.95 -24.98 7.13
N MET C 402 -41.68 -25.18 5.83
CA MET C 402 -41.14 -24.16 4.95
C MET C 402 -39.85 -23.56 5.51
N ALA C 403 -38.83 -24.43 5.59
CA ALA C 403 -37.49 -24.10 6.03
C ALA C 403 -37.42 -23.68 7.49
N TRP C 404 -38.40 -24.08 8.30
CA TRP C 404 -38.39 -23.80 9.73
C TRP C 404 -38.86 -25.06 10.47
N GLY C 405 -38.52 -25.13 11.75
CA GLY C 405 -39.06 -26.17 12.60
C GLY C 405 -40.06 -25.59 13.58
N VAL C 406 -41.31 -26.02 13.52
CA VAL C 406 -42.40 -25.39 14.24
C VAL C 406 -43.01 -26.39 15.20
N VAL C 407 -43.17 -25.99 16.46
CA VAL C 407 -43.88 -26.77 17.46
C VAL C 407 -45.19 -26.05 17.79
N GLU C 408 -46.30 -26.75 17.66
CA GLU C 408 -47.62 -26.16 17.77
C GLU C 408 -48.02 -26.02 19.23
N ARG C 409 -49.29 -25.71 19.47
CA ARG C 409 -49.85 -25.57 20.81
C ARG C 409 -50.97 -26.58 20.99
N LYS C 410 -50.88 -27.38 22.05
CA LYS C 410 -51.93 -28.36 22.34
C LYS C 410 -51.83 -28.78 23.80
N GLN C 411 -52.94 -29.35 24.28
CA GLN C 411 -52.99 -29.91 25.64
C GLN C 411 -54.00 -31.06 25.59
N THR C 412 -53.50 -32.29 25.55
CA THR C 412 -54.36 -33.45 25.36
C THR C 412 -55.16 -33.79 26.61
N TYR C 413 -54.53 -33.70 27.79
CA TYR C 413 -55.17 -34.06 29.04
C TYR C 413 -55.09 -32.91 30.02
N GLY C 414 -55.92 -33.00 31.07
CA GLY C 414 -55.92 -31.96 32.09
C GLY C 414 -54.79 -32.16 33.09
N SER C 415 -54.21 -31.04 33.53
CA SER C 415 -53.07 -31.03 34.44
C SER C 415 -51.92 -31.89 33.89
N CYS C 416 -51.67 -31.76 32.60
CA CYS C 416 -50.59 -32.47 31.94
C CYS C 416 -49.69 -31.49 31.19
N ARG C 417 -48.77 -32.01 30.37
CA ARG C 417 -47.87 -31.14 29.63
C ARG C 417 -48.63 -30.27 28.65
N LYS C 418 -48.35 -28.97 28.67
CA LYS C 418 -48.96 -28.01 27.76
C LYS C 418 -47.88 -27.51 26.81
N GLN C 419 -47.97 -27.93 25.55
CA GLN C 419 -46.99 -27.51 24.55
C GLN C 419 -47.08 -26.01 24.31
N ARG C 420 -45.94 -25.42 23.93
CA ARG C 420 -45.85 -24.02 23.59
C ARG C 420 -45.52 -23.88 22.11
N HIS C 421 -46.18 -22.96 21.43
CA HIS C 421 -45.96 -22.74 20.01
C HIS C 421 -44.70 -21.91 19.82
N TYR C 422 -43.76 -22.42 19.04
CA TYR C 422 -42.51 -21.70 18.74
C TYR C 422 -41.87 -22.20 17.46
N ALA C 423 -41.03 -21.38 16.84
CA ALA C 423 -40.32 -21.81 15.62
C ALA C 423 -38.81 -21.71 15.80
N SER C 424 -38.08 -22.78 15.46
CA SER C 424 -36.63 -22.78 15.59
C SER C 424 -35.90 -23.47 14.46
N HIS C 425 -34.71 -22.99 14.13
CA HIS C 425 -33.90 -23.66 13.12
C HIS C 425 -32.48 -23.86 13.65
N THR C 426 -31.90 -25.04 13.44
CA THR C 426 -30.56 -25.32 13.94
C THR C 426 -29.56 -25.57 12.82
N GLY C 427 -28.40 -24.94 12.91
CA GLY C 427 -27.38 -25.14 11.89
C GLY C 427 -26.06 -25.69 12.41
N GLY C 428 -25.52 -26.70 11.74
CA GLY C 428 -24.24 -27.26 12.14
C GLY C 428 -23.30 -27.38 10.95
N ALA C 429 -22.15 -26.71 11.02
CA ALA C 429 -21.21 -26.71 9.90
C ALA C 429 -19.89 -27.34 10.28
N VAL C 430 -18.89 -27.23 9.40
CA VAL C 430 -17.56 -27.73 9.75
C VAL C 430 -16.94 -26.74 10.71
N GLY C 431 -16.96 -27.06 12.00
CA GLY C 431 -16.30 -26.26 13.00
C GLY C 431 -17.17 -25.26 13.74
N ALA C 432 -18.46 -25.22 13.46
CA ALA C 432 -19.33 -24.26 14.13
C ALA C 432 -20.73 -24.84 14.29
N SER C 433 -21.45 -24.29 15.25
CA SER C 433 -22.84 -24.65 15.51
C SER C 433 -23.61 -23.39 15.89
N SER C 434 -24.90 -23.38 15.56
CA SER C 434 -25.71 -22.19 15.82
C SER C 434 -27.18 -22.57 15.92
N VAL C 435 -27.95 -21.70 16.56
CA VAL C 435 -29.39 -21.88 16.68
C VAL C 435 -30.06 -20.51 16.69
N LEU C 436 -31.23 -20.44 16.05
CA LEU C 436 -32.09 -19.27 16.09
C LEU C 436 -33.50 -19.73 16.47
N LEU C 437 -34.10 -19.04 17.45
CA LEU C 437 -35.40 -19.45 17.97
C LEU C 437 -36.28 -18.23 18.18
N VAL C 438 -37.53 -18.35 17.75
CA VAL C 438 -38.56 -17.32 17.92
C VAL C 438 -39.70 -17.91 18.73
N LEU C 439 -40.05 -17.23 19.82
CA LEU C 439 -41.13 -17.64 20.72
C LEU C 439 -42.17 -16.53 20.76
N PRO C 440 -43.30 -16.68 20.05
CA PRO C 440 -44.34 -15.65 20.13
C PRO C 440 -45.05 -15.68 21.46
N GLU C 441 -45.64 -14.54 21.81
CA GLU C 441 -46.38 -14.38 23.06
C GLU C 441 -47.87 -14.55 22.80
N GLU C 442 -48.53 -15.33 23.64
CA GLU C 442 -49.98 -15.48 23.54
C GLU C 442 -50.64 -14.15 23.89
N LEU C 443 -51.67 -13.80 23.12
CA LEU C 443 -52.31 -12.50 23.22
C LEU C 443 -53.78 -12.64 23.58
N ASP C 444 -54.26 -11.73 24.41
CA ASP C 444 -55.67 -11.66 24.78
C ASP C 444 -56.33 -10.48 24.07
N THR C 445 -57.60 -10.25 24.39
CA THR C 445 -58.32 -9.14 23.78
C THR C 445 -57.75 -7.80 24.21
N GLU C 446 -57.27 -7.71 25.46
CA GLU C 446 -56.76 -6.45 25.98
C GLU C 446 -55.46 -6.06 25.28
N THR C 447 -54.53 -7.01 25.13
CA THR C 447 -53.22 -6.70 24.56
C THR C 447 -53.34 -6.21 23.13
N ILE C 448 -54.21 -6.85 22.34
CA ILE C 448 -54.38 -6.44 20.95
C ILE C 448 -54.81 -4.97 20.87
N ASN C 449 -55.72 -4.57 21.75
CA ASN C 449 -56.18 -3.19 21.74
C ASN C 449 -55.11 -2.24 22.28
N ASN C 450 -54.30 -2.70 23.22
CA ASN C 450 -53.39 -1.77 23.90
C ASN C 450 -51.94 -1.87 23.44
N LYS C 451 -51.49 -3.02 22.95
CA LYS C 451 -50.08 -3.20 22.66
C LYS C 451 -49.77 -2.99 21.18
N VAL C 452 -48.48 -2.90 20.87
CA VAL C 452 -47.98 -2.68 19.52
C VAL C 452 -46.99 -3.79 19.18
N PRO C 453 -47.06 -4.38 17.98
CA PRO C 453 -46.15 -5.47 17.63
C PRO C 453 -44.71 -4.97 17.57
N PRO C 454 -43.72 -5.88 17.68
CA PRO C 454 -43.89 -7.33 17.89
C PRO C 454 -43.98 -7.71 19.36
N ARG C 455 -44.57 -8.88 19.63
CA ARG C 455 -44.72 -9.39 21.00
C ARG C 455 -44.16 -10.80 21.02
N GLY C 456 -42.92 -10.95 21.47
CA GLY C 456 -42.28 -12.25 21.51
C GLY C 456 -40.83 -12.11 21.91
N ILE C 457 -40.13 -13.25 21.86
CA ILE C 457 -38.72 -13.31 22.25
C ILE C 457 -37.94 -14.02 21.15
N ILE C 458 -36.80 -13.45 20.78
CA ILE C 458 -35.90 -14.05 19.79
C ILE C 458 -34.55 -14.30 20.46
N VAL C 459 -34.05 -15.52 20.31
CA VAL C 459 -32.77 -15.93 20.92
C VAL C 459 -31.90 -16.55 19.84
N SER C 460 -30.65 -16.08 19.74
CA SER C 460 -29.70 -16.61 18.78
C SER C 460 -28.39 -16.94 19.49
N ILE C 461 -27.88 -18.15 19.27
CA ILE C 461 -26.64 -18.60 19.90
C ILE C 461 -25.72 -19.17 18.83
N ILE C 462 -24.44 -18.80 18.90
CA ILE C 462 -23.43 -19.33 17.98
C ILE C 462 -22.19 -19.73 18.78
N CYS C 463 -21.68 -20.93 18.53
CA CYS C 463 -20.44 -21.39 19.14
C CYS C 463 -19.54 -22.00 18.07
N ASN C 464 -18.23 -21.83 18.25
CA ASN C 464 -17.26 -22.35 17.28
C ASN C 464 -16.75 -23.73 17.66
N MET C 465 -17.67 -24.66 17.89
CA MET C 465 -17.33 -26.05 18.14
C MET C 465 -18.23 -26.94 17.30
N GLN C 466 -17.63 -27.95 16.67
CA GLN C 466 -18.36 -28.79 15.73
C GLN C 466 -19.33 -29.72 16.43
N SER C 467 -20.53 -29.85 15.87
CA SER C 467 -21.53 -30.83 16.29
C SER C 467 -21.94 -30.65 17.75
N VAL C 468 -22.55 -29.49 18.03
CA VAL C 468 -23.11 -29.19 19.34
C VAL C 468 -24.59 -28.90 19.15
N GLY C 469 -25.44 -29.56 19.95
CA GLY C 469 -26.87 -29.28 19.91
C GLY C 469 -27.21 -28.12 20.83
N LEU C 470 -27.92 -27.13 20.31
CA LEU C 470 -28.15 -25.89 21.06
C LEU C 470 -29.62 -25.50 21.18
N ASN C 471 -30.55 -26.34 20.73
CA ASN C 471 -31.96 -25.96 20.75
C ASN C 471 -32.50 -25.86 22.18
N SER C 472 -32.14 -26.81 23.03
CA SER C 472 -32.70 -26.86 24.38
C SER C 472 -32.28 -25.65 25.20
N THR C 473 -31.02 -25.24 25.10
CA THR C 473 -30.55 -24.07 25.84
C THR C 473 -31.28 -22.82 25.38
N ALA C 474 -31.49 -22.67 24.07
CA ALA C 474 -32.21 -21.52 23.56
C ALA C 474 -33.65 -21.50 24.05
N LEU C 475 -34.31 -22.66 24.04
CA LEU C 475 -35.68 -22.72 24.54
C LEU C 475 -35.76 -22.38 26.02
N LYS C 476 -34.83 -22.88 26.83
CA LYS C 476 -34.85 -22.59 28.25
C LYS C 476 -34.59 -21.11 28.54
N ILE C 477 -33.63 -20.51 27.82
CA ILE C 477 -33.39 -19.08 27.99
C ILE C 477 -34.62 -18.27 27.58
N ALA C 478 -35.28 -18.68 26.48
CA ALA C 478 -36.48 -17.98 26.04
C ALA C 478 -37.57 -18.06 27.10
N LEU C 479 -37.77 -19.23 27.70
CA LEU C 479 -38.77 -19.36 28.76
C LEU C 479 -38.42 -18.51 29.98
N GLU C 480 -37.15 -18.49 30.38
CA GLU C 480 -36.76 -17.66 31.52
C GLU C 480 -37.01 -16.18 31.25
N PHE C 481 -36.68 -15.70 30.05
CA PHE C 481 -36.97 -14.32 29.73
C PHE C 481 -38.46 -14.06 29.57
N ASP C 482 -39.24 -15.08 29.21
CA ASP C 482 -40.69 -14.94 29.17
C ASP C 482 -41.27 -14.81 30.58
N LYS C 483 -40.62 -15.44 31.56
CA LYS C 483 -41.10 -15.36 32.94
C LYS C 483 -41.12 -13.92 33.43
N ASP C 484 -40.05 -13.17 33.21
CA ASP C 484 -39.98 -11.76 33.59
C ASP C 484 -40.33 -10.85 32.42
N ARG C 485 -41.56 -10.96 31.93
CA ARG C 485 -41.96 -10.17 30.77
C ARG C 485 -41.96 -8.67 31.08
N SER C 486 -42.46 -8.29 32.26
CA SER C 486 -42.50 -6.89 32.64
C SER C 486 -42.60 -6.74 34.15
N CYS D 43 -15.44 11.99 28.35
CA CYS D 43 -16.78 12.36 27.90
C CYS D 43 -17.14 11.64 26.60
N PHE D 44 -16.15 11.52 25.71
CA PHE D 44 -16.32 10.82 24.44
C PHE D 44 -15.23 9.79 24.22
N ALA D 45 -14.69 9.24 25.32
CA ALA D 45 -13.50 8.39 25.22
C ALA D 45 -13.78 7.13 24.41
N ARG D 46 -14.90 6.45 24.68
CA ARG D 46 -15.23 5.25 23.94
C ARG D 46 -15.44 5.55 22.46
N ALA D 47 -16.14 6.65 22.16
CA ALA D 47 -16.33 7.04 20.77
C ALA D 47 -15.02 7.35 20.09
N ILE D 48 -14.11 8.05 20.79
CA ILE D 48 -12.81 8.37 20.21
C ILE D 48 -12.02 7.11 19.92
N GLU D 49 -12.03 6.15 20.85
CA GLU D 49 -11.31 4.89 20.63
C GLU D 49 -11.86 4.13 19.43
N SER D 50 -13.18 3.99 19.36
CA SER D 50 -13.78 3.29 18.24
C SER D 50 -13.51 4.00 16.91
N SER D 51 -13.58 5.33 16.92
CA SER D 51 -13.33 6.09 15.70
C SER D 51 -11.88 5.96 15.24
N ARG D 52 -10.96 5.95 16.20
CA ARG D 52 -9.56 5.81 15.86
C ARG D 52 -9.34 4.48 15.16
N ASP D 53 -9.96 3.42 15.68
CA ASP D 53 -9.78 2.09 15.09
C ASP D 53 -10.30 2.01 13.66
N LEU D 54 -11.44 2.61 13.38
CA LEU D 54 -11.99 2.60 12.02
C LEU D 54 -11.06 3.34 11.08
N LEU D 55 -10.52 4.46 11.55
CA LEU D 55 -9.62 5.23 10.73
C LEU D 55 -8.43 4.37 10.42
N HIS D 56 -7.87 3.71 11.43
CA HIS D 56 -6.75 2.82 11.20
C HIS D 56 -7.06 1.79 10.12
N ARG D 57 -8.26 1.22 10.16
CA ARG D 57 -8.60 0.18 9.21
C ARG D 57 -8.59 0.63 7.76
N ILE D 58 -9.18 1.80 7.48
CA ILE D 58 -9.18 2.32 6.12
C ILE D 58 -7.77 2.68 5.65
N LYS D 59 -6.97 3.27 6.53
CA LYS D 59 -5.62 3.66 6.16
C LYS D 59 -4.79 2.43 5.82
N ASP D 60 -4.92 1.38 6.61
CA ASP D 60 -4.20 0.14 6.34
C ASP D 60 -4.65 -0.50 5.05
N GLU D 61 -5.95 -0.48 4.79
CA GLU D 61 -6.48 -1.12 3.60
C GLU D 61 -5.97 -0.50 2.31
N VAL D 62 -5.86 0.83 2.27
CA VAL D 62 -5.48 1.47 1.03
C VAL D 62 -4.00 1.86 1.03
N GLY D 63 -3.34 1.64 2.17
CA GLY D 63 -1.93 2.01 2.28
C GLY D 63 -1.67 3.48 2.17
N ALA D 64 -2.58 4.30 2.69
CA ALA D 64 -2.40 5.75 2.64
C ALA D 64 -1.25 6.18 3.53
N PRO D 65 -0.41 7.08 3.03
CA PRO D 65 0.68 7.59 3.86
C PRO D 65 0.17 8.38 5.07
N GLY D 66 -0.85 9.20 4.90
CA GLY D 66 -1.37 10.00 6.00
C GLY D 66 -2.86 10.19 6.00
N ILE D 67 -3.45 10.46 7.16
CA ILE D 67 -4.89 10.70 7.25
C ILE D 67 -5.23 11.67 8.39
N VAL D 68 -6.14 12.61 8.14
CA VAL D 68 -6.50 13.60 9.14
C VAL D 68 -8.02 13.59 9.30
N VAL D 69 -8.48 13.63 10.54
CA VAL D 69 -9.90 13.58 10.87
C VAL D 69 -10.25 14.72 11.81
N GLY D 70 -11.43 15.30 11.61
CA GLY D 70 -11.97 16.30 12.51
C GLY D 70 -13.44 16.08 12.76
N VAL D 71 -13.86 16.10 14.03
CA VAL D 71 -15.24 15.84 14.42
C VAL D 71 -15.73 17.02 15.25
N SER D 72 -16.92 17.52 14.92
CA SER D 72 -17.56 18.59 15.66
C SER D 72 -18.94 18.11 16.12
N VAL D 73 -19.20 18.23 17.41
CA VAL D 73 -20.43 17.74 18.03
C VAL D 73 -21.16 18.92 18.63
N ASP D 74 -22.37 19.18 18.13
CA ASP D 74 -23.24 20.24 18.65
C ASP D 74 -22.53 21.60 18.67
N GLY D 75 -21.83 21.90 17.58
CA GLY D 75 -21.24 23.20 17.40
C GLY D 75 -19.84 23.38 17.96
N LYS D 76 -19.31 22.38 18.66
CA LYS D 76 -17.98 22.46 19.24
C LYS D 76 -17.11 21.32 18.71
N GLU D 77 -15.82 21.60 18.56
CA GLU D 77 -14.88 20.58 18.10
C GLU D 77 -14.39 19.76 19.28
N VAL D 78 -14.49 18.44 19.17
CA VAL D 78 -14.17 17.53 20.26
C VAL D 78 -13.02 16.59 19.93
N TRP D 79 -12.61 16.50 18.67
CA TRP D 79 -11.55 15.55 18.30
C TRP D 79 -10.95 15.95 16.97
N SER D 80 -9.62 16.10 16.94
CA SER D 80 -8.89 16.39 15.71
C SER D 80 -7.61 15.56 15.74
N GLU D 81 -7.50 14.60 14.84
CA GLU D 81 -6.44 13.61 14.90
C GLU D 81 -5.73 13.49 13.56
N GLY D 82 -4.44 13.17 13.62
CA GLY D 82 -3.64 12.91 12.44
C GLY D 82 -2.81 11.65 12.57
N LEU D 83 -2.87 10.77 11.57
CA LEU D 83 -2.19 9.49 11.60
C LEU D 83 -1.34 9.36 10.34
N GLY D 84 -0.04 9.13 10.52
CA GLY D 84 0.84 8.92 9.39
C GLY D 84 1.80 10.07 9.12
N TYR D 85 2.23 10.22 7.88
CA TYR D 85 3.21 11.23 7.49
C TYR D 85 2.65 12.09 6.37
N ALA D 86 2.74 13.42 6.55
CA ALA D 86 2.35 14.34 5.50
C ALA D 86 3.38 14.44 4.39
N ASP D 87 4.66 14.31 4.73
CA ASP D 87 5.74 14.36 3.76
C ASP D 87 6.61 13.13 3.98
N VAL D 88 6.46 12.13 3.11
CA VAL D 88 7.20 10.87 3.26
C VAL D 88 8.70 11.11 3.13
N GLU D 89 9.10 11.94 2.15
CA GLU D 89 10.52 12.14 1.87
C GLU D 89 11.23 12.78 3.06
N ASN D 90 10.61 13.75 3.71
CA ASN D 90 11.25 14.50 4.78
C ASN D 90 10.74 14.13 6.16
N ARG D 91 9.92 13.07 6.26
CA ARG D 91 9.45 12.54 7.54
C ARG D 91 8.73 13.61 8.35
N VAL D 92 7.64 14.12 7.79
CA VAL D 92 6.82 15.14 8.42
C VAL D 92 5.50 14.52 8.84
N PRO D 93 5.22 14.38 10.13
CA PRO D 93 3.97 13.73 10.55
C PRO D 93 2.76 14.61 10.31
N CYS D 94 1.61 13.97 10.18
CA CYS D 94 0.35 14.69 10.00
C CYS D 94 -0.12 15.31 11.30
N LYS D 95 -0.66 16.51 11.22
CA LYS D 95 -1.20 17.23 12.35
C LYS D 95 -2.53 17.84 11.94
N PRO D 96 -3.35 18.27 12.90
CA PRO D 96 -4.64 18.89 12.53
C PRO D 96 -4.47 20.11 11.62
N GLU D 97 -3.37 20.83 11.72
CA GLU D 97 -3.15 22.03 10.91
C GLU D 97 -2.47 21.72 9.58
N THR D 98 -2.60 20.48 9.08
CA THR D 98 -2.10 20.14 7.76
C THR D 98 -3.03 20.68 6.69
N VAL D 99 -2.45 21.16 5.59
CA VAL D 99 -3.21 21.71 4.47
C VAL D 99 -3.14 20.72 3.32
N MET D 100 -4.30 20.24 2.87
CA MET D 100 -4.38 19.26 1.81
C MET D 100 -5.36 19.74 0.74
N ARG D 101 -5.54 18.91 -0.29
CA ARG D 101 -6.41 19.23 -1.42
C ARG D 101 -7.85 18.86 -1.11
N ILE D 102 -8.77 19.75 -1.46
CA ILE D 102 -10.20 19.44 -1.51
C ILE D 102 -10.64 19.57 -2.96
N ALA D 103 -11.23 18.50 -3.50
CA ALA D 103 -11.51 18.46 -4.93
C ALA D 103 -12.93 18.90 -5.26
N SER D 104 -13.92 18.21 -4.73
CA SER D 104 -15.32 18.48 -5.09
C SER D 104 -16.04 19.35 -4.08
N ILE D 105 -15.46 19.57 -2.90
CA ILE D 105 -16.07 20.47 -1.92
C ILE D 105 -16.05 21.92 -2.38
N SER D 106 -15.20 22.25 -3.35
CA SER D 106 -15.20 23.59 -3.91
C SER D 106 -16.53 23.92 -4.58
N LYS D 107 -17.20 22.92 -5.14
CA LYS D 107 -18.55 23.13 -5.65
C LYS D 107 -19.51 23.53 -4.53
N SER D 108 -19.39 22.87 -3.38
CA SER D 108 -20.21 23.23 -2.23
C SER D 108 -19.89 24.63 -1.73
N LEU D 109 -18.64 25.06 -1.87
CA LEU D 109 -18.29 26.43 -1.49
C LEU D 109 -18.82 27.45 -2.49
N THR D 110 -18.80 27.10 -3.78
CA THR D 110 -19.31 28.01 -4.81
C THR D 110 -20.82 28.14 -4.72
N MET D 111 -21.50 27.08 -4.28
CA MET D 111 -22.94 27.16 -4.10
C MET D 111 -23.32 28.22 -3.07
N VAL D 112 -22.48 28.45 -2.07
CA VAL D 112 -22.76 29.50 -1.10
C VAL D 112 -22.72 30.87 -1.77
N ALA D 113 -21.73 31.11 -2.63
CA ALA D 113 -21.67 32.37 -3.36
C ALA D 113 -22.88 32.54 -4.27
N LEU D 114 -23.27 31.46 -4.97
CA LEU D 114 -24.44 31.53 -5.84
C LEU D 114 -25.71 31.84 -5.06
N ALA D 115 -25.88 31.20 -3.90
CA ALA D 115 -27.05 31.46 -3.08
C ALA D 115 -27.05 32.87 -2.53
N LYS D 116 -25.88 33.38 -2.14
CA LYS D 116 -25.80 34.77 -1.67
C LYS D 116 -26.17 35.75 -2.78
N LEU D 117 -25.69 35.50 -4.00
CA LEU D 117 -26.06 36.35 -5.12
C LEU D 117 -27.55 36.26 -5.42
N TRP D 118 -28.13 35.07 -5.32
CA TRP D 118 -29.57 34.92 -5.53
C TRP D 118 -30.37 35.68 -4.49
N GLU D 119 -29.93 35.61 -3.23
CA GLU D 119 -30.61 36.36 -2.17
C GLU D 119 -30.46 37.86 -2.37
N ALA D 120 -29.34 38.30 -2.95
CA ALA D 120 -29.14 39.71 -3.26
C ALA D 120 -30.02 40.18 -4.42
N GLY D 121 -30.65 39.27 -5.15
CA GLY D 121 -31.50 39.64 -6.26
C GLY D 121 -30.77 39.91 -7.57
N LYS D 122 -29.46 39.66 -7.62
CA LYS D 122 -28.67 39.96 -8.80
C LYS D 122 -28.52 38.77 -9.74
N LEU D 123 -29.16 37.64 -9.44
CA LEU D 123 -29.02 36.43 -10.25
C LEU D 123 -30.39 35.79 -10.44
N ASP D 124 -30.62 35.26 -11.64
CA ASP D 124 -31.86 34.58 -11.98
C ASP D 124 -31.52 33.18 -12.48
N LEU D 125 -32.20 32.17 -11.93
CA LEU D 125 -31.92 30.78 -12.28
C LEU D 125 -32.61 30.35 -13.56
N ASP D 126 -33.67 31.06 -13.97
CA ASP D 126 -34.49 30.55 -15.07
C ASP D 126 -34.01 31.03 -16.43
N ILE D 127 -33.52 32.26 -16.52
CA ILE D 127 -33.11 32.85 -17.80
C ILE D 127 -31.88 32.14 -18.32
N PRO D 128 -31.69 32.07 -19.64
CA PRO D 128 -30.50 31.42 -20.18
C PRO D 128 -29.22 32.13 -19.76
N VAL D 129 -28.14 31.37 -19.68
CA VAL D 129 -26.87 31.89 -19.18
C VAL D 129 -26.27 32.92 -20.13
N GLN D 130 -26.71 32.96 -21.38
CA GLN D 130 -26.13 33.88 -22.36
C GLN D 130 -26.40 35.35 -22.02
N HIS D 131 -27.33 35.63 -21.11
CA HIS D 131 -27.49 36.99 -20.63
C HIS D 131 -26.23 37.47 -19.93
N TYR D 132 -25.62 36.61 -19.11
CA TYR D 132 -24.41 36.94 -18.39
C TYR D 132 -23.15 36.68 -19.20
N VAL D 133 -23.09 35.55 -19.90
CA VAL D 133 -21.90 35.16 -20.64
C VAL D 133 -22.27 35.00 -22.12
N PRO D 134 -22.19 36.06 -22.93
CA PRO D 134 -22.43 35.89 -24.37
C PRO D 134 -21.37 35.07 -25.07
N GLU D 135 -20.20 34.88 -24.45
CA GLU D 135 -19.12 34.13 -25.09
C GLU D 135 -19.53 32.68 -25.32
N PHE D 136 -20.30 32.11 -24.42
CA PHE D 136 -20.78 30.74 -24.61
C PHE D 136 -21.78 30.72 -25.76
N PRO D 137 -21.52 29.98 -26.83
CA PRO D 137 -22.40 30.02 -28.00
C PRO D 137 -23.75 29.39 -27.72
N GLU D 138 -24.77 29.87 -28.43
CA GLU D 138 -26.06 29.21 -28.42
C GLU D 138 -25.91 27.80 -29.01
N LYS D 139 -26.50 26.82 -28.34
CA LYS D 139 -26.27 25.42 -28.68
C LYS D 139 -27.54 24.79 -29.23
N GLU D 140 -27.34 23.83 -30.14
CA GLU D 140 -28.43 23.13 -30.79
C GLU D 140 -28.28 21.64 -30.58
N TYR D 141 -29.36 20.99 -30.17
CA TYR D 141 -29.42 19.54 -30.02
C TYR D 141 -30.39 18.99 -31.05
N GLU D 142 -29.88 18.29 -32.06
CA GLU D 142 -30.68 17.74 -33.15
C GLU D 142 -31.46 18.82 -33.88
N GLY D 143 -30.91 20.04 -33.89
CA GLY D 143 -31.51 21.13 -34.63
C GLY D 143 -32.75 21.73 -34.04
N GLU D 144 -32.94 21.63 -32.72
CA GLU D 144 -34.02 22.32 -32.03
C GLU D 144 -33.44 23.19 -30.92
N LYS D 145 -34.01 24.37 -30.75
CA LYS D 145 -33.52 25.32 -29.76
C LYS D 145 -33.63 24.74 -28.36
N VAL D 146 -32.55 24.89 -27.59
CA VAL D 146 -32.51 24.47 -26.19
C VAL D 146 -31.97 25.62 -25.36
N SER D 147 -32.34 25.64 -24.09
CA SER D 147 -31.94 26.70 -23.17
C SER D 147 -31.01 26.13 -22.12
N VAL D 148 -29.92 26.85 -21.85
CA VAL D 148 -28.93 26.47 -20.84
C VAL D 148 -29.04 27.49 -19.71
N THR D 149 -29.47 27.03 -18.54
CA THR D 149 -29.77 27.89 -17.41
C THR D 149 -28.90 27.50 -16.22
N THR D 150 -28.86 28.40 -15.23
CA THR D 150 -28.06 28.17 -14.03
C THR D 150 -28.56 26.95 -13.26
N ARG D 151 -29.87 26.80 -13.16
CA ARG D 151 -30.44 25.69 -12.38
C ARG D 151 -30.02 24.34 -12.95
N LEU D 152 -29.95 24.24 -14.28
CA LEU D 152 -29.57 22.97 -14.90
C LEU D 152 -28.12 22.62 -14.60
N LEU D 153 -27.22 23.60 -14.64
CA LEU D 153 -25.81 23.34 -14.36
C LEU D 153 -25.54 23.10 -12.89
N ILE D 154 -26.36 23.68 -12.01
CA ILE D 154 -26.17 23.46 -10.58
C ILE D 154 -26.31 21.99 -10.23
N SER D 155 -27.26 21.29 -10.88
CA SER D 155 -27.53 19.89 -10.60
C SER D 155 -26.99 18.96 -11.69
N HIS D 156 -26.07 19.44 -12.52
CA HIS D 156 -25.44 18.63 -13.57
C HIS D 156 -26.48 17.99 -14.48
N LEU D 157 -27.47 18.78 -14.90
CA LEU D 157 -28.56 18.28 -15.72
C LEU D 157 -28.45 18.69 -17.18
N SER D 158 -27.47 19.51 -17.55
CA SER D 158 -27.27 19.92 -18.92
C SER D 158 -26.52 18.82 -19.67
N GLY D 159 -26.06 19.12 -20.88
CA GLY D 159 -25.37 18.14 -21.70
C GLY D 159 -23.87 18.35 -21.78
N ILE D 160 -23.30 19.10 -20.83
CA ILE D 160 -21.87 19.37 -20.84
C ILE D 160 -21.11 18.08 -20.53
N ARG D 161 -19.93 17.93 -21.14
CA ARG D 161 -19.15 16.72 -20.98
C ARG D 161 -18.25 16.81 -19.75
N HIS D 162 -17.51 15.75 -19.49
CA HIS D 162 -16.64 15.64 -18.30
C HIS D 162 -15.43 14.80 -18.64
N TYR D 163 -14.34 15.45 -19.04
CA TYR D 163 -13.03 14.82 -19.24
C TYR D 163 -13.05 13.75 -20.32
N GLU D 164 -14.19 13.54 -20.96
CA GLU D 164 -14.35 12.51 -21.98
C GLU D 164 -14.90 13.14 -23.25
N LYS D 165 -14.24 12.87 -24.38
CA LYS D 165 -14.64 13.46 -25.64
C LYS D 165 -15.42 12.51 -26.54
N ASP D 166 -15.22 11.20 -26.39
CA ASP D 166 -15.90 10.22 -27.22
C ASP D 166 -17.35 10.13 -26.78
N ILE D 167 -18.26 10.68 -27.59
CA ILE D 167 -19.68 10.65 -27.27
C ILE D 167 -20.22 9.22 -27.28
N LYS D 168 -19.70 8.39 -28.18
CA LYS D 168 -20.22 7.02 -28.30
C LYS D 168 -20.01 6.23 -27.02
N LYS D 169 -18.83 6.36 -26.40
CA LYS D 169 -18.56 5.63 -25.16
C LYS D 169 -19.48 6.08 -24.04
N VAL D 170 -19.69 7.39 -23.90
CA VAL D 170 -20.58 7.90 -22.85
C VAL D 170 -22.01 7.43 -23.08
N LYS D 171 -22.47 7.48 -24.34
CA LYS D 171 -23.82 7.04 -24.65
C LYS D 171 -24.00 5.55 -24.35
N GLU D 172 -23.00 4.75 -24.72
CA GLU D 172 -23.08 3.32 -24.44
C GLU D 172 -23.09 3.05 -22.93
N GLU D 173 -22.27 3.77 -22.18
CA GLU D 173 -22.24 3.60 -20.73
C GLU D 173 -23.59 3.96 -20.11
N LYS D 174 -24.19 5.07 -20.55
CA LYS D 174 -25.49 5.47 -20.02
C LYS D 174 -26.58 4.48 -20.41
N ALA D 175 -26.54 3.97 -21.64
CA ALA D 175 -27.52 2.97 -22.06
C ALA D 175 -27.39 1.69 -21.24
N TYR D 176 -26.15 1.25 -20.98
CA TYR D 176 -25.94 0.07 -20.15
C TYR D 176 -26.44 0.31 -18.73
N LYS D 177 -26.17 1.49 -18.17
CA LYS D 177 -26.65 1.81 -16.83
C LYS D 177 -28.17 1.87 -16.78
N ALA D 178 -28.81 2.27 -17.89
CA ALA D 178 -30.27 2.32 -17.92
C ALA D 178 -30.88 0.93 -17.77
N LEU D 179 -30.29 -0.07 -18.42
CA LEU D 179 -30.78 -1.44 -18.35
C LEU D 179 -30.53 -2.03 -16.96
N ASP D 226 -11.47 8.12 -14.22
CA ASP D 226 -11.24 9.41 -14.85
C ASP D 226 -9.82 9.90 -14.56
N PHE D 227 -8.99 9.02 -14.01
CA PHE D 227 -7.63 9.37 -13.63
C PHE D 227 -6.60 8.95 -14.68
N GLU D 228 -7.05 8.47 -15.84
CA GLU D 228 -6.16 8.20 -16.96
C GLU D 228 -6.29 9.22 -18.08
N GLN D 229 -7.19 10.20 -17.93
CA GLN D 229 -7.44 11.17 -18.98
C GLN D 229 -6.35 12.25 -18.98
N GLY D 230 -5.97 12.67 -20.19
CA GLY D 230 -4.94 13.69 -20.33
C GLY D 230 -5.31 15.05 -19.81
N GLU D 231 -6.58 15.46 -19.96
CA GLU D 231 -7.02 16.79 -19.51
C GLU D 231 -6.82 16.99 -18.02
N LEU D 232 -6.76 15.91 -17.24
CA LEU D 232 -6.56 16.03 -15.81
C LEU D 232 -5.11 16.38 -15.44
N TYR D 233 -4.19 16.32 -16.39
CA TYR D 233 -2.78 16.61 -16.15
C TYR D 233 -2.32 17.84 -16.93
N LEU D 234 -3.15 18.88 -16.95
CA LEU D 234 -2.81 20.10 -17.66
C LEU D 234 -1.84 20.94 -16.86
N ARG D 235 -0.88 21.57 -17.57
CA ARG D 235 0.11 22.43 -16.94
C ARG D 235 -0.04 23.90 -17.32
N GLU D 236 -0.93 24.22 -18.26
CA GLU D 236 -1.11 25.60 -18.68
C GLU D 236 -1.74 26.44 -17.57
N LYS D 237 -1.35 27.70 -17.50
CA LYS D 237 -1.89 28.65 -16.53
C LYS D 237 -2.89 29.56 -17.21
N PHE D 238 -4.06 29.72 -16.61
CA PHE D 238 -5.14 30.54 -17.15
C PHE D 238 -5.35 31.76 -16.25
N GLU D 239 -5.36 32.94 -16.85
CA GLU D 239 -5.48 34.17 -16.07
C GLU D 239 -6.90 34.38 -15.57
N ASN D 240 -7.90 34.14 -16.40
CA ASN D 240 -9.29 34.38 -16.02
C ASN D 240 -10.18 33.32 -16.65
N SER D 241 -11.46 33.35 -16.28
CA SER D 241 -12.39 32.30 -16.69
C SER D 241 -12.75 32.41 -18.17
N ILE D 242 -12.73 33.63 -18.73
CA ILE D 242 -13.17 33.83 -20.10
C ILE D 242 -12.31 33.03 -21.06
N GLU D 243 -10.99 33.07 -20.87
CA GLU D 243 -10.10 32.30 -21.74
C GLU D 243 -10.12 30.82 -21.38
N SER D 244 -10.36 30.50 -20.11
CA SER D 244 -10.42 29.10 -19.71
C SER D 244 -11.66 28.40 -20.25
N LEU D 245 -12.67 29.16 -20.69
CA LEU D 245 -13.85 28.56 -21.29
C LEU D 245 -13.56 27.93 -22.65
N ARG D 246 -12.38 28.19 -23.22
CA ARG D 246 -12.07 27.74 -24.57
C ARG D 246 -11.87 26.23 -24.66
N LEU D 247 -11.77 25.52 -23.53
CA LEU D 247 -11.52 24.09 -23.57
C LEU D 247 -12.74 23.29 -23.99
N PHE D 248 -13.95 23.82 -23.76
CA PHE D 248 -15.17 23.06 -24.01
C PHE D 248 -16.28 23.84 -24.69
N LYS D 249 -16.08 25.12 -25.00
CA LYS D 249 -17.19 25.93 -25.53
C LYS D 249 -17.63 25.44 -26.91
N ASN D 250 -16.69 25.01 -27.75
CA ASN D 250 -17.02 24.60 -29.10
C ASN D 250 -17.51 23.16 -29.18
N ASP D 251 -17.37 22.39 -28.12
CA ASP D 251 -17.80 21.00 -28.15
C ASP D 251 -19.31 20.93 -27.89
N PRO D 252 -20.09 20.34 -28.80
CA PRO D 252 -21.54 20.29 -28.61
C PRO D 252 -21.95 19.43 -27.42
N LEU D 253 -23.22 19.62 -27.03
CA LEU D 253 -23.76 18.91 -25.89
C LEU D 253 -23.88 17.41 -26.16
N PHE D 254 -23.86 16.63 -25.07
CA PHE D 254 -23.96 15.18 -25.16
C PHE D 254 -25.39 14.68 -24.96
N PHE D 255 -26.18 15.41 -24.19
CA PHE D 255 -27.57 15.05 -23.94
C PHE D 255 -28.43 16.30 -23.97
N LYS D 256 -29.73 16.11 -24.16
CA LYS D 256 -30.67 17.21 -24.08
C LYS D 256 -30.72 17.72 -22.65
N PRO D 257 -30.54 19.02 -22.41
CA PRO D 257 -30.50 19.54 -21.04
C PRO D 257 -31.78 19.24 -20.27
N GLY D 258 -31.62 18.89 -19.00
CA GLY D 258 -32.73 18.57 -18.14
C GLY D 258 -33.25 17.15 -18.23
N SER D 259 -32.61 16.29 -19.03
CA SER D 259 -33.09 14.92 -19.24
C SER D 259 -32.18 13.85 -18.67
N GLN D 260 -30.86 14.05 -18.70
CA GLN D 260 -29.92 13.04 -18.25
C GLN D 260 -28.92 13.64 -17.29
N PHE D 261 -28.61 12.90 -16.22
CA PHE D 261 -27.63 13.33 -15.23
C PHE D 261 -26.23 12.94 -15.71
N LEU D 262 -25.32 13.92 -15.73
CA LEU D 262 -23.94 13.69 -16.09
C LEU D 262 -23.06 14.58 -15.22
N TYR D 263 -22.35 13.98 -14.28
CA TYR D 263 -21.47 14.74 -13.41
C TYR D 263 -20.35 15.37 -14.22
N SER D 264 -20.13 16.67 -14.03
CA SER D 264 -19.12 17.38 -14.78
C SER D 264 -18.56 18.52 -13.96
N THR D 265 -17.34 18.92 -14.28
CA THR D 265 -16.67 20.04 -13.62
C THR D 265 -16.68 21.31 -14.45
N PHE D 266 -16.84 21.19 -15.77
CA PHE D 266 -16.84 22.38 -16.63
C PHE D 266 -18.09 23.23 -16.42
N GLY D 267 -19.20 22.60 -16.05
CA GLY D 267 -20.39 23.36 -15.73
C GLY D 267 -20.15 24.35 -14.60
N TYR D 268 -19.36 23.95 -13.60
CA TYR D 268 -19.02 24.87 -12.54
C TYR D 268 -17.97 25.90 -12.95
N THR D 269 -17.18 25.62 -13.99
CA THR D 269 -16.36 26.68 -14.57
C THR D 269 -17.23 27.76 -15.21
N LEU D 270 -18.27 27.34 -15.95
CA LEU D 270 -19.21 28.31 -16.48
C LEU D 270 -19.96 29.04 -15.37
N LEU D 271 -20.27 28.33 -14.28
CA LEU D 271 -20.89 28.97 -13.13
C LEU D 271 -19.97 30.02 -12.50
N ALA D 272 -18.67 29.73 -12.44
CA ALA D 272 -17.72 30.73 -11.95
C ALA D 272 -17.69 31.94 -12.87
N ALA D 273 -17.72 31.72 -14.19
CA ALA D 273 -17.79 32.84 -15.11
C ALA D 273 -19.05 33.68 -14.89
N ILE D 274 -20.19 33.01 -14.66
CA ILE D 274 -21.44 33.71 -14.40
C ILE D 274 -21.34 34.50 -13.10
N VAL D 275 -20.70 33.94 -12.08
CA VAL D 275 -20.52 34.65 -10.82
C VAL D 275 -19.67 35.89 -11.04
N GLU D 276 -18.60 35.78 -11.83
CA GLU D 276 -17.78 36.95 -12.14
C GLU D 276 -18.59 38.01 -12.85
N ARG D 277 -19.42 37.59 -13.82
CA ARG D 277 -20.20 38.55 -14.58
C ARG D 277 -21.23 39.27 -13.72
N ALA D 278 -22.01 38.51 -12.95
CA ALA D 278 -23.14 39.09 -12.21
C ALA D 278 -22.67 39.84 -10.98
N SER D 279 -21.63 39.34 -10.29
CA SER D 279 -21.17 39.98 -9.08
C SER D 279 -20.53 41.34 -9.35
N GLY D 280 -19.89 41.48 -10.51
CA GLY D 280 -19.13 42.68 -10.79
C GLY D 280 -17.72 42.69 -10.23
N CYS D 281 -17.27 41.57 -9.66
CA CYS D 281 -15.94 41.44 -9.09
C CYS D 281 -15.34 40.11 -9.50
N LYS D 282 -14.04 39.98 -9.30
CA LYS D 282 -13.35 38.73 -9.64
C LYS D 282 -13.82 37.61 -8.73
N TYR D 283 -13.81 36.38 -9.28
CA TYR D 283 -14.32 35.23 -8.54
C TYR D 283 -13.50 34.99 -7.28
N LEU D 284 -12.17 35.02 -7.39
CA LEU D 284 -11.32 34.72 -6.25
C LEU D 284 -11.46 35.75 -5.14
N ASP D 285 -11.62 37.03 -5.50
CA ASP D 285 -11.80 38.06 -4.49
C ASP D 285 -13.12 37.85 -3.73
N TYR D 286 -14.18 37.52 -4.45
CA TYR D 286 -15.46 37.28 -3.81
C TYR D 286 -15.40 36.05 -2.91
N MET D 287 -14.71 35.00 -3.36
CA MET D 287 -14.54 33.80 -2.54
C MET D 287 -13.72 34.10 -1.29
N GLN D 288 -12.68 34.95 -1.42
CA GLN D 288 -11.92 35.34 -0.23
C GLN D 288 -12.77 36.15 0.74
N LYS D 289 -13.63 37.02 0.22
CA LYS D 289 -14.57 37.73 1.09
C LYS D 289 -15.47 36.76 1.84
N ILE D 290 -16.00 35.76 1.14
CA ILE D 290 -16.86 34.77 1.79
C ILE D 290 -16.07 33.99 2.84
N PHE D 291 -14.85 33.57 2.52
CA PHE D 291 -14.04 32.83 3.47
C PHE D 291 -13.76 33.65 4.72
N HIS D 292 -13.49 34.95 4.54
CA HIS D 292 -13.28 35.83 5.69
C HIS D 292 -14.56 35.94 6.51
N ASP D 293 -15.72 36.00 5.85
CA ASP D 293 -16.98 36.09 6.58
C ASP D 293 -17.27 34.83 7.37
N LEU D 294 -16.88 33.67 6.86
CA LEU D 294 -17.12 32.40 7.53
C LEU D 294 -15.98 31.98 8.45
N ASP D 295 -14.97 32.82 8.63
CA ASP D 295 -13.82 32.55 9.48
C ASP D 295 -12.98 31.36 8.98
N MET D 296 -12.99 31.13 7.67
CA MET D 296 -12.18 30.06 7.07
C MET D 296 -10.89 30.66 6.53
N LEU D 297 -10.01 31.04 7.46
CA LEU D 297 -8.84 31.83 7.11
C LEU D 297 -7.76 31.01 6.41
N THR D 298 -7.76 29.69 6.58
CA THR D 298 -6.71 28.86 6.02
C THR D 298 -7.05 28.35 4.62
N THR D 299 -8.27 28.58 4.14
CA THR D 299 -8.66 28.11 2.81
C THR D 299 -8.13 29.08 1.76
N VAL D 300 -7.31 28.59 0.85
CA VAL D 300 -6.73 29.40 -0.21
C VAL D 300 -6.61 28.54 -1.47
N GLN D 301 -6.59 29.21 -2.62
CA GLN D 301 -6.46 28.52 -3.89
C GLN D 301 -5.05 27.96 -4.05
N GLU D 302 -4.95 26.90 -4.84
CA GLU D 302 -3.69 26.18 -5.03
C GLU D 302 -2.84 26.88 -6.08
N GLU D 303 -1.76 27.52 -5.63
CA GLU D 303 -0.80 28.16 -6.52
C GLU D 303 0.60 27.72 -6.12
N ASN D 304 1.45 27.47 -7.12
CA ASN D 304 2.78 26.92 -6.84
C ASN D 304 3.70 27.96 -6.23
N GLU D 305 3.70 29.17 -6.77
CA GLU D 305 4.65 30.20 -6.34
C GLU D 305 4.50 30.62 -4.88
N PRO D 306 3.31 30.94 -4.36
CA PRO D 306 3.21 31.43 -2.98
C PRO D 306 3.63 30.38 -1.97
N VAL D 307 4.16 30.87 -0.84
CA VAL D 307 4.57 29.99 0.25
C VAL D 307 3.36 29.69 1.12
N ILE D 308 2.89 28.44 1.06
CA ILE D 308 1.74 27.98 1.84
C ILE D 308 2.27 27.05 2.91
N TYR D 309 2.18 27.48 4.16
CA TYR D 309 2.74 26.72 5.27
C TYR D 309 1.95 25.44 5.51
N ASN D 310 2.67 24.39 5.91
CA ASN D 310 2.09 23.09 6.24
C ASN D 310 1.44 22.42 5.03
N ARG D 311 1.90 22.76 3.82
CA ARG D 311 1.41 22.08 2.63
C ARG D 311 1.94 20.65 2.59
N ALA D 312 1.07 19.72 2.25
CA ALA D 312 1.39 18.31 2.23
C ALA D 312 1.81 17.87 0.81
N ARG D 313 2.15 16.59 0.69
CA ARG D 313 2.50 15.98 -0.59
C ARG D 313 1.50 14.86 -0.90
N PHE D 314 1.36 14.57 -2.19
CA PHE D 314 0.33 13.66 -2.67
C PHE D 314 0.98 12.54 -3.46
N TYR D 315 0.60 11.30 -3.15
CA TYR D 315 1.31 10.12 -3.60
C TYR D 315 0.36 9.15 -4.30
N VAL D 316 0.93 8.16 -4.98
CA VAL D 316 0.18 7.14 -5.69
C VAL D 316 1.02 5.87 -5.69
N TYR D 317 0.41 4.76 -6.13
CA TYR D 317 1.12 3.50 -6.31
C TYR D 317 1.30 3.24 -7.80
N ASN D 318 2.52 2.88 -8.19
CA ASN D 318 2.84 2.62 -9.58
C ASN D 318 2.51 1.17 -9.93
N LYS D 319 2.96 0.73 -11.11
CA LYS D 319 2.67 -0.63 -11.55
C LYS D 319 3.43 -1.66 -10.74
N LYS D 320 4.64 -1.32 -10.28
CA LYS D 320 5.46 -2.24 -9.48
C LYS D 320 5.05 -2.21 -8.01
N LYS D 321 3.86 -1.70 -7.72
CA LYS D 321 3.34 -1.65 -6.34
C LYS D 321 4.33 -0.98 -5.41
N ARG D 322 4.82 0.19 -5.83
CA ARG D 322 5.70 1.01 -5.01
C ARG D 322 5.15 2.42 -4.94
N LEU D 323 5.39 3.07 -3.81
CA LEU D 323 4.85 4.41 -3.58
C LEU D 323 5.69 5.43 -4.34
N VAL D 324 5.02 6.30 -5.11
CA VAL D 324 5.69 7.31 -5.93
C VAL D 324 4.90 8.61 -5.83
N ASN D 325 5.50 9.67 -6.37
CA ASN D 325 4.90 11.00 -6.37
C ASN D 325 4.03 11.19 -7.61
N THR D 326 2.93 11.91 -7.43
CA THR D 326 2.08 12.26 -8.56
C THR D 326 2.76 13.33 -9.41
N PRO D 327 2.44 13.39 -10.70
CA PRO D 327 3.05 14.40 -11.56
C PRO D 327 2.57 15.81 -11.22
N TYR D 328 3.38 16.79 -11.61
CA TYR D 328 3.01 18.18 -11.42
C TYR D 328 1.83 18.53 -12.31
N VAL D 329 0.79 19.12 -11.71
CA VAL D 329 -0.42 19.50 -12.43
C VAL D 329 -0.79 20.93 -12.04
N ASP D 330 -1.62 21.55 -12.88
CA ASP D 330 -2.16 22.87 -12.62
C ASP D 330 -3.69 22.79 -12.63
N ASN D 331 -4.31 23.47 -11.66
CA ASN D 331 -5.76 23.46 -11.51
C ASN D 331 -6.36 24.85 -11.71
N SER D 332 -5.65 25.75 -12.40
CA SER D 332 -6.15 27.10 -12.59
C SER D 332 -7.36 27.15 -13.51
N TYR D 333 -7.58 26.12 -14.32
CA TYR D 333 -8.71 26.11 -15.24
C TYR D 333 -10.00 25.62 -14.60
N LYS D 334 -9.95 25.16 -13.36
CA LYS D 334 -11.14 24.68 -12.65
C LYS D 334 -11.15 25.19 -11.21
N TRP D 335 -10.87 26.49 -11.05
CA TRP D 335 -10.80 27.09 -9.72
C TRP D 335 -12.05 26.77 -8.90
N ALA D 336 -13.23 26.96 -9.49
CA ALA D 336 -14.47 26.74 -8.76
C ALA D 336 -14.85 25.27 -8.72
N GLY D 337 -14.19 24.42 -9.49
CA GLY D 337 -14.61 23.04 -9.58
C GLY D 337 -13.73 22.04 -8.86
N GLY D 338 -12.41 22.21 -8.95
CA GLY D 338 -11.51 21.22 -8.39
C GLY D 338 -10.23 21.74 -7.76
N GLY D 339 -10.10 23.05 -7.58
CA GLY D 339 -8.89 23.57 -7.01
C GLY D 339 -9.08 24.46 -5.79
N PHE D 340 -8.64 23.98 -4.63
CA PHE D 340 -8.65 24.69 -3.36
C PHE D 340 -7.88 23.86 -2.35
N LEU D 341 -7.27 24.54 -1.38
CA LEU D 341 -6.55 23.90 -0.29
C LEU D 341 -7.17 24.32 1.03
N SER D 342 -7.41 23.35 1.91
CA SER D 342 -8.06 23.65 3.17
C SER D 342 -7.70 22.59 4.20
N THR D 343 -7.84 22.97 5.47
CA THR D 343 -7.65 22.05 6.59
C THR D 343 -8.99 21.40 6.95
N VAL D 344 -9.03 20.75 8.11
CA VAL D 344 -10.28 20.15 8.58
C VAL D 344 -11.09 21.11 9.45
N GLY D 345 -10.42 22.04 10.14
CA GLY D 345 -11.15 23.01 10.93
C GLY D 345 -12.02 23.91 10.08
N ASP D 346 -11.52 24.31 8.90
CA ASP D 346 -12.31 25.14 8.00
C ASP D 346 -13.55 24.39 7.52
N LEU D 347 -13.40 23.12 7.15
CA LEU D 347 -14.56 22.33 6.76
C LEU D 347 -15.55 22.15 7.90
N LEU D 348 -15.06 21.96 9.13
CA LEU D 348 -15.96 21.88 10.27
C LEU D 348 -16.73 23.18 10.46
N LYS D 349 -16.05 24.32 10.33
CA LYS D 349 -16.74 25.61 10.47
C LYS D 349 -17.79 25.80 9.37
N PHE D 350 -17.44 25.42 8.14
CA PHE D 350 -18.40 25.53 7.04
C PHE D 350 -19.63 24.66 7.29
N GLY D 351 -19.42 23.42 7.73
CA GLY D 351 -20.54 22.55 8.06
C GLY D 351 -21.38 23.10 9.20
N ASN D 352 -20.73 23.67 10.22
CA ASN D 352 -21.47 24.26 11.32
C ASN D 352 -22.34 25.43 10.85
N ALA D 353 -21.79 26.27 9.97
CA ALA D 353 -22.57 27.38 9.44
C ALA D 353 -23.77 26.89 8.65
N MET D 354 -23.58 25.87 7.81
CA MET D 354 -24.71 25.33 7.05
C MET D 354 -25.76 24.73 7.97
N LEU D 355 -25.34 24.00 9.01
CA LEU D 355 -26.29 23.39 9.92
C LEU D 355 -27.07 24.45 10.70
N TYR D 356 -26.38 25.51 11.16
CA TYR D 356 -27.06 26.58 11.87
C TYR D 356 -28.09 27.27 10.96
N GLY D 357 -27.70 27.53 9.72
CA GLY D 357 -28.64 28.12 8.78
C GLY D 357 -29.84 27.24 8.52
N TYR D 358 -29.63 25.92 8.50
CA TYR D 358 -30.72 24.99 8.24
C TYR D 358 -31.65 24.87 9.44
N GLN D 359 -31.12 24.97 10.67
CA GLN D 359 -31.90 24.69 11.86
C GLN D 359 -32.36 25.92 12.63
N VAL D 360 -31.95 27.12 12.24
CA VAL D 360 -32.38 28.31 12.98
C VAL D 360 -33.86 28.58 12.82
N GLY D 361 -34.49 28.05 11.78
CA GLY D 361 -35.90 28.34 11.54
C GLY D 361 -36.82 27.78 12.61
N LEU D 362 -36.54 26.56 13.09
CA LEU D 362 -37.42 25.91 14.05
C LEU D 362 -37.35 26.58 15.42
N PHE D 363 -36.16 27.00 15.83
CA PHE D 363 -35.96 27.55 17.17
C PHE D 363 -36.31 29.03 17.28
N LYS D 364 -36.69 29.68 16.17
CA LYS D 364 -36.91 31.12 16.20
C LYS D 364 -38.13 31.50 17.05
N ASN D 365 -39.12 30.62 17.14
CA ASN D 365 -40.31 30.93 17.93
C ASN D 365 -40.03 30.84 19.42
N SER D 366 -39.27 29.81 19.84
CA SER D 366 -39.02 29.61 21.26
C SER D 366 -38.20 30.75 21.86
N ASN D 367 -37.18 31.22 21.14
CA ASN D 367 -36.32 32.29 21.61
C ASN D 367 -36.12 33.29 20.50
N GLU D 368 -36.09 34.58 20.87
CA GLU D 368 -35.90 35.66 19.91
C GLU D 368 -34.51 36.28 19.99
N ASN D 369 -33.64 35.78 20.85
CA ASN D 369 -32.30 36.33 21.01
C ASN D 369 -31.27 35.63 20.14
N LEU D 370 -31.68 34.68 19.31
CA LEU D 370 -30.75 33.96 18.44
C LEU D 370 -30.34 34.84 17.26
N LEU D 371 -29.05 34.81 16.94
CA LEU D 371 -28.57 35.55 15.79
C LEU D 371 -29.04 34.90 14.49
N PRO D 372 -29.23 35.69 13.44
CA PRO D 372 -29.65 35.11 12.15
C PRO D 372 -28.56 34.27 11.52
N GLY D 373 -28.98 33.34 10.67
CA GLY D 373 -28.05 32.52 9.95
C GLY D 373 -27.40 33.24 8.78
N TYR D 374 -26.39 32.61 8.22
CA TYR D 374 -25.70 33.20 7.07
C TYR D 374 -26.59 33.22 5.84
N LEU D 375 -27.53 32.28 5.74
CA LEU D 375 -28.47 32.22 4.63
C LEU D 375 -29.88 32.08 5.18
N LYS D 376 -30.86 32.56 4.41
CA LYS D 376 -32.25 32.47 4.83
C LYS D 376 -32.69 31.01 4.89
N PRO D 377 -33.59 30.67 5.82
CA PRO D 377 -34.06 29.28 5.89
C PRO D 377 -34.71 28.79 4.61
N GLU D 378 -35.40 29.66 3.89
CA GLU D 378 -35.99 29.26 2.61
C GLU D 378 -34.92 28.92 1.59
N THR D 379 -33.73 29.52 1.70
CA THR D 379 -32.63 29.13 0.84
C THR D 379 -32.05 27.79 1.24
N MET D 380 -31.90 27.56 2.55
CA MET D 380 -31.29 26.33 3.02
C MET D 380 -32.18 25.12 2.75
N VAL D 381 -33.49 25.27 2.88
CA VAL D 381 -34.39 24.15 2.61
C VAL D 381 -34.37 23.81 1.12
N MET D 382 -34.24 24.83 0.26
CA MET D 382 -34.11 24.57 -1.17
C MET D 382 -32.78 23.89 -1.49
N MET D 383 -31.71 24.29 -0.79
CA MET D 383 -30.38 23.73 -1.07
C MET D 383 -30.33 22.23 -0.79
N TRP D 384 -30.92 21.79 0.32
CA TRP D 384 -30.87 20.39 0.71
C TRP D 384 -32.15 19.64 0.33
N THR D 385 -32.78 20.03 -0.77
CA THR D 385 -33.96 19.34 -1.27
C THR D 385 -33.58 18.47 -2.46
N PRO D 386 -33.73 17.16 -2.39
CA PRO D 386 -33.30 16.30 -3.49
C PRO D 386 -34.01 16.63 -4.79
N VAL D 387 -33.27 16.51 -5.89
CA VAL D 387 -33.76 16.81 -7.23
C VAL D 387 -34.07 15.50 -7.93
N PRO D 388 -35.22 15.36 -8.58
CA PRO D 388 -35.54 14.10 -9.27
C PRO D 388 -34.61 13.84 -10.44
N ASN D 389 -34.50 12.55 -10.76
CA ASN D 389 -33.70 12.07 -11.89
C ASN D 389 -32.22 12.38 -11.73
N THR D 390 -31.74 12.46 -10.49
CA THR D 390 -30.33 12.64 -10.19
C THR D 390 -29.87 11.49 -9.30
N GLU D 391 -28.62 11.07 -9.49
CA GLU D 391 -28.08 9.91 -8.80
C GLU D 391 -26.90 10.32 -7.95
N MET D 392 -26.83 9.76 -6.74
CA MET D 392 -25.74 9.99 -5.81
C MET D 392 -24.78 8.81 -5.93
N SER D 393 -23.55 9.08 -6.37
CA SER D 393 -22.66 8.00 -6.78
C SER D 393 -22.14 7.21 -5.57
N TRP D 394 -21.80 7.90 -4.49
CA TRP D 394 -21.21 7.25 -3.33
C TRP D 394 -22.23 6.72 -2.34
N ASP D 395 -23.53 6.89 -2.62
CA ASP D 395 -24.57 6.35 -1.76
C ASP D 395 -25.80 6.09 -2.62
N LYS D 396 -26.19 4.83 -2.75
CA LYS D 396 -27.28 4.46 -3.64
C LYS D 396 -28.63 4.99 -3.15
N GLU D 397 -28.78 5.21 -1.85
CA GLU D 397 -30.06 5.64 -1.29
C GLU D 397 -30.37 7.12 -1.51
N GLY D 398 -29.35 7.97 -1.52
CA GLY D 398 -29.54 9.39 -1.66
C GLY D 398 -29.57 9.86 -3.10
N LYS D 399 -29.77 11.17 -3.26
CA LYS D 399 -29.80 11.81 -4.57
C LYS D 399 -29.10 13.14 -4.48
N TYR D 400 -28.66 13.64 -5.63
CA TYR D 400 -27.92 14.90 -5.71
C TYR D 400 -28.89 16.07 -5.53
N ALA D 401 -28.50 17.03 -4.69
CA ALA D 401 -29.36 18.17 -4.36
C ALA D 401 -28.51 19.42 -4.22
N MET D 402 -28.35 20.17 -5.31
CA MET D 402 -27.73 21.50 -5.31
C MET D 402 -26.32 21.44 -4.69
N ALA D 403 -25.45 20.72 -5.38
CA ALA D 403 -24.05 20.54 -5.01
C ALA D 403 -23.87 19.79 -3.69
N TRP D 404 -24.80 18.90 -3.35
CA TRP D 404 -24.70 18.09 -2.15
C TRP D 404 -25.32 16.73 -2.42
N GLY D 405 -24.98 15.76 -1.58
CA GLY D 405 -25.66 14.48 -1.62
C GLY D 405 -26.51 14.31 -0.38
N VAL D 406 -27.83 14.24 -0.55
CA VAL D 406 -28.77 14.23 0.57
C VAL D 406 -29.48 12.89 0.59
N VAL D 407 -29.54 12.27 1.77
CA VAL D 407 -30.22 10.99 1.96
C VAL D 407 -31.50 11.24 2.75
N GLU D 408 -32.62 10.72 2.24
CA GLU D 408 -33.91 10.97 2.84
C GLU D 408 -34.11 10.13 4.10
N ARG D 409 -35.02 10.57 4.95
CA ARG D 409 -35.42 9.85 6.15
C ARG D 409 -36.75 9.16 5.87
N LYS D 410 -36.75 7.83 5.91
CA LYS D 410 -37.94 7.07 5.59
C LYS D 410 -37.85 5.69 6.20
N GLN D 411 -39.02 5.04 6.30
CA GLN D 411 -39.10 3.67 6.81
C GLN D 411 -40.28 3.01 6.13
N THR D 412 -40.00 2.10 5.20
CA THR D 412 -41.07 1.47 4.43
C THR D 412 -41.83 0.42 5.26
N TYR D 413 -41.11 -0.40 6.02
CA TYR D 413 -41.71 -1.51 6.73
C TYR D 413 -41.38 -1.43 8.21
N GLY D 414 -42.18 -2.14 9.01
CA GLY D 414 -41.94 -2.19 10.44
C GLY D 414 -40.91 -3.23 10.82
N SER D 415 -40.14 -2.92 11.86
CA SER D 415 -39.02 -3.76 12.30
C SER D 415 -38.04 -4.02 11.17
N CYS D 416 -37.80 -2.99 10.35
CA CYS D 416 -36.85 -3.07 9.25
C CYS D 416 -35.94 -1.87 9.28
N ARG D 417 -35.14 -1.68 8.22
CA ARG D 417 -34.19 -0.59 8.19
C ARG D 417 -34.90 0.77 8.25
N LYS D 418 -34.37 1.66 9.07
CA LYS D 418 -34.86 3.03 9.18
C LYS D 418 -33.75 3.97 8.71
N GLN D 419 -33.98 4.63 7.58
CA GLN D 419 -32.97 5.53 7.03
C GLN D 419 -32.83 6.78 7.91
N ARG D 420 -31.64 7.36 7.87
CA ARG D 420 -31.32 8.56 8.63
C ARG D 420 -31.00 9.69 7.65
N HIS D 421 -31.47 10.89 7.96
CA HIS D 421 -31.26 12.03 7.09
C HIS D 421 -29.87 12.61 7.31
N TYR D 422 -29.09 12.74 6.22
CA TYR D 422 -27.76 13.35 6.31
C TYR D 422 -27.32 13.92 4.97
N ALA D 423 -26.39 14.87 4.98
CA ALA D 423 -25.87 15.43 3.75
C ALA D 423 -24.35 15.23 3.63
N SER D 424 -23.92 14.64 2.52
CA SER D 424 -22.48 14.37 2.34
C SER D 424 -21.94 14.68 0.95
N HIS D 425 -20.73 15.20 0.91
CA HIS D 425 -20.09 15.42 -0.39
C HIS D 425 -18.68 14.84 -0.37
N THR D 426 -18.32 14.11 -1.43
CA THR D 426 -16.99 13.47 -1.48
C THR D 426 -16.16 14.02 -2.62
N GLY D 427 -14.91 14.38 -2.32
CA GLY D 427 -14.02 14.89 -3.35
C GLY D 427 -12.77 14.10 -3.60
N GLY D 428 -12.51 13.74 -4.85
CA GLY D 428 -11.29 13.02 -5.18
C GLY D 428 -10.43 13.77 -6.19
N ALA D 429 -9.17 13.99 -5.86
CA ALA D 429 -8.27 14.71 -6.74
C ALA D 429 -7.09 13.84 -7.13
N VAL D 430 -6.14 14.40 -7.87
CA VAL D 430 -4.96 13.64 -8.26
C VAL D 430 -4.11 13.42 -7.00
N GLY D 431 -4.16 12.21 -6.46
CA GLY D 431 -3.37 11.89 -5.28
C GLY D 431 -3.94 12.37 -3.96
N ALA D 432 -5.26 12.60 -3.89
CA ALA D 432 -5.87 13.04 -2.65
C ALA D 432 -7.34 12.66 -2.63
N SER D 433 -7.83 12.38 -1.42
CA SER D 433 -9.23 12.07 -1.21
C SER D 433 -9.72 12.82 0.01
N SER D 434 -11.01 13.16 0.01
CA SER D 434 -11.60 13.91 1.10
C SER D 434 -13.09 13.63 1.16
N VAL D 435 -13.67 13.81 2.35
CA VAL D 435 -15.11 13.64 2.54
C VAL D 435 -15.56 14.59 3.64
N LEU D 436 -16.73 15.19 3.44
CA LEU D 436 -17.38 16.03 4.43
C LEU D 436 -18.80 15.53 4.62
N LEU D 437 -19.21 15.32 5.87
CA LEU D 437 -20.52 14.77 6.17
C LEU D 437 -21.16 15.54 7.32
N VAL D 438 -22.46 15.79 7.19
CA VAL D 438 -23.28 16.46 8.20
C VAL D 438 -24.44 15.55 8.55
N LEU D 439 -24.61 15.27 9.84
CA LEU D 439 -25.71 14.44 10.35
C LEU D 439 -26.54 15.27 11.31
N PRO D 440 -27.72 15.73 10.90
CA PRO D 440 -28.58 16.47 11.84
C PRO D 440 -29.25 15.54 12.84
N GLU D 441 -29.65 16.12 13.96
CA GLU D 441 -30.32 15.38 15.02
C GLU D 441 -31.82 15.61 14.94
N GLU D 442 -32.59 14.53 15.02
CA GLU D 442 -34.05 14.66 15.02
C GLU D 442 -34.50 15.37 16.29
N LEU D 443 -35.46 16.28 16.13
CA LEU D 443 -35.88 17.17 17.20
C LEU D 443 -37.35 16.95 17.52
N ASP D 444 -37.68 17.07 18.80
CA ASP D 444 -39.05 16.97 19.30
C ASP D 444 -39.46 18.30 19.92
N THR D 445 -40.71 18.33 20.41
CA THR D 445 -41.25 19.58 20.96
C THR D 445 -40.48 20.03 22.19
N GLU D 446 -40.13 19.09 23.07
CA GLU D 446 -39.43 19.46 24.30
C GLU D 446 -37.99 19.90 24.06
N THR D 447 -37.41 19.53 22.91
CA THR D 447 -36.03 19.93 22.63
C THR D 447 -35.94 21.38 22.18
N ILE D 448 -36.98 21.90 21.52
CA ILE D 448 -36.91 23.24 20.94
C ILE D 448 -36.80 24.29 22.04
N ASN D 449 -37.59 24.14 23.11
CA ASN D 449 -37.67 25.18 24.13
C ASN D 449 -36.36 25.32 24.89
N ASN D 450 -35.70 24.21 25.21
CA ASN D 450 -34.53 24.26 26.09
C ASN D 450 -33.22 24.31 25.32
N LYS D 451 -33.10 23.62 24.20
CA LYS D 451 -31.85 23.56 23.46
C LYS D 451 -31.73 24.72 22.49
N VAL D 452 -30.53 24.91 21.96
CA VAL D 452 -30.25 25.97 20.99
C VAL D 452 -29.49 25.36 19.81
N PRO D 453 -29.61 25.93 18.61
CA PRO D 453 -28.88 25.39 17.46
C PRO D 453 -27.40 25.75 17.56
N PRO D 454 -26.52 25.00 16.87
CA PRO D 454 -26.83 23.83 16.04
C PRO D 454 -26.92 22.53 16.85
N ARG D 455 -27.62 21.54 16.30
CA ARG D 455 -27.74 20.22 16.92
C ARG D 455 -27.43 19.18 15.85
N GLY D 456 -26.19 18.71 15.82
CA GLY D 456 -25.79 17.74 14.82
C GLY D 456 -24.32 17.43 14.93
N ILE D 457 -23.85 16.59 14.02
CA ILE D 457 -22.48 16.11 14.00
C ILE D 457 -21.88 16.40 12.63
N ILE D 458 -20.68 17.00 12.61
CA ILE D 458 -19.98 17.29 11.38
C ILE D 458 -18.66 16.54 11.38
N VAL D 459 -18.41 15.76 10.33
CA VAL D 459 -17.23 14.91 10.24
C VAL D 459 -16.49 15.23 8.95
N SER D 460 -15.18 15.48 9.07
CA SER D 460 -14.34 15.78 7.92
C SER D 460 -13.13 14.86 7.92
N ILE D 461 -12.87 14.21 6.79
CA ILE D 461 -11.72 13.31 6.65
C ILE D 461 -10.96 13.67 5.39
N ILE D 462 -9.64 13.81 5.51
CA ILE D 462 -8.78 14.12 4.36
C ILE D 462 -7.57 13.22 4.38
N CYS D 463 -7.27 12.58 3.25
CA CYS D 463 -6.09 11.75 3.10
C CYS D 463 -5.39 12.09 1.80
N ASN D 464 -4.09 11.81 1.75
CA ASN D 464 -3.25 12.14 0.60
C ASN D 464 -2.97 10.92 -0.26
N MET D 465 -3.98 10.06 -0.41
CA MET D 465 -3.89 8.89 -1.27
C MET D 465 -4.98 8.96 -2.33
N GLN D 466 -4.65 8.52 -3.54
CA GLN D 466 -5.54 8.68 -4.67
C GLN D 466 -6.62 7.61 -4.70
N SER D 467 -7.84 8.02 -5.03
CA SER D 467 -8.98 7.12 -5.25
C SER D 467 -9.30 6.29 -4.01
N VAL D 468 -9.68 6.99 -2.95
CA VAL D 468 -10.12 6.38 -1.70
C VAL D 468 -11.53 6.85 -1.41
N GLY D 469 -12.44 5.92 -1.18
CA GLY D 469 -13.80 6.24 -0.79
C GLY D 469 -13.98 6.27 0.71
N LEU D 470 -14.25 7.45 1.27
CA LEU D 470 -14.29 7.64 2.71
C LEU D 470 -15.68 7.98 3.23
N ASN D 471 -16.74 7.74 2.45
CA ASN D 471 -18.08 8.10 2.90
C ASN D 471 -18.55 7.19 4.03
N SER D 472 -18.40 5.87 3.86
CA SER D 472 -18.91 4.93 4.85
C SER D 472 -18.20 5.09 6.18
N THR D 473 -16.88 5.31 6.15
CA THR D 473 -16.13 5.55 7.38
C THR D 473 -16.66 6.77 8.11
N ALA D 474 -16.91 7.86 7.38
CA ALA D 474 -17.43 9.07 8.01
C ALA D 474 -18.81 8.83 8.60
N LEU D 475 -19.68 8.10 7.89
CA LEU D 475 -21.00 7.79 8.44
C LEU D 475 -20.90 6.97 9.72
N LYS D 476 -20.02 5.96 9.72
CA LYS D 476 -19.85 5.15 10.93
C LYS D 476 -19.34 5.98 12.09
N ILE D 477 -18.37 6.87 11.83
CA ILE D 477 -17.85 7.72 12.89
C ILE D 477 -18.94 8.63 13.43
N ALA D 478 -19.75 9.21 12.53
CA ALA D 478 -20.83 10.08 12.96
C ALA D 478 -21.83 9.33 13.84
N LEU D 479 -22.21 8.12 13.43
CA LEU D 479 -23.15 7.34 14.23
C LEU D 479 -22.56 6.97 15.59
N GLU D 480 -21.28 6.58 15.62
CA GLU D 480 -20.63 6.24 16.89
C GLU D 480 -20.60 7.43 17.83
N PHE D 481 -20.30 8.63 17.31
CA PHE D 481 -20.36 9.81 18.15
C PHE D 481 -21.79 10.19 18.52
N ASP D 482 -22.77 9.78 17.71
CA ASP D 482 -24.17 10.06 18.03
C ASP D 482 -24.70 9.19 19.15
N LYS D 483 -24.21 7.96 19.28
CA LYS D 483 -24.71 7.09 20.34
C LYS D 483 -24.44 7.68 21.72
N ASP D 484 -23.25 8.21 21.93
CA ASP D 484 -22.88 8.80 23.22
C ASP D 484 -23.15 10.31 23.25
N ARG D 485 -24.41 10.68 23.00
CA ARG D 485 -24.75 12.10 22.91
C ARG D 485 -24.57 12.80 24.25
N SER D 486 -25.04 12.19 25.33
CA SER D 486 -24.96 12.81 26.65
C SER D 486 -24.47 11.82 27.70
#